data_5IRI
# 
_entry.id   5IRI 
# 
_audit_conform.dict_name       mmcif_pdbx.dic 
_audit_conform.dict_version    5.380 
_audit_conform.dict_location   http://mmcif.pdb.org/dictionaries/ascii/mmcif_pdbx.dic 
# 
loop_
_database_2.database_id 
_database_2.database_code 
_database_2.pdbx_database_accession 
_database_2.pdbx_DOI 
PDB   5IRI         pdb_00005iri 10.2210/pdb5iri/pdb 
WWPDB D_1000219135 ?            ?                   
# 
_pdbx_database_status.status_code                     REL 
_pdbx_database_status.status_code_sf                  REL 
_pdbx_database_status.status_code_mr                  ? 
_pdbx_database_status.entry_id                        5IRI 
_pdbx_database_status.recvd_initial_deposition_date   2016-03-13 
_pdbx_database_status.SG_entry                        N 
_pdbx_database_status.deposit_site                    RCSB 
_pdbx_database_status.process_site                    PDBJ 
_pdbx_database_status.status_code_cs                  ? 
_pdbx_database_status.methods_development_category    ? 
_pdbx_database_status.pdb_format_compatible           Y 
_pdbx_database_status.status_code_nmr_data            ? 
# 
loop_
_audit_author.name 
_audit_author.pdbx_ordinal 
'Ma, H.'   1 
'Wu, J.X.' 2 
'Wang, J.' 3 
'Wu, J.W.' 4 
# 
_citation.abstract                  ? 
_citation.abstract_id_CAS           ? 
_citation.book_id_ISBN              ? 
_citation.book_publisher            ? 
_citation.book_publisher_city       ? 
_citation.book_title                ? 
_citation.coordinate_linkage        ? 
_citation.country                   JA 
_citation.database_id_Medline       ? 
_citation.details                   ? 
_citation.id                        primary 
_citation.journal_abbrev            Biosci.Biotechnol.Biochem. 
_citation.journal_id_ASTM           BBBIEJ 
_citation.journal_id_CSD            2094 
_citation.journal_id_ISSN           0916-8451 
_citation.journal_full              ? 
_citation.journal_issue             ? 
_citation.journal_volume            ? 
_citation.language                  ? 
_citation.page_first                ? 
_citation.page_last                 ? 
_citation.title                     'Structure and inhibition analysis of the mouse SAD-B C-terminal fragment' 
_citation.year                      2016 
_citation.database_id_CSD           ? 
_citation.pdbx_database_id_DOI      10.1080/09168451.2016.1191331 
_citation.pdbx_database_id_PubMed   27251228 
_citation.unpublished_flag          ? 
# 
loop_
_citation_author.citation_id 
_citation_author.name 
_citation_author.ordinal 
_citation_author.identifier_ORCID 
primary 'Ma, H.'     1 ? 
primary 'Wu, J.X.'   2 ? 
primary 'Wang, J.'   3 ? 
primary 'Wang, Z.X.' 4 ? 
primary 'Wu, J.W.'   5 ? 
# 
_cell.angle_alpha                  90.00 
_cell.angle_alpha_esd              ? 
_cell.angle_beta                   90.00 
_cell.angle_beta_esd               ? 
_cell.angle_gamma                  90.00 
_cell.angle_gamma_esd              ? 
_cell.entry_id                     5IRI 
_cell.details                      ? 
_cell.formula_units_Z              ? 
_cell.length_a                     86.839 
_cell.length_a_esd                 ? 
_cell.length_b                     86.839 
_cell.length_b_esd                 ? 
_cell.length_c                     91.564 
_cell.length_c_esd                 ? 
_cell.volume                       ? 
_cell.volume_esd                   ? 
_cell.Z_PDB                        16 
_cell.reciprocal_angle_alpha       ? 
_cell.reciprocal_angle_beta        ? 
_cell.reciprocal_angle_gamma       ? 
_cell.reciprocal_angle_alpha_esd   ? 
_cell.reciprocal_angle_beta_esd    ? 
_cell.reciprocal_angle_gamma_esd   ? 
_cell.reciprocal_length_a          ? 
_cell.reciprocal_length_b          ? 
_cell.reciprocal_length_c          ? 
_cell.reciprocal_length_a_esd      ? 
_cell.reciprocal_length_b_esd      ? 
_cell.reciprocal_length_c_esd      ? 
_cell.pdbx_unique_axis             ? 
# 
_symmetry.entry_id                         5IRI 
_symmetry.cell_setting                     ? 
_symmetry.Int_Tables_number                94 
_symmetry.space_group_name_Hall            ? 
_symmetry.space_group_name_H-M             'P 42 21 2' 
_symmetry.pdbx_full_space_group_name_H-M   ? 
# 
loop_
_entity.id 
_entity.type 
_entity.src_method 
_entity.pdbx_description 
_entity.formula_weight 
_entity.pdbx_number_of_molecules 
_entity.pdbx_ec 
_entity.pdbx_mutation 
_entity.pdbx_fragment 
_entity.details 
1 polymer man 'Serine/threonine-protein kinase BRSK1' 15348.308 2 2.7.11.26 ? 'UNP residues 592-719' ? 
2 water   nat water                                   18.015    7 ?         ? ?                      ? 
# 
_entity_name_com.entity_id   1 
_entity_name_com.name        'Serine/threonine-protein kinase SAD-B' 
# 
_entity_poly.entity_id                      1 
_entity_poly.type                           'polypeptide(L)' 
_entity_poly.nstd_linkage                   no 
_entity_poly.nstd_monomer                   no 
_entity_poly.pdbx_seq_one_letter_code       
;MKRSWFGNFISLDKEEQIFLVLKDKPLSSIKADIVHAFLSIPSLSHSVLSQTSFRAEYKASGGPSVFQKPVRFQVDISSS
EGPEPSPRRDGSSGGGIYSVTFTLISGPSRRFKRVVETIQAQLLSTHDQLEHHHHHH
;
_entity_poly.pdbx_seq_one_letter_code_can   
;MKRSWFGNFISLDKEEQIFLVLKDKPLSSIKADIVHAFLSIPSLSHSVLSQTSFRAEYKASGGPSVFQKPVRFQVDISSS
EGPEPSPRRDGSSGGGIYSVTFTLISGPSRRFKRVVETIQAQLLSTHDQLEHHHHHH
;
_entity_poly.pdbx_strand_id                 A,B 
_entity_poly.pdbx_target_identifier         ? 
# 
loop_
_entity_poly_seq.entity_id 
_entity_poly_seq.num 
_entity_poly_seq.mon_id 
_entity_poly_seq.hetero 
1 1   MET n 
1 2   LYS n 
1 3   ARG n 
1 4   SER n 
1 5   TRP n 
1 6   PHE n 
1 7   GLY n 
1 8   ASN n 
1 9   PHE n 
1 10  ILE n 
1 11  SER n 
1 12  LEU n 
1 13  ASP n 
1 14  LYS n 
1 15  GLU n 
1 16  GLU n 
1 17  GLN n 
1 18  ILE n 
1 19  PHE n 
1 20  LEU n 
1 21  VAL n 
1 22  LEU n 
1 23  LYS n 
1 24  ASP n 
1 25  LYS n 
1 26  PRO n 
1 27  LEU n 
1 28  SER n 
1 29  SER n 
1 30  ILE n 
1 31  LYS n 
1 32  ALA n 
1 33  ASP n 
1 34  ILE n 
1 35  VAL n 
1 36  HIS n 
1 37  ALA n 
1 38  PHE n 
1 39  LEU n 
1 40  SER n 
1 41  ILE n 
1 42  PRO n 
1 43  SER n 
1 44  LEU n 
1 45  SER n 
1 46  HIS n 
1 47  SER n 
1 48  VAL n 
1 49  LEU n 
1 50  SER n 
1 51  GLN n 
1 52  THR n 
1 53  SER n 
1 54  PHE n 
1 55  ARG n 
1 56  ALA n 
1 57  GLU n 
1 58  TYR n 
1 59  LYS n 
1 60  ALA n 
1 61  SER n 
1 62  GLY n 
1 63  GLY n 
1 64  PRO n 
1 65  SER n 
1 66  VAL n 
1 67  PHE n 
1 68  GLN n 
1 69  LYS n 
1 70  PRO n 
1 71  VAL n 
1 72  ARG n 
1 73  PHE n 
1 74  GLN n 
1 75  VAL n 
1 76  ASP n 
1 77  ILE n 
1 78  SER n 
1 79  SER n 
1 80  SER n 
1 81  GLU n 
1 82  GLY n 
1 83  PRO n 
1 84  GLU n 
1 85  PRO n 
1 86  SER n 
1 87  PRO n 
1 88  ARG n 
1 89  ARG n 
1 90  ASP n 
1 91  GLY n 
1 92  SER n 
1 93  SER n 
1 94  GLY n 
1 95  GLY n 
1 96  GLY n 
1 97  ILE n 
1 98  TYR n 
1 99  SER n 
1 100 VAL n 
1 101 THR n 
1 102 PHE n 
1 103 THR n 
1 104 LEU n 
1 105 ILE n 
1 106 SER n 
1 107 GLY n 
1 108 PRO n 
1 109 SER n 
1 110 ARG n 
1 111 ARG n 
1 112 PHE n 
1 113 LYS n 
1 114 ARG n 
1 115 VAL n 
1 116 VAL n 
1 117 GLU n 
1 118 THR n 
1 119 ILE n 
1 120 GLN n 
1 121 ALA n 
1 122 GLN n 
1 123 LEU n 
1 124 LEU n 
1 125 SER n 
1 126 THR n 
1 127 HIS n 
1 128 ASP n 
1 129 GLN n 
1 130 LEU n 
1 131 GLU n 
1 132 HIS n 
1 133 HIS n 
1 134 HIS n 
1 135 HIS n 
1 136 HIS n 
1 137 HIS n 
# 
_entity_src_gen.entity_id                          1 
_entity_src_gen.pdbx_src_id                        1 
_entity_src_gen.pdbx_alt_source_flag               sample 
_entity_src_gen.pdbx_seq_type                      'Biological sequence' 
_entity_src_gen.pdbx_beg_seq_num                   1 
_entity_src_gen.pdbx_end_seq_num                   137 
_entity_src_gen.gene_src_common_name               Mouse 
_entity_src_gen.gene_src_genus                     ? 
_entity_src_gen.pdbx_gene_src_gene                 'Brsk1, Gm1100, Sadb' 
_entity_src_gen.gene_src_species                   ? 
_entity_src_gen.gene_src_strain                    ? 
_entity_src_gen.gene_src_tissue                    ? 
_entity_src_gen.gene_src_tissue_fraction           ? 
_entity_src_gen.gene_src_details                   ? 
_entity_src_gen.pdbx_gene_src_fragment             ? 
_entity_src_gen.pdbx_gene_src_scientific_name      'Mus musculus' 
_entity_src_gen.pdbx_gene_src_ncbi_taxonomy_id     10090 
_entity_src_gen.pdbx_gene_src_variant              ? 
_entity_src_gen.pdbx_gene_src_cell_line            ? 
_entity_src_gen.pdbx_gene_src_atcc                 ? 
_entity_src_gen.pdbx_gene_src_organ                ? 
_entity_src_gen.pdbx_gene_src_organelle            ? 
_entity_src_gen.pdbx_gene_src_cell                 ? 
_entity_src_gen.pdbx_gene_src_cellular_location    ? 
_entity_src_gen.host_org_common_name               ? 
_entity_src_gen.pdbx_host_org_scientific_name      'Escherichia coli BL21(DE3)' 
_entity_src_gen.pdbx_host_org_ncbi_taxonomy_id     469008 
_entity_src_gen.host_org_genus                     ? 
_entity_src_gen.pdbx_host_org_gene                 ? 
_entity_src_gen.pdbx_host_org_organ                ? 
_entity_src_gen.host_org_species                   ? 
_entity_src_gen.pdbx_host_org_tissue               ? 
_entity_src_gen.pdbx_host_org_tissue_fraction      ? 
_entity_src_gen.pdbx_host_org_strain               'BL21(ED3)' 
_entity_src_gen.pdbx_host_org_variant              ? 
_entity_src_gen.pdbx_host_org_cell_line            ? 
_entity_src_gen.pdbx_host_org_atcc                 ? 
_entity_src_gen.pdbx_host_org_culture_collection   ? 
_entity_src_gen.pdbx_host_org_cell                 ? 
_entity_src_gen.pdbx_host_org_organelle            ? 
_entity_src_gen.pdbx_host_org_cellular_location    ? 
_entity_src_gen.pdbx_host_org_vector_type          plasmid 
_entity_src_gen.pdbx_host_org_vector               ? 
_entity_src_gen.host_org_details                   ? 
_entity_src_gen.expression_system_id               ? 
_entity_src_gen.plasmid_name                       pET21b 
_entity_src_gen.plasmid_details                    ? 
_entity_src_gen.pdbx_description                   ? 
# 
_struct_ref.id                         1 
_struct_ref.db_name                    UNP 
_struct_ref.db_code                    BRSK1_MOUSE 
_struct_ref.pdbx_db_accession          Q5RJI5 
_struct_ref.pdbx_db_isoform            ? 
_struct_ref.entity_id                  1 
_struct_ref.pdbx_seq_one_letter_code   
;KRSWFGNFISLDKEEQIFLVLKDKPLSSIKADIVHAFLSIPSLSHSVLSQTSFRAEYKASGGPSVFQKPVRFQVDISSSE
GPEPSPRRDGSSGGGIYSVTFTLISGPSRRFKRVVETIQAQLLSTHDQ
;
_struct_ref.pdbx_align_begin           592 
# 
loop_
_struct_ref_seq.align_id 
_struct_ref_seq.ref_id 
_struct_ref_seq.pdbx_PDB_id_code 
_struct_ref_seq.pdbx_strand_id 
_struct_ref_seq.seq_align_beg 
_struct_ref_seq.pdbx_seq_align_beg_ins_code 
_struct_ref_seq.seq_align_end 
_struct_ref_seq.pdbx_seq_align_end_ins_code 
_struct_ref_seq.pdbx_db_accession 
_struct_ref_seq.db_align_beg 
_struct_ref_seq.pdbx_db_align_beg_ins_code 
_struct_ref_seq.db_align_end 
_struct_ref_seq.pdbx_db_align_end_ins_code 
_struct_ref_seq.pdbx_auth_seq_align_beg 
_struct_ref_seq.pdbx_auth_seq_align_end 
1 1 5IRI A 2 ? 129 ? Q5RJI5 592 ? 719 ? 592 719 
2 1 5IRI B 2 ? 129 ? Q5RJI5 592 ? 719 ? 592 719 
# 
loop_
_struct_ref_seq_dif.align_id 
_struct_ref_seq_dif.pdbx_pdb_id_code 
_struct_ref_seq_dif.mon_id 
_struct_ref_seq_dif.pdbx_pdb_strand_id 
_struct_ref_seq_dif.seq_num 
_struct_ref_seq_dif.pdbx_pdb_ins_code 
_struct_ref_seq_dif.pdbx_seq_db_name 
_struct_ref_seq_dif.pdbx_seq_db_accession_code 
_struct_ref_seq_dif.db_mon_id 
_struct_ref_seq_dif.pdbx_seq_db_seq_num 
_struct_ref_seq_dif.details 
_struct_ref_seq_dif.pdbx_auth_seq_num 
_struct_ref_seq_dif.pdbx_ordinal 
1 5IRI MET A 1   ? UNP Q5RJI5 ? ? 'expression tag' 591 1  
1 5IRI LEU A 130 ? UNP Q5RJI5 ? ? 'expression tag' 720 2  
1 5IRI GLU A 131 ? UNP Q5RJI5 ? ? 'expression tag' 721 3  
1 5IRI HIS A 132 ? UNP Q5RJI5 ? ? 'expression tag' 722 4  
1 5IRI HIS A 133 ? UNP Q5RJI5 ? ? 'expression tag' 723 5  
1 5IRI HIS A 134 ? UNP Q5RJI5 ? ? 'expression tag' 724 6  
1 5IRI HIS A 135 ? UNP Q5RJI5 ? ? 'expression tag' 725 7  
1 5IRI HIS A 136 ? UNP Q5RJI5 ? ? 'expression tag' 726 8  
1 5IRI HIS A 137 ? UNP Q5RJI5 ? ? 'expression tag' 727 9  
2 5IRI MET B 1   ? UNP Q5RJI5 ? ? 'expression tag' 591 10 
2 5IRI LEU B 130 ? UNP Q5RJI5 ? ? 'expression tag' 720 11 
2 5IRI GLU B 131 ? UNP Q5RJI5 ? ? 'expression tag' 721 12 
2 5IRI HIS B 132 ? UNP Q5RJI5 ? ? 'expression tag' 722 13 
2 5IRI HIS B 133 ? UNP Q5RJI5 ? ? 'expression tag' 723 14 
2 5IRI HIS B 134 ? UNP Q5RJI5 ? ? 'expression tag' 724 15 
2 5IRI HIS B 135 ? UNP Q5RJI5 ? ? 'expression tag' 725 16 
2 5IRI HIS B 136 ? UNP Q5RJI5 ? ? 'expression tag' 726 17 
2 5IRI HIS B 137 ? UNP Q5RJI5 ? ? 'expression tag' 727 18 
# 
loop_
_chem_comp.id 
_chem_comp.type 
_chem_comp.mon_nstd_flag 
_chem_comp.name 
_chem_comp.pdbx_synonyms 
_chem_comp.formula 
_chem_comp.formula_weight 
ALA 'L-peptide linking' y ALANINE         ? 'C3 H7 N O2'     89.093  
ARG 'L-peptide linking' y ARGININE        ? 'C6 H15 N4 O2 1' 175.209 
ASN 'L-peptide linking' y ASPARAGINE      ? 'C4 H8 N2 O3'    132.118 
ASP 'L-peptide linking' y 'ASPARTIC ACID' ? 'C4 H7 N O4'     133.103 
GLN 'L-peptide linking' y GLUTAMINE       ? 'C5 H10 N2 O3'   146.144 
GLU 'L-peptide linking' y 'GLUTAMIC ACID' ? 'C5 H9 N O4'     147.129 
GLY 'peptide linking'   y GLYCINE         ? 'C2 H5 N O2'     75.067  
HIS 'L-peptide linking' y HISTIDINE       ? 'C6 H10 N3 O2 1' 156.162 
HOH non-polymer         . WATER           ? 'H2 O'           18.015  
ILE 'L-peptide linking' y ISOLEUCINE      ? 'C6 H13 N O2'    131.173 
LEU 'L-peptide linking' y LEUCINE         ? 'C6 H13 N O2'    131.173 
LYS 'L-peptide linking' y LYSINE          ? 'C6 H15 N2 O2 1' 147.195 
MET 'L-peptide linking' y METHIONINE      ? 'C5 H11 N O2 S'  149.211 
PHE 'L-peptide linking' y PHENYLALANINE   ? 'C9 H11 N O2'    165.189 
PRO 'L-peptide linking' y PROLINE         ? 'C5 H9 N O2'     115.130 
SER 'L-peptide linking' y SERINE          ? 'C3 H7 N O3'     105.093 
THR 'L-peptide linking' y THREONINE       ? 'C4 H9 N O3'     119.119 
TRP 'L-peptide linking' y TRYPTOPHAN      ? 'C11 H12 N2 O2'  204.225 
TYR 'L-peptide linking' y TYROSINE        ? 'C9 H11 N O3'    181.189 
VAL 'L-peptide linking' y VALINE          ? 'C5 H11 N O2'    117.146 
# 
_exptl.absorpt_coefficient_mu     ? 
_exptl.absorpt_correction_T_max   ? 
_exptl.absorpt_correction_T_min   ? 
_exptl.absorpt_correction_type    ? 
_exptl.absorpt_process_details    ? 
_exptl.entry_id                   5IRI 
_exptl.crystals_number            1 
_exptl.details                    ? 
_exptl.method                     'X-RAY DIFFRACTION' 
_exptl.method_details             ? 
# 
_exptl_crystal.colour                      ? 
_exptl_crystal.density_diffrn              ? 
_exptl_crystal.density_Matthews            2.81 
_exptl_crystal.density_method              ? 
_exptl_crystal.density_percent_sol         56.25 
_exptl_crystal.description                 ? 
_exptl_crystal.F_000                       ? 
_exptl_crystal.id                          1 
_exptl_crystal.preparation                 ? 
_exptl_crystal.size_max                    ? 
_exptl_crystal.size_mid                    ? 
_exptl_crystal.size_min                    ? 
_exptl_crystal.size_rad                    ? 
_exptl_crystal.colour_lustre               ? 
_exptl_crystal.colour_modifier             ? 
_exptl_crystal.colour_primary              ? 
_exptl_crystal.density_meas                ? 
_exptl_crystal.density_meas_esd            ? 
_exptl_crystal.density_meas_gt             ? 
_exptl_crystal.density_meas_lt             ? 
_exptl_crystal.density_meas_temp           ? 
_exptl_crystal.density_meas_temp_esd       ? 
_exptl_crystal.density_meas_temp_gt        ? 
_exptl_crystal.density_meas_temp_lt        ? 
_exptl_crystal.pdbx_crystal_image_url      ? 
_exptl_crystal.pdbx_crystal_image_format   ? 
_exptl_crystal.pdbx_mosaicity              ? 
_exptl_crystal.pdbx_mosaicity_esd          ? 
# 
_exptl_crystal_grow.apparatus       ? 
_exptl_crystal_grow.atmosphere      ? 
_exptl_crystal_grow.crystal_id      1 
_exptl_crystal_grow.details         ? 
_exptl_crystal_grow.method          'VAPOR DIFFUSION, HANGING DROP' 
_exptl_crystal_grow.method_ref      ? 
_exptl_crystal_grow.pH              7.51 
_exptl_crystal_grow.pressure        ? 
_exptl_crystal_grow.pressure_esd    ? 
_exptl_crystal_grow.seeding         ? 
_exptl_crystal_grow.seeding_ref     ? 
_exptl_crystal_grow.temp            294 
_exptl_crystal_grow.temp_details    ? 
_exptl_crystal_grow.temp_esd        ? 
_exptl_crystal_grow.time            ? 
_exptl_crystal_grow.pdbx_details    '0.1 M HEPES, 3M KCl, 0.01 M Urea' 
_exptl_crystal_grow.pdbx_pH_range   ? 
# 
_diffrn.ambient_environment    ? 
_diffrn.ambient_temp           100 
_diffrn.ambient_temp_details   ? 
_diffrn.ambient_temp_esd       ? 
_diffrn.crystal_id             1 
_diffrn.crystal_support        ? 
_diffrn.crystal_treatment      ? 
_diffrn.details                ? 
_diffrn.id                     1 
_diffrn.ambient_pressure       ? 
_diffrn.ambient_pressure_esd   ? 
_diffrn.ambient_pressure_gt    ? 
_diffrn.ambient_pressure_lt    ? 
_diffrn.ambient_temp_gt        ? 
_diffrn.ambient_temp_lt        ? 
# 
_diffrn_detector.details                      ? 
_diffrn_detector.detector                     CCD 
_diffrn_detector.diffrn_id                    1 
_diffrn_detector.type                         'ADSC QUANTUM 315r' 
_diffrn_detector.area_resol_mean              ? 
_diffrn_detector.dtime                        ? 
_diffrn_detector.pdbx_frames_total            ? 
_diffrn_detector.pdbx_collection_time_total   ? 
_diffrn_detector.pdbx_collection_date         2015-10-16 
# 
_diffrn_radiation.collimation                      ? 
_diffrn_radiation.diffrn_id                        1 
_diffrn_radiation.filter_edge                      ? 
_diffrn_radiation.inhomogeneity                    ? 
_diffrn_radiation.monochromator                    'double crystal' 
_diffrn_radiation.polarisn_norm                    ? 
_diffrn_radiation.polarisn_ratio                   ? 
_diffrn_radiation.probe                            ? 
_diffrn_radiation.type                             ? 
_diffrn_radiation.xray_symbol                      ? 
_diffrn_radiation.wavelength_id                    1 
_diffrn_radiation.pdbx_monochromatic_or_laue_m_l   M 
_diffrn_radiation.pdbx_wavelength_list             ? 
_diffrn_radiation.pdbx_wavelength                  ? 
_diffrn_radiation.pdbx_diffrn_protocol             'SINGLE WAVELENGTH' 
_diffrn_radiation.pdbx_analyzer                    ? 
_diffrn_radiation.pdbx_scattering_type             x-ray 
# 
_diffrn_radiation_wavelength.id           1 
_diffrn_radiation_wavelength.wavelength   0.97910 
_diffrn_radiation_wavelength.wt           1.0 
# 
_diffrn_source.current                     ? 
_diffrn_source.details                     ? 
_diffrn_source.diffrn_id                   1 
_diffrn_source.power                       ? 
_diffrn_source.size                        ? 
_diffrn_source.source                      SYNCHROTRON 
_diffrn_source.target                      ? 
_diffrn_source.type                        'SSRF BEAMLINE BL17U' 
_diffrn_source.voltage                     ? 
_diffrn_source.take-off_angle              ? 
_diffrn_source.pdbx_wavelength_list        0.97910 
_diffrn_source.pdbx_wavelength             ? 
_diffrn_source.pdbx_synchrotron_beamline   BL17U 
_diffrn_source.pdbx_synchrotron_site       SSRF 
# 
_reflns.B_iso_Wilson_estimate            53.70 
_reflns.entry_id                         5IRI 
_reflns.data_reduction_details           ? 
_reflns.data_reduction_method            ? 
_reflns.d_resolution_high                2.8 
_reflns.d_resolution_low                 30 
_reflns.details                          ? 
_reflns.limit_h_max                      ? 
_reflns.limit_h_min                      ? 
_reflns.limit_k_max                      ? 
_reflns.limit_k_min                      ? 
_reflns.limit_l_max                      ? 
_reflns.limit_l_min                      ? 
_reflns.number_all                       ? 
_reflns.number_obs                       9101 
_reflns.observed_criterion               ? 
_reflns.observed_criterion_F_max         ? 
_reflns.observed_criterion_F_min         ? 
_reflns.observed_criterion_I_max         ? 
_reflns.observed_criterion_I_min         ? 
_reflns.observed_criterion_sigma_F       ? 
_reflns.observed_criterion_sigma_I       ? 
_reflns.percent_possible_obs             99.9 
_reflns.R_free_details                   ? 
_reflns.Rmerge_F_all                     ? 
_reflns.Rmerge_F_obs                     ? 
_reflns.Friedel_coverage                 ? 
_reflns.number_gt                        ? 
_reflns.threshold_expression             ? 
_reflns.pdbx_redundancy                  9.9 
_reflns.pdbx_Rmerge_I_obs                0.114 
_reflns.pdbx_Rmerge_I_all                ? 
_reflns.pdbx_Rsym_value                  ? 
_reflns.pdbx_netI_over_av_sigmaI         ? 
_reflns.pdbx_netI_over_sigmaI            23.84 
_reflns.pdbx_res_netI_over_av_sigmaI_2   ? 
_reflns.pdbx_res_netI_over_sigmaI_2      ? 
_reflns.pdbx_chi_squared                 ? 
_reflns.pdbx_scaling_rejects             ? 
_reflns.pdbx_d_res_high_opt              ? 
_reflns.pdbx_d_res_low_opt               ? 
_reflns.pdbx_d_res_opt_method            ? 
_reflns.phase_calculation_details        ? 
_reflns.pdbx_Rrim_I_all                  ? 
_reflns.pdbx_Rpim_I_all                  ? 
_reflns.pdbx_d_opt                       ? 
_reflns.pdbx_number_measured_all         ? 
_reflns.pdbx_diffrn_id                   1 
_reflns.pdbx_ordinal                     1 
_reflns.pdbx_CC_half                     ? 
_reflns.pdbx_R_split                     ? 
# 
_reflns_shell.d_res_high                  2.80 
_reflns_shell.d_res_low                   2.90 
_reflns_shell.meanI_over_sigI_all         ? 
_reflns_shell.meanI_over_sigI_obs         5.36 
_reflns_shell.number_measured_all         ? 
_reflns_shell.number_measured_obs         ? 
_reflns_shell.number_possible             ? 
_reflns_shell.number_unique_all           ? 
_reflns_shell.number_unique_obs           ? 
_reflns_shell.percent_possible_all        100 
_reflns_shell.percent_possible_obs        ? 
_reflns_shell.Rmerge_F_all                ? 
_reflns_shell.Rmerge_F_obs                ? 
_reflns_shell.Rmerge_I_all                ? 
_reflns_shell.Rmerge_I_obs                0.655 
_reflns_shell.meanI_over_sigI_gt          ? 
_reflns_shell.meanI_over_uI_all           ? 
_reflns_shell.meanI_over_uI_gt            ? 
_reflns_shell.number_measured_gt          ? 
_reflns_shell.number_unique_gt            ? 
_reflns_shell.percent_possible_gt         ? 
_reflns_shell.Rmerge_F_gt                 ? 
_reflns_shell.Rmerge_I_gt                 ? 
_reflns_shell.pdbx_redundancy             10.3 
_reflns_shell.pdbx_Rsym_value             ? 
_reflns_shell.pdbx_chi_squared            ? 
_reflns_shell.pdbx_netI_over_sigmaI_all   ? 
_reflns_shell.pdbx_netI_over_sigmaI_obs   ? 
_reflns_shell.pdbx_Rrim_I_all             ? 
_reflns_shell.pdbx_Rpim_I_all             ? 
_reflns_shell.pdbx_rejects                ? 
_reflns_shell.pdbx_ordinal                1 
_reflns_shell.pdbx_diffrn_id              1 
_reflns_shell.pdbx_CC_half                ? 
_reflns_shell.pdbx_R_split                ? 
# 
_refine.aniso_B[1][1]                            ? 
_refine.aniso_B[1][2]                            ? 
_refine.aniso_B[1][3]                            ? 
_refine.aniso_B[2][2]                            ? 
_refine.aniso_B[2][3]                            ? 
_refine.aniso_B[3][3]                            ? 
_refine.B_iso_max                                ? 
_refine.B_iso_mean                               47.7 
_refine.B_iso_min                                ? 
_refine.correlation_coeff_Fo_to_Fc               ? 
_refine.correlation_coeff_Fo_to_Fc_free          ? 
_refine.details                                  ? 
_refine.diff_density_max                         ? 
_refine.diff_density_max_esd                     ? 
_refine.diff_density_min                         ? 
_refine.diff_density_min_esd                     ? 
_refine.diff_density_rms                         ? 
_refine.diff_density_rms_esd                     ? 
_refine.entry_id                                 5IRI 
_refine.pdbx_refine_id                           'X-RAY DIFFRACTION' 
_refine.ls_abs_structure_details                 ? 
_refine.ls_abs_structure_Flack                   ? 
_refine.ls_abs_structure_Flack_esd               ? 
_refine.ls_abs_structure_Rogers                  ? 
_refine.ls_abs_structure_Rogers_esd              ? 
_refine.ls_d_res_high                            2.80 
_refine.ls_d_res_low                             26.30 
_refine.ls_extinction_coef                       ? 
_refine.ls_extinction_coef_esd                   ? 
_refine.ls_extinction_expression                 ? 
_refine.ls_extinction_method                     ? 
_refine.ls_goodness_of_fit_all                   ? 
_refine.ls_goodness_of_fit_all_esd               ? 
_refine.ls_goodness_of_fit_obs                   ? 
_refine.ls_goodness_of_fit_obs_esd               ? 
_refine.ls_hydrogen_treatment                    ? 
_refine.ls_matrix_type                           ? 
_refine.ls_number_constraints                    ? 
_refine.ls_number_parameters                     ? 
_refine.ls_number_reflns_all                     ? 
_refine.ls_number_reflns_obs                     9070 
_refine.ls_number_reflns_R_free                  434 
_refine.ls_number_reflns_R_work                  ? 
_refine.ls_number_restraints                     ? 
_refine.ls_percent_reflns_obs                    99.83 
_refine.ls_percent_reflns_R_free                 4.79 
_refine.ls_R_factor_all                          ? 
_refine.ls_R_factor_obs                          0.2234 
_refine.ls_R_factor_R_free                       0.2646 
_refine.ls_R_factor_R_free_error                 ? 
_refine.ls_R_factor_R_free_error_details         ? 
_refine.ls_R_factor_R_work                       0.2214 
_refine.ls_R_Fsqd_factor_obs                     ? 
_refine.ls_R_I_factor_obs                        ? 
_refine.ls_redundancy_reflns_all                 ? 
_refine.ls_redundancy_reflns_obs                 ? 
_refine.ls_restrained_S_all                      ? 
_refine.ls_restrained_S_obs                      ? 
_refine.ls_shift_over_esd_max                    ? 
_refine.ls_shift_over_esd_mean                   ? 
_refine.ls_structure_factor_coef                 ? 
_refine.ls_weighting_details                     ? 
_refine.ls_weighting_scheme                      ? 
_refine.ls_wR_factor_all                         ? 
_refine.ls_wR_factor_obs                         ? 
_refine.ls_wR_factor_R_free                      ? 
_refine.ls_wR_factor_R_work                      ? 
_refine.occupancy_max                            ? 
_refine.occupancy_min                            ? 
_refine.solvent_model_details                    ? 
_refine.solvent_model_param_bsol                 ? 
_refine.solvent_model_param_ksol                 ? 
_refine.ls_R_factor_gt                           ? 
_refine.ls_goodness_of_fit_gt                    ? 
_refine.ls_goodness_of_fit_ref                   ? 
_refine.ls_shift_over_su_max                     ? 
_refine.ls_shift_over_su_max_lt                  ? 
_refine.ls_shift_over_su_mean                    ? 
_refine.ls_shift_over_su_mean_lt                 ? 
_refine.pdbx_ls_sigma_I                          ? 
_refine.pdbx_ls_sigma_F                          1.34 
_refine.pdbx_ls_sigma_Fsqd                       ? 
_refine.pdbx_data_cutoff_high_absF               ? 
_refine.pdbx_data_cutoff_high_rms_absF           ? 
_refine.pdbx_data_cutoff_low_absF                ? 
_refine.pdbx_isotropic_thermal_model             ? 
_refine.pdbx_ls_cross_valid_method               'FREE R-VALUE' 
_refine.pdbx_method_to_determine_struct          'MOLECULAR REPLACEMENT' 
_refine.pdbx_starting_model                      4YOM 
_refine.pdbx_stereochemistry_target_values       ? 
_refine.pdbx_R_Free_selection_details            'random selection' 
_refine.pdbx_stereochem_target_val_spec_case     ? 
_refine.pdbx_overall_ESU_R                       ? 
_refine.pdbx_overall_ESU_R_Free                  ? 
_refine.pdbx_solvent_vdw_probe_radii             1.11 
_refine.pdbx_solvent_ion_probe_radii             ? 
_refine.pdbx_solvent_shrinkage_radii             0.90 
_refine.pdbx_real_space_R                        ? 
_refine.pdbx_density_correlation                 ? 
_refine.pdbx_pd_number_of_powder_patterns        ? 
_refine.pdbx_pd_number_of_points                 ? 
_refine.pdbx_pd_meas_number_of_points            ? 
_refine.pdbx_pd_proc_ls_prof_R_factor            ? 
_refine.pdbx_pd_proc_ls_prof_wR_factor           ? 
_refine.pdbx_pd_Marquardt_correlation_coeff      ? 
_refine.pdbx_pd_Fsqrd_R_factor                   ? 
_refine.pdbx_pd_ls_matrix_band_width             ? 
_refine.pdbx_overall_phase_error                 26.53 
_refine.pdbx_overall_SU_R_free_Cruickshank_DPI   ? 
_refine.pdbx_overall_SU_R_free_Blow_DPI          ? 
_refine.pdbx_overall_SU_R_Blow_DPI               ? 
_refine.pdbx_TLS_residual_ADP_flag               ? 
_refine.pdbx_diffrn_id                           1 
_refine.overall_SU_B                             ? 
_refine.overall_SU_ML                            0.41 
_refine.overall_SU_R_Cruickshank_DPI             ? 
_refine.overall_SU_R_free                        ? 
_refine.overall_FOM_free_R_set                   ? 
_refine.overall_FOM_work_R_set                   ? 
_refine.pdbx_average_fsc_overall                 ? 
_refine.pdbx_average_fsc_work                    ? 
_refine.pdbx_average_fsc_free                    ? 
# 
_refine_hist.pdbx_refine_id                   'X-RAY DIFFRACTION' 
_refine_hist.cycle_id                         LAST 
_refine_hist.pdbx_number_atoms_protein        1636 
_refine_hist.pdbx_number_atoms_nucleic_acid   0 
_refine_hist.pdbx_number_atoms_ligand         0 
_refine_hist.number_atoms_solvent             7 
_refine_hist.number_atoms_total               1643 
_refine_hist.d_res_high                       2.80 
_refine_hist.d_res_low                        26.30 
# 
loop_
_refine_ls_restr.pdbx_refine_id 
_refine_ls_restr.criterion 
_refine_ls_restr.dev_ideal 
_refine_ls_restr.dev_ideal_target 
_refine_ls_restr.number 
_refine_ls_restr.rejects 
_refine_ls_restr.type 
_refine_ls_restr.weight 
_refine_ls_restr.pdbx_restraint_function 
'X-RAY DIFFRACTION' ? 0.009  ? 1666 ? f_bond_d           ? ? 
'X-RAY DIFFRACTION' ? 0.981  ? 2246 ? f_angle_d          ? ? 
'X-RAY DIFFRACTION' ? 19.623 ? 614  ? f_dihedral_angle_d ? ? 
'X-RAY DIFFRACTION' ? 0.052  ? 266  ? f_chiral_restr     ? ? 
'X-RAY DIFFRACTION' ? 0.006  ? 280  ? f_plane_restr      ? ? 
# 
loop_
_refine_ls_shell.pdbx_refine_id 
_refine_ls_shell.d_res_high 
_refine_ls_shell.d_res_low 
_refine_ls_shell.number_reflns_all 
_refine_ls_shell.number_reflns_obs 
_refine_ls_shell.number_reflns_R_free 
_refine_ls_shell.number_reflns_R_work 
_refine_ls_shell.percent_reflns_obs 
_refine_ls_shell.percent_reflns_R_free 
_refine_ls_shell.R_factor_all 
_refine_ls_shell.R_factor_obs 
_refine_ls_shell.R_factor_R_free 
_refine_ls_shell.R_factor_R_free_error 
_refine_ls_shell.R_factor_R_work 
_refine_ls_shell.redundancy_reflns_all 
_refine_ls_shell.redundancy_reflns_obs 
_refine_ls_shell.wR_factor_all 
_refine_ls_shell.wR_factor_obs 
_refine_ls_shell.wR_factor_R_free 
_refine_ls_shell.wR_factor_R_work 
_refine_ls_shell.pdbx_total_number_of_bins_used 
_refine_ls_shell.pdbx_phase_error 
_refine_ls_shell.pdbx_fsc_work 
_refine_ls_shell.pdbx_fsc_free 
'X-RAY DIFFRACTION' 2.80   3.2035 . . 155 2775 100.00 . . . 0.3431 . 0.2712 . . . . . . . . . . 
'X-RAY DIFFRACTION' 3.2035 4.0337 . . 140 2852 100.00 . . . 0.2693 . 0.2242 . . . . . . . . . . 
'X-RAY DIFFRACTION' 4.0337 26.30  . . 139 3009 100.00 . . . 0.2299 . 0.2050 . . . . . . . . . . 
# 
_struct.entry_id                     5IRI 
_struct.title                        'Structure of the mouse SAD-B AIS-KA1 fragment' 
_struct.pdbx_model_details           ? 
_struct.pdbx_formula_weight          ? 
_struct.pdbx_formula_weight_method   ? 
_struct.pdbx_model_type_details      ? 
_struct.pdbx_CASP_flag               ? 
# 
_struct_keywords.entry_id        5IRI 
_struct_keywords.text            'auto-inhibition, kinase associate-1 domain, TRANSFERASE' 
_struct_keywords.pdbx_keywords   TRANSFERASE 
# 
loop_
_struct_asym.id 
_struct_asym.pdbx_blank_PDB_chainid_flag 
_struct_asym.pdbx_modified 
_struct_asym.entity_id 
_struct_asym.details 
A N N 1 ? 
B N N 1 ? 
C N N 2 ? 
D N N 2 ? 
# 
loop_
_struct_conf.conf_type_id 
_struct_conf.id 
_struct_conf.pdbx_PDB_helix_id 
_struct_conf.beg_label_comp_id 
_struct_conf.beg_label_asym_id 
_struct_conf.beg_label_seq_id 
_struct_conf.pdbx_beg_PDB_ins_code 
_struct_conf.end_label_comp_id 
_struct_conf.end_label_asym_id 
_struct_conf.end_label_seq_id 
_struct_conf.pdbx_end_PDB_ins_code 
_struct_conf.beg_auth_comp_id 
_struct_conf.beg_auth_asym_id 
_struct_conf.beg_auth_seq_id 
_struct_conf.end_auth_comp_id 
_struct_conf.end_auth_asym_id 
_struct_conf.end_auth_seq_id 
_struct_conf.pdbx_PDB_helix_class 
_struct_conf.details 
_struct_conf.pdbx_PDB_helix_length 
HELX_P HELX_P1 AA1 PRO A 26  ? ILE A 41  ? PRO A 616 ILE A 631 1 ? 16 
HELX_P HELX_P2 AA2 ALA A 60  ? GLY A 62  ? ALA A 650 GLY A 652 5 ? 3  
HELX_P HELX_P3 AA3 PRO A 108 ? SER A 125 ? PRO A 698 SER A 715 1 ? 18 
HELX_P HELX_P4 AA4 PRO B 26  ? ILE B 41  ? PRO B 616 ILE B 631 1 ? 16 
HELX_P HELX_P5 AA5 ALA B 60  ? GLY B 62  ? ALA B 650 GLY B 652 5 ? 3  
HELX_P HELX_P6 AA6 PRO B 108 ? SER B 125 ? PRO B 698 SER B 715 1 ? 18 
# 
_struct_conf_type.id          HELX_P 
_struct_conf_type.criteria    ? 
_struct_conf_type.reference   ? 
# 
_struct_sheet.id               AA1 
_struct_sheet.type             ? 
_struct_sheet.number_strands   12 
_struct_sheet.details          ? 
# 
loop_
_struct_sheet_order.sheet_id 
_struct_sheet_order.range_id_1 
_struct_sheet_order.range_id_2 
_struct_sheet_order.offset 
_struct_sheet_order.sense 
AA1 1  2  ? anti-parallel 
AA1 2  3  ? anti-parallel 
AA1 3  4  ? anti-parallel 
AA1 4  5  ? anti-parallel 
AA1 5  6  ? anti-parallel 
AA1 6  7  ? anti-parallel 
AA1 7  8  ? anti-parallel 
AA1 8  9  ? anti-parallel 
AA1 9  10 ? anti-parallel 
AA1 10 11 ? anti-parallel 
AA1 11 12 ? anti-parallel 
# 
loop_
_struct_sheet_range.sheet_id 
_struct_sheet_range.id 
_struct_sheet_range.beg_label_comp_id 
_struct_sheet_range.beg_label_asym_id 
_struct_sheet_range.beg_label_seq_id 
_struct_sheet_range.pdbx_beg_PDB_ins_code 
_struct_sheet_range.end_label_comp_id 
_struct_sheet_range.end_label_asym_id 
_struct_sheet_range.end_label_seq_id 
_struct_sheet_range.pdbx_end_PDB_ins_code 
_struct_sheet_range.beg_auth_comp_id 
_struct_sheet_range.beg_auth_asym_id 
_struct_sheet_range.beg_auth_seq_id 
_struct_sheet_range.end_auth_comp_id 
_struct_sheet_range.end_auth_asym_id 
_struct_sheet_range.end_auth_seq_id 
AA1 1  LEU A 44 ? SER A 50  ? LEU A 634 SER A 640 
AA1 2  SER A 53 ? TYR A 58  ? SER A 643 TYR A 648 
AA1 3  VAL A 71 ? SER A 79  ? VAL A 661 SER A 669 
AA1 4  TYR A 98 ? SER A 106 ? TYR A 688 SER A 696 
AA1 5  GLN A 17 ? LEU A 22  ? GLN A 607 LEU A 612 
AA1 6  ASN A 8  ? LEU A 12  ? ASN A 598 LEU A 602 
AA1 7  ASN B 8  ? ASP B 13  ? ASN B 598 ASP B 603 
AA1 8  GLN B 17 ? LEU B 22  ? GLN B 607 LEU B 612 
AA1 9  TYR B 98 ? SER B 106 ? TYR B 688 SER B 696 
AA1 10 VAL B 71 ? SER B 79  ? VAL B 661 SER B 669 
AA1 11 SER B 53 ? TYR B 58  ? SER B 643 TYR B 648 
AA1 12 LEU B 44 ? SER B 50  ? LEU B 634 SER B 640 
# 
loop_
_pdbx_struct_sheet_hbond.sheet_id 
_pdbx_struct_sheet_hbond.range_id_1 
_pdbx_struct_sheet_hbond.range_id_2 
_pdbx_struct_sheet_hbond.range_1_label_atom_id 
_pdbx_struct_sheet_hbond.range_1_label_comp_id 
_pdbx_struct_sheet_hbond.range_1_label_asym_id 
_pdbx_struct_sheet_hbond.range_1_label_seq_id 
_pdbx_struct_sheet_hbond.range_1_PDB_ins_code 
_pdbx_struct_sheet_hbond.range_1_auth_atom_id 
_pdbx_struct_sheet_hbond.range_1_auth_comp_id 
_pdbx_struct_sheet_hbond.range_1_auth_asym_id 
_pdbx_struct_sheet_hbond.range_1_auth_seq_id 
_pdbx_struct_sheet_hbond.range_2_label_atom_id 
_pdbx_struct_sheet_hbond.range_2_label_comp_id 
_pdbx_struct_sheet_hbond.range_2_label_asym_id 
_pdbx_struct_sheet_hbond.range_2_label_seq_id 
_pdbx_struct_sheet_hbond.range_2_PDB_ins_code 
_pdbx_struct_sheet_hbond.range_2_auth_atom_id 
_pdbx_struct_sheet_hbond.range_2_auth_comp_id 
_pdbx_struct_sheet_hbond.range_2_auth_asym_id 
_pdbx_struct_sheet_hbond.range_2_auth_seq_id 
AA1 1  2  N SER A 45  ? N SER A 635 O GLU A 57  ? O GLU A 647 
AA1 2  3  N TYR A 58  ? N TYR A 648 O VAL A 71  ? O VAL A 661 
AA1 3  4  N ASP A 76  ? N ASP A 666 O THR A 101 ? O THR A 691 
AA1 4  5  O PHE A 102 ? O PHE A 692 N ILE A 18  ? N ILE A 608 
AA1 5  6  O PHE A 19  ? O PHE A 609 N LEU A 12  ? N LEU A 602 
AA1 6  7  N SER A 11  ? N SER A 601 O PHE B 9   ? O PHE B 599 
AA1 7  8  N ILE B 10  ? N ILE B 600 O VAL B 21  ? O VAL B 611 
AA1 8  9  N LEU B 22  ? N LEU B 612 O TYR B 98  ? O TYR B 688 
AA1 9  10 O ILE B 105 ? O ILE B 695 N ARG B 72  ? N ARG B 662 
AA1 10 11 O VAL B 71  ? O VAL B 661 N TYR B 58  ? N TYR B 648 
AA1 11 12 O ARG B 55  ? O ARG B 645 N SER B 47  ? N SER B 637 
# 
_atom_sites.entry_id                    5IRI 
_atom_sites.fract_transf_matrix[1][1]   -0.00695098 
_atom_sites.fract_transf_matrix[1][2]   0.00702350 
_atom_sites.fract_transf_matrix[1][3]   -0.00591376 
_atom_sites.fract_transf_matrix[2][1]   -0.00864212 
_atom_sites.fract_transf_matrix[2][2]   -0.00750982 
_atom_sites.fract_transf_matrix[2][3]   0.00123881 
_atom_sites.fract_transf_matrix[3][1]   -0.00294073 
_atom_sites.fract_transf_matrix[3][2]   0.00491775 
_atom_sites.fract_transf_matrix[3][3]   0.00929710 
_atom_sites.fract_transf_vector[1]      0.337846 
_atom_sites.fract_transf_vector[2]      0.957001 
_atom_sites.fract_transf_vector[3]      0.255139 
# 
loop_
_atom_type.symbol 
C 
N 
O 
# 
loop_
_atom_site.group_PDB 
_atom_site.id 
_atom_site.type_symbol 
_atom_site.label_atom_id 
_atom_site.label_alt_id 
_atom_site.label_comp_id 
_atom_site.label_asym_id 
_atom_site.label_entity_id 
_atom_site.label_seq_id 
_atom_site.pdbx_PDB_ins_code 
_atom_site.Cartn_x 
_atom_site.Cartn_y 
_atom_site.Cartn_z 
_atom_site.occupancy 
_atom_site.B_iso_or_equiv 
_atom_site.pdbx_formal_charge 
_atom_site.auth_seq_id 
_atom_site.auth_comp_id 
_atom_site.auth_asym_id 
_atom_site.auth_atom_id 
_atom_site.pdbx_PDB_model_num 
ATOM   1    N N   . GLY A 1 7   ? -5.782  -1.137  -13.610 1.00 62.65 ? 597 GLY A N   1 
ATOM   2    C CA  . GLY A 1 7   ? -5.103  -1.163  -12.324 1.00 62.65 ? 597 GLY A CA  1 
ATOM   3    C C   . GLY A 1 7   ? -5.613  -0.130  -11.323 1.00 62.65 ? 597 GLY A C   1 
ATOM   4    O O   . GLY A 1 7   ? -4.965  0.901   -11.091 1.00 62.65 ? 597 GLY A O   1 
ATOM   5    N N   . ASN A 1 8   ? -6.788  -0.404  -10.744 1.00 62.47 ? 598 ASN A N   1 
ATOM   6    C CA  . ASN A 1 8   ? -7.372  0.416   -9.686  1.00 62.47 ? 598 ASN A CA  1 
ATOM   7    C C   . ASN A 1 8   ? -7.247  -0.330  -8.350  1.00 62.47 ? 598 ASN A C   1 
ATOM   8    O O   . ASN A 1 8   ? -7.417  -1.560  -8.279  1.00 62.47 ? 598 ASN A O   1 
ATOM   9    C CB  . ASN A 1 8   ? -8.848  0.774   -9.985  1.00 52.47 ? 598 ASN A CB  1 
ATOM   10   C CG  . ASN A 1 8   ? -9.039  2.215   -10.573 1.00 52.47 ? 598 ASN A CG  1 
ATOM   11   O OD1 . ASN A 1 8   ? -8.771  2.450   -11.743 1.00 52.47 ? 598 ASN A OD1 1 
ATOM   12   N ND2 . ASN A 1 8   ? -9.544  3.153   -9.763  1.00 52.47 ? 598 ASN A ND2 1 
ATOM   13   N N   . PHE A 1 9   ? -6.834  0.413   -7.329  1.00 71.17 ? 599 PHE A N   1 
ATOM   14   C CA  . PHE A 1 9   ? -7.151  0.160   -5.941  1.00 61.45 ? 599 PHE A CA  1 
ATOM   15   C C   . PHE A 1 9   ? -7.686  1.484   -5.429  1.00 63.91 ? 599 PHE A C   1 
ATOM   16   O O   . PHE A 1 9   ? -7.176  2.540   -5.802  1.00 65.50 ? 599 PHE A O   1 
ATOM   17   C CB  . PHE A 1 9   ? -5.909  -0.331  -5.117  1.00 41.91 ? 599 PHE A CB  1 
ATOM   18   C CG  . PHE A 1 9   ? -5.228  0.768   -4.301  1.00 41.91 ? 599 PHE A CG  1 
ATOM   19   C CD1 . PHE A 1 9   ? -5.730  1.162   -3.050  1.00 41.91 ? 599 PHE A CD1 1 
ATOM   20   C CD2 . PHE A 1 9   ? -4.090  1.413   -4.775  1.00 41.91 ? 599 PHE A CD2 1 
ATOM   21   C CE1 . PHE A 1 9   ? -5.134  2.207   -2.305  1.00 41.91 ? 599 PHE A CE1 1 
ATOM   22   C CE2 . PHE A 1 9   ? -3.489  2.451   -4.034  1.00 41.91 ? 599 PHE A CE2 1 
ATOM   23   C CZ  . PHE A 1 9   ? -4.020  2.844   -2.802  1.00 41.91 ? 599 PHE A CZ  1 
ATOM   24   N N   . ILE A 1 10  ? -8.727  1.440   -4.609  1.00 44.87 ? 600 ILE A N   1 
ATOM   25   C CA  . ILE A 1 10  ? -9.307  2.637   -4.008  1.00 42.00 ? 600 ILE A CA  1 
ATOM   26   C C   . ILE A 1 10  ? -9.463  2.387   -2.514  1.00 44.70 ? 600 ILE A C   1 
ATOM   27   O O   . ILE A 1 10  ? -9.999  1.352   -2.115  1.00 55.94 ? 600 ILE A O   1 
ATOM   28   C CB  . ILE A 1 10  ? -10.664 3.000   -4.643  1.00 38.50 ? 600 ILE A CB  1 
ATOM   29   C CG1 . ILE A 1 10  ? -10.529 3.245   -6.153  1.00 40.53 ? 600 ILE A CG1 1 
ATOM   30   C CG2 . ILE A 1 10  ? -11.222 4.234   -3.988  1.00 40.60 ? 600 ILE A CG2 1 
ATOM   31   C CD1 . ILE A 1 10  ? -11.457 2.405   -7.045  1.00 36.32 ? 600 ILE A CD1 1 
ATOM   32   N N   . SER A 1 11  ? -9.013  3.333   -1.696  1.00 46.94 ? 601 SER A N   1 
ATOM   33   C CA  . SER A 1 11  ? -8.923  3.169   -0.246  1.00 46.18 ? 601 SER A CA  1 
ATOM   34   C C   . SER A 1 11  ? -9.717  4.274   0.436   1.00 56.45 ? 601 SER A C   1 
ATOM   35   O O   . SER A 1 11  ? -9.283  5.433   0.450   1.00 54.91 ? 601 SER A O   1 
ATOM   36   C CB  . SER A 1 11  ? -7.463  3.202   0.214   1.00 54.71 ? 601 SER A CB  1 
ATOM   37   O OG  . SER A 1 11  ? -7.352  3.128   1.632   1.00 62.26 ? 601 SER A OG  1 
ATOM   38   N N   . LEU A 1 12  ? -10.860 3.910   1.034   1.00 63.35 ? 602 LEU A N   1 
ATOM   39   C CA  . LEU A 1 12  ? -11.769 4.851   1.694   1.00 58.06 ? 602 LEU A CA  1 
ATOM   40   C C   . LEU A 1 12  ? -11.722 4.685   3.214   1.00 60.06 ? 602 LEU A C   1 
ATOM   41   O O   . LEU A 1 12  ? -12.225 3.688   3.747   1.00 62.41 ? 602 LEU A O   1 
ATOM   42   C CB  . LEU A 1 12  ? -13.194 4.658   1.202   1.00 46.26 ? 602 LEU A CB  1 
ATOM   43   C CG  . LEU A 1 12  ? -14.075 5.556   2.057   1.00 60.42 ? 602 LEU A CG  1 
ATOM   44   C CD1 . LEU A 1 12  ? -13.705 7.040   1.860   1.00 61.42 ? 602 LEU A CD1 1 
ATOM   45   C CD2 . LEU A 1 12  ? -15.499 5.293   1.690   1.00 55.00 ? 602 LEU A CD2 1 
ATOM   46   N N   . ASP A 1 13  ? -11.159 5.686   3.905   1.00 64.00 ? 603 ASP A N   1 
ATOM   47   C CA  . ASP A 1 13  ? -11.059 5.713   5.372   1.00 58.61 ? 603 ASP A CA  1 
ATOM   48   C C   . ASP A 1 13  ? -12.306 6.375   5.954   1.00 67.80 ? 603 ASP A C   1 
ATOM   49   O O   . ASP A 1 13  ? -12.272 7.489   6.478   1.00 73.88 ? 603 ASP A O   1 
ATOM   50   C CB  . ASP A 1 13  ? -9.792  6.446   5.807   1.00 56.97 ? 603 ASP A CB  1 
ATOM   51   C CG  . ASP A 1 13  ? -9.542  6.407   7.334   1.00 69.44 ? 603 ASP A CG  1 
ATOM   52   O OD1 . ASP A 1 13  ? -10.491 6.279   8.140   1.00 71.52 ? 603 ASP A OD1 1 
ATOM   53   O OD2 . ASP A 1 13  ? -8.365  6.530   7.738   1.00 70.00 ? 603 ASP A OD2 1 
ATOM   54   N N   . LYS A 1 14  ? -13.426 5.658   5.863   1.00 72.79 ? 604 LYS A N   1 
ATOM   55   C CA  . LYS A 1 14  ? -14.647 6.084   6.540   1.00 72.82 ? 604 LYS A CA  1 
ATOM   56   C C   . LYS A 1 14  ? -14.434 5.883   8.043   1.00 69.94 ? 604 LYS A C   1 
ATOM   57   O O   . LYS A 1 14  ? -13.340 5.557   8.516   1.00 73.13 ? 604 LYS A O   1 
ATOM   58   C CB  . LYS A 1 14  ? -15.849 5.255   6.086   1.00 59.90 ? 604 LYS A CB  1 
ATOM   59   C CG  . LYS A 1 14  ? -17.200 5.973   6.192   1.00 63.55 ? 604 LYS A CG  1 
ATOM   60   C CD  . LYS A 1 14  ? -18.396 5.061   5.878   1.00 65.78 ? 604 LYS A CD  1 
ATOM   61   C CE  . LYS A 1 14  ? -18.956 5.271   4.463   1.00 62.22 ? 604 LYS A CE  1 
ATOM   62   N NZ  . LYS A 1 14  ? -20.331 4.659   4.298   1.00 60.29 ? 604 LYS A NZ  1 
ATOM   63   N N   . GLU A 1 15  ? -15.476 6.077   8.831   1.00 81.08 ? 605 GLU A N   1 
ATOM   64   C CA  . GLU A 1 15  ? -15.321 6.144   10.275  1.00 81.08 ? 605 GLU A CA  1 
ATOM   65   C C   . GLU A 1 15  ? -15.597 4.770   10.867  1.00 81.08 ? 605 GLU A C   1 
ATOM   66   O O   . GLU A 1 15  ? -16.673 4.198   10.648  1.00 81.08 ? 605 GLU A O   1 
ATOM   67   C CB  . GLU A 1 15  ? -16.234 7.209   10.889  1.00 71.08 ? 605 GLU A CB  1 
ATOM   68   C CG  . GLU A 1 15  ? -15.741 8.662   10.709  1.00 71.08 ? 605 GLU A CG  1 
ATOM   69   C CD  . GLU A 1 15  ? -15.858 9.199   9.252   1.00 71.08 ? 605 GLU A CD  1 
ATOM   70   O OE1 . GLU A 1 15  ? -16.958 9.081   8.635   1.00 71.08 ? 605 GLU A OE1 1 
ATOM   71   O OE2 . GLU A 1 15  ? -14.839 9.729   8.718   1.00 71.08 ? 605 GLU A OE2 1 
ATOM   72   N N   . GLU A 1 16  ? -14.597 4.230   11.584  1.00 79.26 ? 606 GLU A N   1 
ATOM   73   C CA  . GLU A 1 16  ? -14.657 2.927   12.245  1.00 72.91 ? 606 GLU A CA  1 
ATOM   74   C C   . GLU A 1 16  ? -14.815 1.808   11.216  1.00 64.79 ? 606 GLU A C   1 
ATOM   75   O O   . GLU A 1 16  ? -14.854 0.624   11.570  1.00 55.35 ? 606 GLU A O   1 
ATOM   76   C CB  . GLU A 1 16  ? -15.789 2.902   13.285  1.00 79.37 ? 606 GLU A CB  1 
ATOM   77   C CG  . GLU A 1 16  ? -15.984 4.248   14.004  1.00 88.69 ? 606 GLU A CG  1 
ATOM   78   C CD  . GLU A 1 16  ? -15.795 4.181   15.510  1.00 95.24 ? 606 GLU A CD  1 
ATOM   79   O OE1 . GLU A 1 16  ? -16.649 3.579   16.201  1.00 97.48 ? 606 GLU A OE1 1 
ATOM   80   O OE2 . GLU A 1 16  ? -14.785 4.734   16.004  1.00 97.66 ? 606 GLU A OE2 1 
ATOM   81   N N   . GLN A 1 17  ? -14.906 2.182   9.941   1.00 60.35 ? 607 GLN A N   1 
ATOM   82   C CA  . GLN A 1 17  ? -14.833 1.267   8.814   1.00 55.69 ? 607 GLN A CA  1 
ATOM   83   C C   . GLN A 1 17  ? -13.872 1.834   7.778   1.00 59.43 ? 607 GLN A C   1 
ATOM   84   O O   . GLN A 1 17  ? -13.895 3.031   7.483   1.00 62.62 ? 607 GLN A O   1 
ATOM   85   C CB  . GLN A 1 17  ? -16.206 1.039   8.181   1.00 51.71 ? 607 GLN A CB  1 
ATOM   86   C CG  . GLN A 1 17  ? -17.000 -0.092  8.812   1.00 51.59 ? 607 GLN A CG  1 
ATOM   87   C CD  . GLN A 1 17  ? -18.274 -0.441  8.040   1.00 54.19 ? 607 GLN A CD  1 
ATOM   88   O OE1 . GLN A 1 17  ? -18.893 0.415   7.407   1.00 50.52 ? 607 GLN A OE1 1 
ATOM   89   N NE2 . GLN A 1 17  ? -18.672 -1.708  8.097   1.00 56.11 ? 607 GLN A NE2 1 
ATOM   90   N N   . ILE A 1 18  ? -13.019 0.973   7.237   1.00 52.05 ? 608 ILE A N   1 
ATOM   91   C CA  . ILE A 1 18  ? -12.122 1.323   6.148   1.00 42.63 ? 608 ILE A CA  1 
ATOM   92   C C   . ILE A 1 18  ? -12.398 0.361   5.006   1.00 43.06 ? 608 ILE A C   1 
ATOM   93   O O   . ILE A 1 18  ? -12.556 -0.843  5.234   1.00 49.30 ? 608 ILE A O   1 
ATOM   94   C CB  . ILE A 1 18  ? -10.656 1.247   6.589   1.00 43.85 ? 608 ILE A CB  1 
ATOM   95   C CG1 . ILE A 1 18  ? -10.431 2.138   7.805   1.00 46.26 ? 608 ILE A CG1 1 
ATOM   96   C CG2 . ILE A 1 18  ? -9.742  1.624   5.451   1.00 49.64 ? 608 ILE A CG2 1 
ATOM   97   C CD1 . ILE A 1 18  ? -8.988  2.282   8.159   1.00 49.58 ? 608 ILE A CD1 1 
ATOM   98   N N   . PHE A 1 19  ? -12.490 0.876   3.790   1.00 40.38 ? 609 PHE A N   1 
ATOM   99   C CA  . PHE A 1 19  ? -12.772 0.015   2.659   1.00 39.16 ? 609 PHE A CA  1 
ATOM   100  C C   . PHE A 1 19  ? -11.605 0.026   1.693   1.00 41.23 ? 609 PHE A C   1 
ATOM   101  O O   . PHE A 1 19  ? -10.869 1.007   1.585   1.00 42.49 ? 609 PHE A O   1 
ATOM   102  C CB  . PHE A 1 19  ? -14.035 0.425   1.929   1.00 39.24 ? 609 PHE A CB  1 
ATOM   103  C CG  . PHE A 1 19  ? -15.247 0.456   2.792   1.00 39.91 ? 609 PHE A CG  1 
ATOM   104  C CD1 . PHE A 1 19  ? -15.485 1.526   3.625   1.00 40.32 ? 609 PHE A CD1 1 
ATOM   105  C CD2 . PHE A 1 19  ? -16.156 -0.573  2.776   1.00 46.72 ? 609 PHE A CD2 1 
ATOM   106  C CE1 . PHE A 1 19  ? -16.605 1.566   4.424   1.00 43.53 ? 609 PHE A CE1 1 
ATOM   107  C CE2 . PHE A 1 19  ? -17.276 -0.526  3.571   1.00 45.00 ? 609 PHE A CE2 1 
ATOM   108  C CZ  . PHE A 1 19  ? -17.498 0.542   4.391   1.00 40.90 ? 609 PHE A CZ  1 
ATOM   109  N N   . LEU A 1 20  ? -11.445 -1.088  1.000   1.00 35.86 ? 610 LEU A N   1 
ATOM   110  C CA  . LEU A 1 20  ? -10.468 -1.222  -0.067  1.00 36.97 ? 610 LEU A CA  1 
ATOM   111  C C   . LEU A 1 20  ? -11.181 -1.857  -1.255  1.00 41.25 ? 610 LEU A C   1 
ATOM   112  O O   . LEU A 1 20  ? -11.785 -2.923  -1.118  1.00 39.39 ? 610 LEU A O   1 
ATOM   113  C CB  . LEU A 1 20  ? -9.282  -2.059  0.405   1.00 34.72 ? 610 LEU A CB  1 
ATOM   114  C CG  . LEU A 1 20  ? -8.171  -2.291  -0.606  1.00 46.83 ? 610 LEU A CG  1 
ATOM   115  C CD1 . LEU A 1 20  ? -7.797  -0.976  -1.256  1.00 45.55 ? 610 LEU A CD1 1 
ATOM   116  C CD2 . LEU A 1 20  ? -6.962  -2.901  0.082   1.00 46.56 ? 610 LEU A CD2 1 
ATOM   117  N N   . VAL A 1 21  ? -11.170 -1.186  -2.405  1.00 42.83 ? 611 VAL A N   1 
ATOM   118  C CA  . VAL A 1 21  ? -11.825 -1.684  -3.616  1.00 41.08 ? 611 VAL A CA  1 
ATOM   119  C C   . VAL A 1 21  ? -10.750 -2.063  -4.624  1.00 37.57 ? 611 VAL A C   1 
ATOM   120  O O   . VAL A 1 21  ? -9.780  -1.319  -4.816  1.00 40.97 ? 611 VAL A O   1 
ATOM   121  C CB  . VAL A 1 21  ? -12.800 -0.644  -4.197  1.00 38.76 ? 611 VAL A CB  1 
ATOM   122  C CG1 . VAL A 1 21  ? -13.454 -1.167  -5.462  1.00 35.65 ? 611 VAL A CG1 1 
ATOM   123  C CG2 . VAL A 1 21  ? -13.849 -0.306  -3.183  1.00 31.42 ? 611 VAL A CG2 1 
ATOM   124  N N   . LEU A 1 22  ? -10.914 -3.234  -5.243  1.00 31.40 ? 612 LEU A N   1 
ATOM   125  C CA  . LEU A 1 22  ? -9.892  -3.878  -6.051  1.00 33.66 ? 612 LEU A CA  1 
ATOM   126  C C   . LEU A 1 22  ? -10.516 -4.395  -7.331  1.00 32.44 ? 612 LEU A C   1 
ATOM   127  O O   . LEU A 1 22  ? -11.569 -5.023  -7.300  1.00 35.41 ? 612 LEU A O   1 
ATOM   128  C CB  . LEU A 1 22  ? -9.244  -5.046  -5.323  1.00 33.04 ? 612 LEU A CB  1 
ATOM   129  C CG  . LEU A 1 22  ? -8.325  -4.772  -4.158  1.00 35.56 ? 612 LEU A CG  1 
ATOM   130  C CD1 . LEU A 1 22  ? -8.951  -5.359  -2.939  1.00 38.40 ? 612 LEU A CD1 1 
ATOM   131  C CD2 . LEU A 1 22  ? -7.003  -5.426  -4.419  1.00 42.19 ? 612 LEU A CD2 1 
ATOM   132  N N   . LYS A 1 23  ? -9.827  -4.184  -8.442  1.00 37.16 ? 613 LYS A N   1 
ATOM   133  C CA  . LYS A 1 23  ? -10.408 -4.295  -9.772  1.00 40.34 ? 613 LYS A CA  1 
ATOM   134  C C   . LYS A 1 23  ? -10.054 -5.593  -10.480 1.00 46.24 ? 613 LYS A C   1 
ATOM   135  O O   . LYS A 1 23  ? -10.901 -6.146  -11.192 1.00 50.89 ? 613 LYS A O   1 
ATOM   136  C CB  . LYS A 1 23  ? -9.954  -3.085  -10.600 1.00 43.91 ? 613 LYS A CB  1 
ATOM   137  C CG  . LYS A 1 23  ? -10.265 -3.041  -12.084 1.00 46.04 ? 613 LYS A CG  1 
ATOM   138  C CD  . LYS A 1 23  ? -9.622  -1.775  -12.681 1.00 52.75 ? 613 LYS A CD  1 
ATOM   139  C CE  . LYS A 1 23  ? -8.874  -2.056  -13.981 1.00 59.67 ? 613 LYS A CE  1 
ATOM   140  N NZ  . LYS A 1 23  ? -9.260  -1.149  -15.101 1.00 71.40 ? 613 LYS A NZ  1 
ATOM   141  N N   . ASP A 1 24  ? -8.836  -6.124  -10.289 1.00 44.38 ? 614 ASP A N   1 
ATOM   142  C CA  . ASP A 1 24  ? -8.456  -7.294  -11.075 1.00 48.99 ? 614 ASP A CA  1 
ATOM   143  C C   . ASP A 1 24  ? -7.765  -8.391  -10.277 1.00 52.29 ? 614 ASP A C   1 
ATOM   144  O O   . ASP A 1 24  ? -7.040  -9.199  -10.865 1.00 58.87 ? 614 ASP A O   1 
ATOM   145  C CB  . ASP A 1 24  ? -7.556  -6.871  -12.209 1.00 51.51 ? 614 ASP A CB  1 
ATOM   146  C CG  . ASP A 1 24  ? -8.214  -5.853  -13.091 1.00 65.27 ? 614 ASP A CG  1 
ATOM   147  O OD1 . ASP A 1 24  ? -9.374  -6.113  -13.503 1.00 61.54 ? 614 ASP A OD1 1 
ATOM   148  O OD2 . ASP A 1 24  ? -7.593  -4.789  -13.340 1.00 66.70 ? 614 ASP A OD2 1 
ATOM   149  N N   . LYS A 1 25  ? -7.973  -8.460  -8.968  1.00 49.83 ? 615 LYS A N   1 
ATOM   150  C CA  . LYS A 1 25  ? -7.266  -9.419  -8.149  1.00 47.23 ? 615 LYS A CA  1 
ATOM   151  C C   . LYS A 1 25  ? -8.209  -10.553 -7.789  1.00 47.29 ? 615 LYS A C   1 
ATOM   152  O O   . LYS A 1 25  ? -9.256  -10.293 -7.177  1.00 46.28 ? 615 LYS A O   1 
ATOM   153  C CB  . LYS A 1 25  ? -6.733  -8.742  -6.893  1.00 44.73 ? 615 LYS A CB  1 
ATOM   154  C CG  . LYS A 1 25  ? -5.786  -9.607  -6.099  1.00 46.57 ? 615 LYS A CG  1 
ATOM   155  C CD  . LYS A 1 25  ? -5.143  -8.809  -4.987  1.00 46.40 ? 615 LYS A CD  1 
ATOM   156  C CE  . LYS A 1 25  ? -3.632  -8.995  -4.990  1.00 46.16 ? 615 LYS A CE  1 
ATOM   157  N NZ  . LYS A 1 25  ? -2.909  -7.752  -5.376  1.00 49.69 ? 615 LYS A NZ  1 
ATOM   158  N N   . PRO A 1 26  ? -7.898  -11.803 -8.144  1.00 43.05 ? 616 PRO A N   1 
ATOM   159  C CA  . PRO A 1 26  ? -8.812  -12.920 -7.848  1.00 43.93 ? 616 PRO A CA  1 
ATOM   160  C C   . PRO A 1 26  ? -8.987  -13.170 -6.353  1.00 46.66 ? 616 PRO A C   1 
ATOM   161  O O   . PRO A 1 26  ? -8.091  -12.896 -5.553  1.00 51.36 ? 616 PRO A O   1 
ATOM   162  C CB  . PRO A 1 26  ? -8.143  -14.118 -8.537  1.00 40.38 ? 616 PRO A CB  1 
ATOM   163  C CG  . PRO A 1 26  ? -6.736  -13.671 -8.852  1.00 45.87 ? 616 PRO A CG  1 
ATOM   164  C CD  . PRO A 1 26  ? -6.810  -12.198 -9.054  1.00 46.04 ? 616 PRO A CD  1 
ATOM   165  N N   . LEU A 1 27  ? -10.156 -13.727 -5.987  1.00 47.73 ? 617 LEU A N   1 
ATOM   166  C CA  . LEU A 1 27  ? -10.508 -13.887 -4.569  1.00 46.23 ? 617 LEU A CA  1 
ATOM   167  C C   . LEU A 1 27  ? -9.485  -14.718 -3.811  1.00 47.66 ? 617 LEU A C   1 
ATOM   168  O O   . LEU A 1 27  ? -9.179  -14.412 -2.653  1.00 48.50 ? 617 LEU A O   1 
ATOM   169  C CB  . LEU A 1 27  ? -11.888 -14.524 -4.407  1.00 45.13 ? 617 LEU A CB  1 
ATOM   170  C CG  . LEU A 1 27  ? -12.174 -15.154 -3.029  1.00 50.54 ? 617 LEU A CG  1 
ATOM   171  C CD1 . LEU A 1 27  ? -12.266 -14.123 -1.913  1.00 48.37 ? 617 LEU A CD1 1 
ATOM   172  C CD2 . LEU A 1 27  ? -13.428 -16.003 -3.039  1.00 53.27 ? 617 LEU A CD2 1 
ATOM   173  N N   . SER A 1 28  ? -8.989  -15.800 -4.419  1.00 48.05 ? 618 SER A N   1 
ATOM   174  C CA  . SER A 1 28  ? -7.920  -16.573 -3.795  1.00 44.37 ? 618 SER A CA  1 
ATOM   175  C C   . SER A 1 28  ? -6.751  -15.676 -3.420  1.00 44.36 ? 618 SER A C   1 
ATOM   176  O O   . SER A 1 28  ? -6.263  -15.730 -2.286  1.00 44.46 ? 618 SER A O   1 
ATOM   177  C CB  . SER A 1 28  ? -7.459  -17.695 -4.729  1.00 40.45 ? 618 SER A CB  1 
ATOM   178  O OG  . SER A 1 28  ? -7.083  -17.186 -5.996  1.00 48.79 ? 618 SER A OG  1 
ATOM   179  N N   . SER A 1 29  ? -6.312  -14.819 -4.354  1.00 40.32 ? 619 SER A N   1 
ATOM   180  C CA  . SER A 1 29  ? -5.159  -13.955 -4.116  1.00 38.43 ? 619 SER A CA  1 
ATOM   181  C C   . SER A 1 29  ? -5.417  -12.958 -3.002  1.00 42.60 ? 619 SER A C   1 
ATOM   182  O O   . SER A 1 29  ? -4.498  -12.619 -2.253  1.00 42.50 ? 619 SER A O   1 
ATOM   183  C CB  . SER A 1 29  ? -4.781  -13.205 -5.391  1.00 39.88 ? 619 SER A CB  1 
ATOM   184  O OG  . SER A 1 29  ? -4.460  -14.101 -6.439  1.00 44.65 ? 619 SER A OG  1 
ATOM   185  N N   . ILE A 1 30  ? -6.641  -12.458 -2.890  1.00 40.90 ? 620 ILE A N   1 
ATOM   186  C CA  . ILE A 1 30  ? -6.968  -11.540 -1.806  1.00 39.27 ? 620 ILE A CA  1 
ATOM   187  C C   . ILE A 1 30  ? -6.919  -12.266 -0.476  1.00 40.69 ? 620 ILE A C   1 
ATOM   188  O O   . ILE A 1 30  ? -6.383  -11.749 0.507   1.00 43.78 ? 620 ILE A O   1 
ATOM   189  C CB  . ILE A 1 30  ? -8.346  -10.900 -2.041  1.00 39.47 ? 620 ILE A CB  1 
ATOM   190  C CG1 . ILE A 1 30  ? -8.311  -9.981  -3.267  1.00 44.03 ? 620 ILE A CG1 1 
ATOM   191  C CG2 . ILE A 1 30  ? -8.802  -10.140 -0.795  1.00 36.04 ? 620 ILE A CG2 1 
ATOM   192  C CD1 . ILE A 1 30  ? -9.659  -9.490  -3.724  1.00 39.68 ? 620 ILE A CD1 1 
ATOM   193  N N   . LYS A 1 31  ? -7.504  -13.465 -0.420  1.00 41.79 ? 621 LYS A N   1 
ATOM   194  C CA  . LYS A 1 31  ? -7.461  -14.252 0.801   1.00 37.78 ? 621 LYS A CA  1 
ATOM   195  C C   . LYS A 1 31  ? -6.021  -14.530 1.186   1.00 38.89 ? 621 LYS A C   1 
ATOM   196  O O   . LYS A 1 31  ? -5.624  -14.322 2.336   1.00 41.42 ? 621 LYS A O   1 
ATOM   197  C CB  . LYS A 1 31  ? -8.249  -15.554 0.623   1.00 40.77 ? 621 LYS A CB  1 
ATOM   198  C CG  . LYS A 1 31  ? -9.767  -15.412 0.693   1.00 42.73 ? 621 LYS A CG  1 
ATOM   199  C CD  . LYS A 1 31  ? -10.448 -16.788 0.733   1.00 44.27 ? 621 LYS A CD  1 
ATOM   200  C CE  . LYS A 1 31  ? -10.191 -17.508 2.074   1.00 54.03 ? 621 LYS A CE  1 
ATOM   201  N NZ  . LYS A 1 31  ? -10.882 -18.833 2.189   1.00 53.80 ? 621 LYS A NZ  1 
ATOM   202  N N   . ALA A 1 32  ? -5.208  -14.962 0.222   1.00 38.96 ? 622 ALA A N   1 
ATOM   203  C CA  . ALA A 1 32  ? -3.808  -15.225 0.522   1.00 36.74 ? 622 ALA A CA  1 
ATOM   204  C C   . ALA A 1 32  ? -3.132  -13.991 1.104   1.00 42.98 ? 622 ALA A C   1 
ATOM   205  O O   . ALA A 1 32  ? -2.580  -14.044 2.209   1.00 44.76 ? 622 ALA A O   1 
ATOM   206  C CB  . ALA A 1 32  ? -3.084  -15.703 -0.728  1.00 34.19 ? 622 ALA A CB  1 
ATOM   207  N N   . ASP A 1 33  ? -3.221  -12.859 0.397   1.00 42.81 ? 623 ASP A N   1 
ATOM   208  C CA  . ASP A 1 33  ? -2.563  -11.628 0.830   1.00 43.08 ? 623 ASP A CA  1 
ATOM   209  C C   . ASP A 1 33  ? -2.970  -11.224 2.244   1.00 46.99 ? 623 ASP A C   1 
ATOM   210  O O   . ASP A 1 33  ? -2.112  -10.824 3.047   1.00 49.39 ? 623 ASP A O   1 
ATOM   211  C CB  . ASP A 1 33  ? -2.887  -10.494 -0.140  1.00 46.21 ? 623 ASP A CB  1 
ATOM   212  C CG  . ASP A 1 33  ? -2.046  -10.531 -1.394  1.00 54.45 ? 623 ASP A CG  1 
ATOM   213  O OD1 . ASP A 1 33  ? -0.924  -11.079 -1.378  1.00 57.66 ? 623 ASP A OD1 1 
ATOM   214  O OD2 . ASP A 1 33  ? -2.513  -9.979  -2.405  1.00 56.96 ? 623 ASP A OD2 1 
ATOM   215  N N   . ILE A 1 34  ? -4.273  -11.287 2.557   1.00 39.17 ? 624 ILE A N   1 
ATOM   216  C CA  . ILE A 1 34  ? -4.732  -10.907 3.895   1.00 41.32 ? 624 ILE A CA  1 
ATOM   217  C C   . ILE A 1 34  ? -4.115  -11.813 4.953   1.00 45.82 ? 624 ILE A C   1 
ATOM   218  O O   . ILE A 1 34  ? -3.661  -11.352 6.007   1.00 47.75 ? 624 ILE A O   1 
ATOM   219  C CB  . ILE A 1 34  ? -6.265  -10.947 3.981   1.00 39.48 ? 624 ILE A CB  1 
ATOM   220  C CG1 . ILE A 1 34  ? -6.892  -9.921  3.060   1.00 40.32 ? 624 ILE A CG1 1 
ATOM   221  C CG2 . ILE A 1 34  ? -6.702  -10.637 5.381   1.00 39.73 ? 624 ILE A CG2 1 
ATOM   222  C CD1 . ILE A 1 34  ? -8.371  -10.026 3.039   1.00 36.46 ? 624 ILE A CD1 1 
ATOM   223  N N   . VAL A 1 35  ? -4.108  -13.122 4.699   1.00 45.61 ? 625 VAL A N   1 
ATOM   224  C CA  . VAL A 1 35  ? -3.631  -14.053 5.714   1.00 45.73 ? 625 VAL A CA  1 
ATOM   225  C C   . VAL A 1 35  ? -2.135  -13.904 5.907   1.00 47.70 ? 625 VAL A C   1 
ATOM   226  O O   . VAL A 1 35  ? -1.649  -13.872 7.041   1.00 49.05 ? 625 VAL A O   1 
ATOM   227  C CB  . VAL A 1 35  ? -4.023  -15.490 5.346   1.00 41.91 ? 625 VAL A CB  1 
ATOM   228  C CG1 . VAL A 1 35  ? -3.065  -16.465 5.963   1.00 39.41 ? 625 VAL A CG1 1 
ATOM   229  C CG2 . VAL A 1 35  ? -5.459  -15.767 5.794   1.00 39.59 ? 625 VAL A CG2 1 
ATOM   230  N N   . HIS A 1 36  ? -1.386  -13.796 4.810   1.00 45.72 ? 626 HIS A N   1 
ATOM   231  C CA  . HIS A 1 36  ? 0.025   -13.440 4.905   1.00 49.84 ? 626 HIS A CA  1 
ATOM   232  C C   . HIS A 1 36  ? 0.218   -12.229 5.805   1.00 51.41 ? 626 HIS A C   1 
ATOM   233  O O   . HIS A 1 36  ? 1.082   -12.233 6.687   1.00 55.11 ? 626 HIS A O   1 
ATOM   234  C CB  . HIS A 1 36  ? 0.589   -13.176 3.505   1.00 50.11 ? 626 HIS A CB  1 
ATOM   235  C CG  . HIS A 1 36  ? 2.088   -13.126 3.438   1.00 59.14 ? 626 HIS A CG  1 
ATOM   236  N ND1 . HIS A 1 36  ? 2.795   -11.944 3.327   1.00 66.92 ? 626 HIS A ND1 1 
ATOM   237  C CD2 . HIS A 1 36  ? 3.016   -14.113 3.445   1.00 62.75 ? 626 HIS A CD2 1 
ATOM   238  C CE1 . HIS A 1 36  ? 4.089   -12.206 3.285   1.00 63.96 ? 626 HIS A CE1 1 
ATOM   239  N NE2 . HIS A 1 36  ? 4.251   -13.516 3.353   1.00 67.85 ? 626 HIS A NE2 1 
ATOM   240  N N   . ALA A 1 37  ? -0.600  -11.191 5.615   1.00 52.47 ? 627 ALA A N   1 
ATOM   241  C CA  . ALA A 1 37  ? -0.472  -9.984  6.425   1.00 50.93 ? 627 ALA A CA  1 
ATOM   242  C C   . ALA A 1 37  ? -0.759  -10.268 7.896   1.00 50.43 ? 627 ALA A C   1 
ATOM   243  O O   . ALA A 1 37  ? -0.041  -9.778  8.778   1.00 50.65 ? 627 ALA A O   1 
ATOM   244  C CB  . ALA A 1 37  ? -1.399  -8.898  5.885   1.00 41.33 ? 627 ALA A CB  1 
ATOM   245  N N   . PHE A 1 38  ? -1.810  -11.046 8.184   1.00 43.56 ? 628 PHE A N   1 
ATOM   246  C CA  . PHE A 1 38  ? -2.119  -11.381 9.569   1.00 45.34 ? 628 PHE A CA  1 
ATOM   247  C C   . PHE A 1 38  ? -0.917  -12.038 10.233  1.00 53.91 ? 628 PHE A C   1 
ATOM   248  O O   . PHE A 1 38  ? -0.488  -11.637 11.324  1.00 58.10 ? 628 PHE A O   1 
ATOM   249  C CB  . PHE A 1 38  ? -3.328  -12.310 9.628   1.00 45.96 ? 628 PHE A CB  1 
ATOM   250  C CG  . PHE A 1 38  ? -4.632  -11.628 9.372   1.00 45.58 ? 628 PHE A CG  1 
ATOM   251  C CD1 . PHE A 1 38  ? -4.760  -10.258 9.521   1.00 47.68 ? 628 PHE A CD1 1 
ATOM   252  C CD2 . PHE A 1 38  ? -5.744  -12.362 8.987   1.00 41.57 ? 628 PHE A CD2 1 
ATOM   253  C CE1 . PHE A 1 38  ? -5.982  -9.637  9.290   1.00 43.03 ? 628 PHE A CE1 1 
ATOM   254  C CE2 . PHE A 1 38  ? -6.963  -11.743 8.753   1.00 38.41 ? 628 PHE A CE2 1 
ATOM   255  C CZ  . PHE A 1 38  ? -7.080  -10.393 8.905   1.00 38.53 ? 628 PHE A CZ  1 
ATOM   256  N N   . LEU A 1 39  ? -0.353  -13.043 9.565   1.00 46.45 ? 629 LEU A N   1 
ATOM   257  C CA  . LEU A 1 39  ? 0.806   -13.744 10.099  1.00 48.11 ? 629 LEU A CA  1 
ATOM   258  C C   . LEU A 1 39  ? 1.968   -12.788 10.329  1.00 52.19 ? 629 LEU A C   1 
ATOM   259  O O   . LEU A 1 39  ? 2.541   -12.732 11.422  1.00 52.81 ? 629 LEU A O   1 
ATOM   260  C CB  . LEU A 1 39  ? 1.203   -14.857 9.136   1.00 44.91 ? 629 LEU A CB  1 
ATOM   261  C CG  . LEU A 1 39  ? 0.565   -16.241 9.321   1.00 48.12 ? 629 LEU A CG  1 
ATOM   262  C CD1 . LEU A 1 39  ? -0.751  -16.223 10.090  1.00 46.19 ? 629 LEU A CD1 1 
ATOM   263  C CD2 . LEU A 1 39  ? 0.370   -16.900 7.970   1.00 40.04 ? 629 LEU A CD2 1 
ATOM   264  N N   . SER A 1 40  ? 2.299   -11.997 9.312   1.00 49.77 ? 630 SER A N   1 
ATOM   265  C CA  . SER A 1 40  ? 3.478   -11.148 9.365   1.00 50.21 ? 630 SER A CA  1 
ATOM   266  C C   . SER A 1 40  ? 3.391   -10.122 10.488  1.00 48.51 ? 630 SER A C   1 
ATOM   267  O O   . SER A 1 40  ? 4.406   -9.766  11.095  1.00 54.58 ? 630 SER A O   1 
ATOM   268  C CB  . SER A 1 40  ? 3.656   -10.456 8.024   1.00 51.42 ? 630 SER A CB  1 
ATOM   269  O OG  . SER A 1 40  ? 3.301   -9.092  8.151   1.00 53.61 ? 630 SER A OG  1 
ATOM   270  N N   . ILE A 1 41  ? 2.202   -9.621  10.780  1.00 49.41 ? 631 ILE A N   1 
ATOM   271  C CA  . ILE A 1 41  ? 2.116   -8.683  11.893  1.00 49.52 ? 631 ILE A CA  1 
ATOM   272  C C   . ILE A 1 41  ? 2.276   -9.463  13.179  1.00 56.80 ? 631 ILE A C   1 
ATOM   273  O O   . ILE A 1 41  ? 1.513   -10.408 13.456  1.00 55.12 ? 631 ILE A O   1 
ATOM   274  C CB  . ILE A 1 41  ? 0.812   -7.875  11.874  1.00 48.22 ? 631 ILE A CB  1 
ATOM   275  C CG1 . ILE A 1 41  ? 0.753   -7.008  10.614  1.00 47.59 ? 631 ILE A CG1 1 
ATOM   276  C CG2 . ILE A 1 41  ? 0.743   -7.038  13.121  1.00 46.39 ? 631 ILE A CG2 1 
ATOM   277  C CD1 . ILE A 1 41  ? -0.505  -6.187  10.478  1.00 43.26 ? 631 ILE A CD1 1 
ATOM   278  N N   . PRO A 1 42  ? 3.267   -9.133  13.995  1.00 61.55 ? 632 PRO A N   1 
ATOM   279  C CA  . PRO A 1 42  ? 3.438   -9.814  15.275  1.00 65.82 ? 632 PRO A CA  1 
ATOM   280  C C   . PRO A 1 42  ? 2.514   -9.197  16.315  1.00 62.00 ? 632 PRO A C   1 
ATOM   281  O O   . PRO A 1 42  ? 2.166   -8.014  16.243  1.00 58.28 ? 632 PRO A O   1 
ATOM   282  C CB  . PRO A 1 42  ? 4.914   -9.580  15.609  1.00 60.91 ? 632 PRO A CB  1 
ATOM   283  C CG  . PRO A 1 42  ? 5.193   -8.202  15.003  1.00 55.23 ? 632 PRO A CG  1 
ATOM   284  C CD  . PRO A 1 42  ? 4.250   -8.045  13.800  1.00 55.42 ? 632 PRO A CD  1 
ATOM   285  N N   . SER A 1 43  ? 2.105   -10.030 17.271  1.00 58.75 ? 633 SER A N   1 
ATOM   286  C CA  . SER A 1 43  ? 1.064   -9.745  18.261  1.00 61.22 ? 633 SER A CA  1 
ATOM   287  C C   . SER A 1 43  ? -0.323  -9.720  17.642  1.00 61.95 ? 633 SER A C   1 
ATOM   288  O O   . SER A 1 43  ? -1.298  -9.441  18.348  1.00 59.11 ? 633 SER A O   1 
ATOM   289  C CB  . SER A 1 43  ? 1.276   -8.420  19.017  1.00 59.58 ? 633 SER A CB  1 
ATOM   290  O OG  . SER A 1 43  ? 1.019   -7.286  18.203  1.00 61.06 ? 633 SER A OG  1 
ATOM   291  N N   . LEU A 1 44  ? -0.447  -9.974  16.350  1.00 54.05 ? 634 LEU A N   1 
ATOM   292  C CA  . LEU A 1 44  ? -1.746  -10.068 15.708  1.00 51.62 ? 634 LEU A CA  1 
ATOM   293  C C   . LEU A 1 44  ? -2.046  -11.538 15.464  1.00 48.65 ? 634 LEU A C   1 
ATOM   294  O O   . LEU A 1 44  ? -1.291  -12.236 14.771  1.00 54.75 ? 634 LEU A O   1 
ATOM   295  C CB  . LEU A 1 44  ? -1.794  -9.264  14.409  1.00 49.47 ? 634 LEU A CB  1 
ATOM   296  C CG  . LEU A 1 44  ? -3.192  -9.210  13.777  1.00 47.55 ? 634 LEU A CG  1 
ATOM   297  C CD1 . LEU A 1 44  ? -3.480  -7.847  13.183  1.00 40.83 ? 634 LEU A CD1 1 
ATOM   298  C CD2 . LEU A 1 44  ? -3.357  -10.289 12.724  1.00 45.89 ? 634 LEU A CD2 1 
ATOM   299  N N   . SER A 1 45  ? -3.119  -12.004 16.077  1.00 41.44 ? 635 SER A N   1 
ATOM   300  C CA  . SER A 1 45  ? -3.658  -13.332 15.859  1.00 45.22 ? 635 SER A CA  1 
ATOM   301  C C   . SER A 1 45  ? -5.035  -13.195 15.233  1.00 41.81 ? 635 SER A C   1 
ATOM   302  O O   . SER A 1 45  ? -5.743  -12.213 15.471  1.00 45.53 ? 635 SER A O   1 
ATOM   303  C CB  . SER A 1 45  ? -3.736  -14.086 17.170  1.00 46.48 ? 635 SER A CB  1 
ATOM   304  O OG  . SER A 1 45  ? -3.572  -13.167 18.238  1.00 58.68 ? 635 SER A OG  1 
ATOM   305  N N   . HIS A 1 46  ? -5.411  -14.166 14.412  1.00 40.77 ? 636 HIS A N   1 
ATOM   306  C CA  . HIS A 1 46  ? -6.675  -14.071 13.710  1.00 39.63 ? 636 HIS A CA  1 
ATOM   307  C C   . HIS A 1 46  ? -7.441  -15.382 13.783  1.00 38.87 ? 636 HIS A C   1 
ATOM   308  O O   . HIS A 1 46  ? -6.932  -16.412 14.226  1.00 40.71 ? 636 HIS A O   1 
ATOM   309  C CB  . HIS A 1 46  ? -6.460  -13.659 12.261  1.00 36.70 ? 636 HIS A CB  1 
ATOM   310  C CG  . HIS A 1 46  ? -5.877  -14.734 11.406  1.00 38.82 ? 636 HIS A CG  1 
ATOM   311  N ND1 . HIS A 1 46  ? -4.525  -14.991 11.348  1.00 39.93 ? 636 HIS A ND1 1 
ATOM   312  C CD2 . HIS A 1 46  ? -6.460  -15.596 10.539  1.00 37.20 ? 636 HIS A CD2 1 
ATOM   313  C CE1 . HIS A 1 46  ? -4.301  -15.967 10.487  1.00 35.18 ? 636 HIS A CE1 1 
ATOM   314  N NE2 . HIS A 1 46  ? -5.460  -16.351 9.983   1.00 35.55 ? 636 HIS A NE2 1 
ATOM   315  N N   . SER A 1 47  ? -8.691  -15.322 13.337  1.00 35.50 ? 637 SER A N   1 
ATOM   316  C CA  . SER A 1 47  ? -9.544  -16.489 13.233  1.00 31.46 ? 637 SER A CA  1 
ATOM   317  C C   . SER A 1 47  ? -10.326 -16.398 11.934  1.00 36.86 ? 637 SER A C   1 
ATOM   318  O O   . SER A 1 47  ? -10.495 -15.314 11.370  1.00 35.97 ? 637 SER A O   1 
ATOM   319  C CB  . SER A 1 47  ? -10.498 -16.587 14.419  1.00 39.37 ? 637 SER A CB  1 
ATOM   320  O OG  . SER A 1 47  ? -11.172 -15.356 14.611  1.00 42.62 ? 637 SER A OG  1 
ATOM   321  N N   . VAL A 1 48  ? -10.809 -17.549 11.461  1.00 38.87 ? 638 VAL A N   1 
ATOM   322  C CA  . VAL A 1 48  ? -11.578 -17.640 10.224  1.00 33.64 ? 638 VAL A CA  1 
ATOM   323  C C   . VAL A 1 48  ? -13.056 -17.701 10.576  1.00 32.62 ? 638 VAL A C   1 
ATOM   324  O O   . VAL A 1 48  ? -13.507 -18.638 11.241  1.00 41.80 ? 638 VAL A O   1 
ATOM   325  C CB  . VAL A 1 48  ? -11.169 -18.861 9.391   1.00 28.98 ? 638 VAL A CB  1 
ATOM   326  C CG1 . VAL A 1 48  ? -12.086 -19.004 8.196   1.00 27.15 ? 638 VAL A CG1 1 
ATOM   327  C CG2 . VAL A 1 48  ? -9.750  -18.753 8.969   1.00 27.94 ? 638 VAL A CG2 1 
ATOM   328  N N   . LEU A 1 49  ? -13.815 -16.719 10.108  1.00 32.62 ? 639 LEU A N   1 
ATOM   329  C CA  . LEU A 1 49  ? -15.246 -16.650 10.367  1.00 33.48 ? 639 LEU A CA  1 
ATOM   330  C C   . LEU A 1 49  ? -16.068 -17.317 9.280   1.00 32.55 ? 639 LEU A C   1 
ATOM   331  O O   . LEU A 1 49  ? -17.196 -17.754 9.536   1.00 45.48 ? 639 LEU A O   1 
ATOM   332  C CB  . LEU A 1 49  ? -15.658 -15.193 10.488  1.00 37.62 ? 639 LEU A CB  1 
ATOM   333  C CG  . LEU A 1 49  ? -16.957 -14.841 11.163  1.00 42.46 ? 639 LEU A CG  1 
ATOM   334  C CD1 . LEU A 1 49  ? -17.222 -15.767 12.346  1.00 43.37 ? 639 LEU A CD1 1 
ATOM   335  C CD2 . LEU A 1 49  ? -16.790 -13.392 11.603  1.00 42.75 ? 639 LEU A CD2 1 
ATOM   336  N N   . SER A 1 50  ? -15.511 -17.426 8.089   1.00 31.29 ? 640 SER A N   1 
ATOM   337  C CA  . SER A 1 50  ? -16.196 -18.024 6.963   1.00 31.28 ? 640 SER A CA  1 
ATOM   338  C C   . SER A 1 50  ? -15.229 -18.047 5.799   1.00 35.43 ? 640 SER A C   1 
ATOM   339  O O   . SER A 1 50  ? -14.097 -17.567 5.914   1.00 34.06 ? 640 SER A O   1 
ATOM   340  C CB  . SER A 1 50  ? -17.442 -17.234 6.578   1.00 31.07 ? 640 SER A CB  1 
ATOM   341  O OG  . SER A 1 50  ? -17.095 -16.206 5.660   1.00 34.20 ? 640 SER A OG  1 
ATOM   342  N N   . GLN A 1 51  ? -15.685 -18.565 4.661   1.00 37.01 ? 641 GLN A N   1 
ATOM   343  C CA  . GLN A 1 51  ? -14.815 -18.686 3.504   1.00 37.55 ? 641 GLN A CA  1 
ATOM   344  C C   . GLN A 1 51  ? -14.304 -17.329 3.031   1.00 39.36 ? 641 GLN A C   1 
ATOM   345  O O   . GLN A 1 51  ? -13.268 -17.269 2.358   1.00 39.85 ? 641 GLN A O   1 
ATOM   346  C CB  . GLN A 1 51  ? -15.575 -19.413 2.398   1.00 45.37 ? 641 GLN A CB  1 
ATOM   347  C CG  . GLN A 1 51  ? -14.769 -19.667 1.152   1.00 58.06 ? 641 GLN A CG  1 
ATOM   348  C CD  . GLN A 1 51  ? -13.785 -20.784 1.343   1.00 59.94 ? 641 GLN A CD  1 
ATOM   349  O OE1 . GLN A 1 51  ? -12.577 -20.623 1.129   1.00 63.19 ? 641 GLN A OE1 1 
ATOM   350  N NE2 . GLN A 1 51  ? -14.294 -21.934 1.757   1.00 52.54 ? 641 GLN A NE2 1 
ATOM   351  N N   . THR A 1 52  ? -14.995 -16.227 3.402   1.00 36.78 ? 642 THR A N   1 
ATOM   352  C CA  . THR A 1 52  ? -14.570 -14.887 3.008   1.00 35.90 ? 642 THR A CA  1 
ATOM   353  C C   . THR A 1 52  ? -14.644 -13.839 4.125   1.00 38.44 ? 642 THR A C   1 
ATOM   354  O O   . THR A 1 52  ? -14.795 -12.652 3.825   1.00 38.85 ? 642 THR A O   1 
ATOM   355  C CB  . THR A 1 52  ? -15.400 -14.330 1.846   1.00 36.95 ? 642 THR A CB  1 
ATOM   356  O OG1 . THR A 1 52  ? -16.735 -14.065 2.301   1.00 38.90 ? 642 THR A OG1 1 
ATOM   357  C CG2 . THR A 1 52  ? -15.419 -15.278 0.658   1.00 31.42 ? 642 THR A CG2 1 
ATOM   358  N N   . SER A 1 53  ? -14.558 -14.209 5.399   1.00 34.86 ? 643 SER A N   1 
ATOM   359  C CA  . SER A 1 53  ? -14.425 -13.169 6.404   1.00 32.31 ? 643 SER A CA  1 
ATOM   360  C C   . SER A 1 53  ? -13.528 -13.651 7.532   1.00 37.55 ? 643 SER A C   1 
ATOM   361  O O   . SER A 1 53  ? -13.348 -14.855 7.745   1.00 38.42 ? 643 SER A O   1 
ATOM   362  C CB  . SER A 1 53  ? -15.774 -12.726 6.946   1.00 32.66 ? 643 SER A CB  1 
ATOM   363  O OG  . SER A 1 53  ? -16.401 -13.793 7.591   1.00 40.66 ? 643 SER A OG  1 
ATOM   364  N N   . PHE A 1 54  ? -12.958 -12.690 8.243   1.00 32.34 ? 644 PHE A N   1 
ATOM   365  C CA  . PHE A 1 54  ? -11.968 -12.986 9.252   1.00 36.37 ? 644 PHE A CA  1 
ATOM   366  C C   . PHE A 1 54  ? -12.195 -12.074 10.438  1.00 34.77 ? 644 PHE A C   1 
ATOM   367  O O   . PHE A 1 54  ? -12.787 -11.005 10.304  1.00 39.00 ? 644 PHE A O   1 
ATOM   368  C CB  . PHE A 1 54  ? -10.548 -12.769 8.734   1.00 38.71 ? 644 PHE A CB  1 
ATOM   369  C CG  . PHE A 1 54  ? -10.191 -13.583 7.519   1.00 41.03 ? 644 PHE A CG  1 
ATOM   370  C CD1 . PHE A 1 54  ? -9.679  -14.867 7.655   1.00 42.30 ? 644 PHE A CD1 1 
ATOM   371  C CD2 . PHE A 1 54  ? -10.304 -13.040 6.246   1.00 39.40 ? 644 PHE A CD2 1 
ATOM   372  C CE1 . PHE A 1 54  ? -9.316  -15.606 6.537   1.00 44.64 ? 644 PHE A CE1 1 
ATOM   373  C CE2 . PHE A 1 54  ? -9.943  -13.768 5.119   1.00 41.52 ? 644 PHE A CE2 1 
ATOM   374  C CZ  . PHE A 1 54  ? -9.447  -15.055 5.259   1.00 45.97 ? 644 PHE A CZ  1 
ATOM   375  N N   . ARG A 1 55  ? -11.716 -12.506 11.603  1.00 31.11 ? 645 ARG A N   1 
ATOM   376  C CA  . ARG A 1 55  ? -11.553 -11.629 12.747  1.00 31.12 ? 645 ARG A CA  1 
ATOM   377  C C   . ARG A 1 55  ? -10.086 -11.606 13.152  1.00 33.29 ? 645 ARG A C   1 
ATOM   378  O O   . ARG A 1 55  ? -9.286  -12.460 12.747  1.00 33.25 ? 645 ARG A O   1 
ATOM   379  C CB  . ARG A 1 55  ? -12.424 -12.046 13.919  1.00 30.33 ? 645 ARG A CB  1 
ATOM   380  C CG  . ARG A 1 55  ? -13.901 -11.973 13.625  1.00 34.81 ? 645 ARG A CG  1 
ATOM   381  C CD  . ARG A 1 55  ? -14.649 -11.334 14.781  1.00 41.66 ? 645 ARG A CD  1 
ATOM   382  N NE  . ARG A 1 55  ? -16.079 -11.225 14.509  1.00 51.41 ? 645 ARG A NE  1 
ATOM   383  C CZ  . ARG A 1 55  ? -16.981 -12.121 14.896  1.00 53.56 ? 645 ARG A CZ  1 
ATOM   384  N NH1 . ARG A 1 55  ? -16.607 -13.196 15.584  1.00 43.36 ? 645 ARG A NH1 1 
ATOM   385  N NH2 . ARG A 1 55  ? -18.258 -11.935 14.596  1.00 53.73 ? 645 ARG A NH2 1 
ATOM   386  N N   . ALA A 1 56  ? -9.726  -10.591 13.926  1.00 29.15 ? 646 ALA A N   1 
ATOM   387  C CA  . ALA A 1 56  ? -8.320  -10.365 14.203  1.00 32.08 ? 646 ALA A CA  1 
ATOM   388  C C   . ALA A 1 56  ? -8.191  -9.555  15.473  1.00 36.13 ? 646 ALA A C   1 
ATOM   389  O O   . ALA A 1 56  ? -8.967  -8.617  15.701  1.00 34.38 ? 646 ALA A O   1 
ATOM   390  C CB  . ALA A 1 56  ? -7.638  -9.642  13.040  1.00 36.36 ? 646 ALA A CB  1 
ATOM   391  N N   . GLU A 1 57  ? -7.207  -9.931  16.293  1.00 36.14 ? 647 GLU A N   1 
ATOM   392  C CA  . GLU A 1 57  ? -6.866  -9.205  17.506  1.00 38.44 ? 647 GLU A CA  1 
ATOM   393  C C   . GLU A 1 57  ? -5.415  -8.762  17.444  1.00 42.36 ? 647 GLU A C   1 
ATOM   394  O O   . GLU A 1 57  ? -4.519  -9.580  17.220  1.00 46.70 ? 647 GLU A O   1 
ATOM   395  C CB  . GLU A 1 57  ? -7.087  -10.048 18.748  1.00 45.64 ? 647 GLU A CB  1 
ATOM   396  C CG  . GLU A 1 57  ? -7.111  -9.231  20.007  1.00 50.45 ? 647 GLU A CG  1 
ATOM   397  C CD  . GLU A 1 57  ? -7.329  -10.074 21.241  1.00 62.51 ? 647 GLU A CD  1 
ATOM   398  O OE1 . GLU A 1 57  ? -6.582  -11.065 21.414  1.00 66.36 ? 647 GLU A OE1 1 
ATOM   399  O OE2 . GLU A 1 57  ? -8.245  -9.745  22.032  1.00 63.40 ? 647 GLU A OE2 1 
ATOM   400  N N   . TYR A 1 58  ? -5.195  -7.476  17.647  1.00 47.10 ? 648 TYR A N   1 
ATOM   401  C CA  . TYR A 1 58  ? -3.866  -6.874  17.690  1.00 48.92 ? 648 TYR A CA  1 
ATOM   402  C C   . TYR A 1 58  ? -3.569  -6.570  19.154  1.00 51.36 ? 648 TYR A C   1 
ATOM   403  O O   . TYR A 1 58  ? -4.086  -5.599  19.711  1.00 55.52 ? 648 TYR A O   1 
ATOM   404  C CB  . TYR A 1 58  ? -3.831  -5.625  16.818  1.00 52.69 ? 648 TYR A CB  1 
ATOM   405  C CG  . TYR A 1 58  ? -2.557  -4.833  16.909  1.00 57.40 ? 648 TYR A CG  1 
ATOM   406  C CD1 . TYR A 1 58  ? -2.411  -3.847  17.863  1.00 60.77 ? 648 TYR A CD1 1 
ATOM   407  C CD2 . TYR A 1 58  ? -1.501  -5.060  16.033  1.00 57.24 ? 648 TYR A CD2 1 
ATOM   408  C CE1 . TYR A 1 58  ? -1.253  -3.123  17.966  1.00 65.26 ? 648 TYR A CE1 1 
ATOM   409  C CE2 . TYR A 1 58  ? -0.328  -4.325  16.123  1.00 63.99 ? 648 TYR A CE2 1 
ATOM   410  C CZ  . TYR A 1 58  ? -0.215  -3.349  17.096  1.00 68.43 ? 648 TYR A CZ  1 
ATOM   411  O OH  . TYR A 1 58  ? 0.929   -2.591  17.221  1.00 69.75 ? 648 TYR A OH  1 
ATOM   412  N N   . LYS A 1 59  ? -2.744  -7.411  19.779  1.00 53.46 ? 649 LYS A N   1 
ATOM   413  C CA  . LYS A 1 59  ? -2.573  -7.360  21.227  1.00 53.79 ? 649 LYS A CA  1 
ATOM   414  C C   . LYS A 1 59  ? -1.637  -6.246  21.692  1.00 59.77 ? 649 LYS A C   1 
ATOM   415  O O   . LYS A 1 59  ? -1.716  -5.841  22.855  1.00 60.71 ? 649 LYS A O   1 
ATOM   416  C CB  . LYS A 1 59  ? -2.054  -8.707  21.738  1.00 54.79 ? 649 LYS A CB  1 
ATOM   417  C CG  . LYS A 1 59  ? -2.946  -9.902  21.425  1.00 63.26 ? 649 LYS A CG  1 
ATOM   418  C CD  . LYS A 1 59  ? -2.334  -11.204 21.911  1.00 70.24 ? 649 LYS A CD  1 
ATOM   419  C CE  . LYS A 1 59  ? -3.329  -12.360 21.861  1.00 77.90 ? 649 LYS A CE  1 
ATOM   420  N NZ  . LYS A 1 59  ? -2.791  -13.590 22.533  1.00 70.40 ? 649 LYS A NZ  1 
ATOM   421  N N   . ALA A 1 60  ? -0.768  -5.738  20.809  1.00 62.35 ? 650 ALA A N   1 
ATOM   422  C CA  . ALA A 1 60  ? 0.308   -4.838  21.219  1.00 62.70 ? 650 ALA A CA  1 
ATOM   423  C C   . ALA A 1 60  ? -0.201  -3.507  21.775  1.00 64.24 ? 650 ALA A C   1 
ATOM   424  O O   . ALA A 1 60  ? 0.467   -2.904  22.626  1.00 67.13 ? 650 ALA A O   1 
ATOM   425  C CB  . ALA A 1 60  ? 1.244   -4.595  20.036  1.00 63.60 ? 650 ALA A CB  1 
ATOM   426  N N   . SER A 1 61  ? -1.349  -3.014  21.296  1.00 60.84 ? 651 SER A N   1 
ATOM   427  C CA  . SER A 1 61  ? -1.867  -1.744  21.795  1.00 56.51 ? 651 SER A CA  1 
ATOM   428  C C   . SER A 1 61  ? -2.420  -1.872  23.203  1.00 58.44 ? 651 SER A C   1 
ATOM   429  O O   . SER A 1 61  ? -2.656  -0.852  23.859  1.00 60.46 ? 651 SER A O   1 
ATOM   430  C CB  . SER A 1 61  ? -2.951  -1.194  20.866  1.00 55.74 ? 651 SER A CB  1 
ATOM   431  O OG  . SER A 1 61  ? -4.209  -1.793  21.129  1.00 61.24 ? 651 SER A OG  1 
ATOM   432  N N   . GLY A 1 62  ? -2.641  -3.094  23.674  1.00 63.03 ? 652 GLY A N   1 
ATOM   433  C CA  . GLY A 1 62  ? -3.071  -3.286  25.041  1.00 63.03 ? 652 GLY A CA  1 
ATOM   434  C C   . GLY A 1 62  ? -2.024  -2.837  26.043  1.00 63.03 ? 652 GLY A C   1 
ATOM   435  O O   . GLY A 1 62  ? -0.870  -2.538  25.713  1.00 63.03 ? 652 GLY A O   1 
ATOM   436  N N   . GLY A 1 63  ? -2.455  -2.784  27.298  1.00 66.66 ? 653 GLY A N   1 
ATOM   437  C CA  . GLY A 1 63  ? -1.614  -2.341  28.379  1.00 66.66 ? 653 GLY A CA  1 
ATOM   438  C C   . GLY A 1 63  ? -2.175  -2.748  29.727  1.00 66.66 ? 653 GLY A C   1 
ATOM   439  O O   . GLY A 1 63  ? -3.205  -3.418  29.833  1.00 66.66 ? 653 GLY A O   1 
ATOM   440  N N   . PRO A 1 64  ? -1.481  -2.361  30.791  1.00 74.15 ? 654 PRO A N   1 
ATOM   441  C CA  . PRO A 1 64  ? -2.009  -2.616  32.142  1.00 74.15 ? 654 PRO A CA  1 
ATOM   442  C C   . PRO A 1 64  ? -3.347  -1.939  32.404  1.00 74.15 ? 654 PRO A C   1 
ATOM   443  O O   . PRO A 1 64  ? -4.212  -2.514  33.078  1.00 74.15 ? 654 PRO A O   1 
ATOM   444  C CB  . PRO A 1 64  ? -0.902  -2.058  33.048  1.00 64.15 ? 654 PRO A CB  1 
ATOM   445  C CG  . PRO A 1 64  ? -0.146  -1.057  32.166  1.00 64.15 ? 654 PRO A CG  1 
ATOM   446  C CD  . PRO A 1 64  ? -0.173  -1.688  30.803  1.00 64.15 ? 654 PRO A CD  1 
ATOM   447  N N   . SER A 1 65  ? -3.551  -0.739  31.871  1.00 69.94 ? 655 SER A N   1 
ATOM   448  C CA  . SER A 1 65  ? -4.771  0.010   32.130  1.00 69.94 ? 655 SER A CA  1 
ATOM   449  C C   . SER A 1 65  ? -5.969  -0.571  31.360  1.00 69.94 ? 655 SER A C   1 
ATOM   450  O O   . SER A 1 65  ? -5.818  -1.317  30.380  1.00 69.94 ? 655 SER A O   1 
ATOM   451  C CB  . SER A 1 65  ? -4.555  1.475   31.761  1.00 59.94 ? 655 SER A CB  1 
ATOM   452  O OG  . SER A 1 65  ? -5.726  2.230   31.992  1.00 59.94 ? 655 SER A OG  1 
ATOM   453  N N   . VAL A 1 66  ? -7.178  -0.234  31.830  1.00 64.79 ? 656 VAL A N   1 
ATOM   454  C CA  . VAL A 1 66  ? -8.382  -0.571  31.073  1.00 64.79 ? 656 VAL A CA  1 
ATOM   455  C C   . VAL A 1 66  ? -8.477  0.272   29.811  1.00 64.79 ? 656 VAL A C   1 
ATOM   456  O O   . VAL A 1 66  ? -9.183  -0.101  28.864  1.00 64.79 ? 656 VAL A O   1 
ATOM   457  C CB  . VAL A 1 66  ? -9.653  -0.405  31.933  1.00 54.79 ? 656 VAL A CB  1 
ATOM   458  C CG1 . VAL A 1 66  ? -9.682  -1.438  33.062  1.00 54.79 ? 656 VAL A CG1 1 
ATOM   459  C CG2 . VAL A 1 66  ? -9.754  1.003   32.485  1.00 54.79 ? 656 VAL A CG2 1 
ATOM   460  N N   . PHE A 1 67  ? -7.746  1.381   29.757  1.00 62.57 ? 657 PHE A N   1 
ATOM   461  C CA  . PHE A 1 67  ? -7.819  2.289   28.624  1.00 58.63 ? 657 PHE A CA  1 
ATOM   462  C C   . PHE A 1 67  ? -6.831  1.948   27.514  1.00 62.07 ? 657 PHE A C   1 
ATOM   463  O O   . PHE A 1 67  ? -6.945  2.489   26.405  1.00 57.09 ? 657 PHE A O   1 
ATOM   464  C CB  . PHE A 1 67  ? -7.604  3.721   29.116  1.00 67.00 ? 657 PHE A CB  1 
ATOM   465  C CG  . PHE A 1 67  ? -8.611  4.150   30.138  1.00 68.19 ? 657 PHE A CG  1 
ATOM   466  C CD1 . PHE A 1 67  ? -9.845  4.630   29.742  1.00 61.21 ? 657 PHE A CD1 1 
ATOM   467  C CD2 . PHE A 1 67  ? -8.344  4.036   31.490  1.00 65.20 ? 657 PHE A CD2 1 
ATOM   468  C CE1 . PHE A 1 67  ? -10.794 5.009   30.675  1.00 68.49 ? 657 PHE A CE1 1 
ATOM   469  C CE2 . PHE A 1 67  ? -9.285  4.416   32.433  1.00 60.41 ? 657 PHE A CE2 1 
ATOM   470  C CZ  . PHE A 1 67  ? -10.513 4.904   32.022  1.00 65.82 ? 657 PHE A CZ  1 
ATOM   471  N N   . GLN A 1 68  ? -5.875  1.063   27.779  1.00 66.97 ? 658 GLN A N   1 
ATOM   472  C CA  . GLN A 1 68  ? -5.018  0.507   26.733  1.00 66.97 ? 658 GLN A CA  1 
ATOM   473  C C   . GLN A 1 68  ? -5.595  -0.858  26.366  1.00 66.97 ? 658 GLN A C   1 
ATOM   474  O O   . GLN A 1 68  ? -5.284  -1.877  26.984  1.00 66.97 ? 658 GLN A O   1 
ATOM   475  C CB  . GLN A 1 68  ? -3.573  0.396   27.197  1.00 56.97 ? 658 GLN A CB  1 
ATOM   476  C CG  . GLN A 1 68  ? -3.037  1.569   27.992  1.00 56.97 ? 658 GLN A CG  1 
ATOM   477  C CD  . GLN A 1 68  ? -1.826  1.160   28.821  1.00 56.97 ? 658 GLN A CD  1 
ATOM   478  O OE1 . GLN A 1 68  ? -1.965  0.506   29.867  1.00 56.97 ? 658 GLN A OE1 1 
ATOM   479  N NE2 . GLN A 1 68  ? -0.628  1.502   28.334  1.00 56.97 ? 658 GLN A NE2 1 
ATOM   480  N N   . LYS A 1 69  ? -6.442  -0.866  25.397  1.00 50.34 ? 659 LYS A N   1 
ATOM   481  C CA  . LYS A 1 69  ? -7.170  -2.033  24.929  1.00 54.02 ? 659 LYS A CA  1 
ATOM   482  C C   . LYS A 1 69  ? -6.547  -2.564  23.641  1.00 50.52 ? 659 LYS A C   1 
ATOM   483  O O   . LYS A 1 69  ? -6.051  -1.789  22.821  1.00 51.42 ? 659 LYS A O   1 
ATOM   484  C CB  . LYS A 1 69  ? -8.646  -1.685  24.673  1.00 50.29 ? 659 LYS A CB  1 
ATOM   485  C CG  . LYS A 1 69  ? -9.281  -0.625  25.589  1.00 58.08 ? 659 LYS A CG  1 
ATOM   486  C CD  . LYS A 1 69  ? -10.249 0.300   24.815  1.00 59.81 ? 659 LYS A CD  1 
ATOM   487  C CE  . LYS A 1 69  ? -9.489  1.225   23.816  1.00 65.56 ? 659 LYS A CE  1 
ATOM   488  N NZ  . LYS A 1 69  ? -10.312 2.241   23.063  1.00 65.79 ? 659 LYS A NZ  1 
ATOM   489  N N   . PRO A 1 70  ? -6.518  -3.870  23.410  1.00 45.47 ? 660 PRO A N   1 
ATOM   490  C CA  . PRO A 1 70  ? -6.100  -4.361  22.095  1.00 48.39 ? 660 PRO A CA  1 
ATOM   491  C C   . PRO A 1 70  ? -7.122  -3.968  21.052  1.00 48.39 ? 660 PRO A C   1 
ATOM   492  O O   . PRO A 1 70  ? -8.250  -3.589  21.362  1.00 52.32 ? 660 PRO A O   1 
ATOM   493  C CB  . PRO A 1 70  ? -6.039  -5.879  22.265  1.00 46.03 ? 660 PRO A CB  1 
ATOM   494  C CG  . PRO A 1 70  ? -6.828  -6.158  23.482  1.00 48.94 ? 660 PRO A CG  1 
ATOM   495  C CD  . PRO A 1 70  ? -6.762  -4.962  24.363  1.00 43.44 ? 660 PRO A CD  1 
ATOM   496  N N   . VAL A 1 71  ? -6.706  -4.025  19.800  1.00 48.43 ? 661 VAL A N   1 
ATOM   497  C CA  . VAL A 1 71  ? -7.601  -3.737  18.690  1.00 43.12 ? 661 VAL A CA  1 
ATOM   498  C C   . VAL A 1 71  ? -8.168  -5.059  18.200  1.00 46.97 ? 661 VAL A C   1 
ATOM   499  O O   . VAL A 1 71  ? -7.417  -5.968  17.836  1.00 46.52 ? 661 VAL A O   1 
ATOM   500  C CB  . VAL A 1 71  ? -6.872  -2.995  17.564  1.00 40.94 ? 661 VAL A CB  1 
ATOM   501  C CG1 . VAL A 1 71  ? -7.834  -2.648  16.445  1.00 38.52 ? 661 VAL A CG1 1 
ATOM   502  C CG2 . VAL A 1 71  ? -6.233  -1.750  18.104  1.00 48.02 ? 661 VAL A CG2 1 
ATOM   503  N N   . ARG A 1 72  ? -9.491  -5.184  18.241  1.00 42.73 ? 662 ARG A N   1 
ATOM   504  C CA  . ARG A 1 72  ? -10.200 -6.288  17.616  1.00 37.70 ? 662 ARG A CA  1 
ATOM   505  C C   . ARG A 1 72  ? -10.944 -5.731  16.418  1.00 39.03 ? 662 ARG A C   1 
ATOM   506  O O   . ARG A 1 72  ? -11.662 -4.734  16.539  1.00 42.12 ? 662 ARG A O   1 
ATOM   507  C CB  . ARG A 1 72  ? -11.203 -6.933  18.567  1.00 42.44 ? 662 ARG A CB  1 
ATOM   508  C CG  . ARG A 1 72  ? -10.647 -7.427  19.869  1.00 49.81 ? 662 ARG A CG  1 
ATOM   509  C CD  . ARG A 1 72  ? -11.515 -8.558  20.386  1.00 55.24 ? 662 ARG A CD  1 
ATOM   510  N NE  . ARG A 1 72  ? -10.875 -9.236  21.509  1.00 67.91 ? 662 ARG A NE  1 
ATOM   511  C CZ  . ARG A 1 72  ? -11.040 -8.888  22.782  1.00 74.41 ? 662 ARG A CZ  1 
ATOM   512  N NH1 . ARG A 1 72  ? -11.841 -7.874  23.089  1.00 76.00 ? 662 ARG A NH1 1 
ATOM   513  N NH2 . ARG A 1 72  ? -10.410 -9.553  23.745  1.00 66.94 ? 662 ARG A NH2 1 
ATOM   514  N N   . PHE A 1 73  ? -10.779 -6.362  15.269  1.00 32.42 ? 663 PHE A N   1 
ATOM   515  C CA  . PHE A 1 73  ? -11.501 -5.899  14.100  1.00 34.83 ? 663 PHE A CA  1 
ATOM   516  C C   . PHE A 1 73  ? -11.890 -7.086  13.241  1.00 36.35 ? 663 PHE A C   1 
ATOM   517  O O   . PHE A 1 73  ? -11.459 -8.224  13.464  1.00 33.48 ? 663 PHE A O   1 
ATOM   518  C CB  . PHE A 1 73  ? -10.686 -4.891  13.287  1.00 32.45 ? 663 PHE A CB  1 
ATOM   519  C CG  . PHE A 1 73  ? -9.397  -5.442  12.736  1.00 30.06 ? 663 PHE A CG  1 
ATOM   520  C CD1 . PHE A 1 73  ? -8.277  -5.565  13.536  1.00 30.86 ? 663 PHE A CD1 1 
ATOM   521  C CD2 . PHE A 1 73  ? -9.306  -5.825  11.406  1.00 31.35 ? 663 PHE A CD2 1 
ATOM   522  C CE1 . PHE A 1 73  ? -7.102  -6.065  13.024  1.00 33.43 ? 663 PHE A CE1 1 
ATOM   523  C CE2 . PHE A 1 73  ? -8.122  -6.327  10.893  1.00 34.49 ? 663 PHE A CE2 1 
ATOM   524  C CZ  . PHE A 1 73  ? -7.021  -6.442  11.705  1.00 34.72 ? 663 PHE A CZ  1 
ATOM   525  N N   . GLN A 1 74  ? -12.718 -6.803  12.254  1.00 36.17 ? 664 GLN A N   1 
ATOM   526  C CA  . GLN A 1 74  ? -13.230 -7.812  11.352  1.00 37.04 ? 664 GLN A CA  1 
ATOM   527  C C   . GLN A 1 74  ? -12.869 -7.417  9.936   1.00 39.00 ? 664 GLN A C   1 
ATOM   528  O O   . GLN A 1 74  ? -12.815 -6.229  9.617   1.00 42.54 ? 664 GLN A O   1 
ATOM   529  C CB  . GLN A 1 74  ? -14.732 -7.942  11.498  1.00 37.38 ? 664 GLN A CB  1 
ATOM   530  C CG  . GLN A 1 74  ? -15.354 -8.945  10.572  1.00 37.60 ? 664 GLN A CG  1 
ATOM   531  C CD  . GLN A 1 74  ? -16.754 -9.349  11.008  1.00 40.23 ? 664 GLN A CD  1 
ATOM   532  O OE1 . GLN A 1 74  ? -17.040 -9.522  12.200  1.00 46.85 ? 664 GLN A OE1 1 
ATOM   533  N NE2 . GLN A 1 74  ? -17.631 -9.514  10.040  1.00 38.31 ? 664 GLN A NE2 1 
ATOM   534  N N   . VAL A 1 75  ? -12.612 -8.415  9.099   1.00 34.82 ? 665 VAL A N   1 
ATOM   535  C CA  . VAL A 1 75  ? -12.296 -8.225  7.691   1.00 35.10 ? 665 VAL A CA  1 
ATOM   536  C C   . VAL A 1 75  ? -13.289 -9.032  6.879   1.00 36.23 ? 665 VAL A C   1 
ATOM   537  O O   . VAL A 1 75  ? -13.422 -10.238 7.093   1.00 37.44 ? 665 VAL A O   1 
ATOM   538  C CB  . VAL A 1 75  ? -10.861 -8.671  7.366   1.00 34.63 ? 665 VAL A CB  1 
ATOM   539  C CG1 . VAL A 1 75  ? -10.584 -8.513  5.882   1.00 33.22 ? 665 VAL A CG1 1 
ATOM   540  C CG2 . VAL A 1 75  ? -9.850  -7.904  8.199   1.00 30.19 ? 665 VAL A CG2 1 
ATOM   541  N N   . ASP A 1 76  ? -13.974 -8.374  5.947   1.00 39.91 ? 666 ASP A N   1 
ATOM   542  C CA  . ASP A 1 76  ? -14.923 -9.034  5.057   1.00 35.13 ? 666 ASP A CA  1 
ATOM   543  C C   . ASP A 1 76  ? -14.572 -8.728  3.615   1.00 36.46 ? 666 ASP A C   1 
ATOM   544  O O   . ASP A 1 76  ? -14.288 -7.575  3.272   1.00 40.74 ? 666 ASP A O   1 
ATOM   545  C CB  . ASP A 1 76  ? -16.347 -8.577  5.332   1.00 37.14 ? 666 ASP A CB  1 
ATOM   546  C CG  . ASP A 1 76  ? -16.743 -8.763  6.770   1.00 50.10 ? 666 ASP A CG  1 
ATOM   547  O OD1 . ASP A 1 76  ? -16.318 -7.917  7.599   1.00 53.18 ? 666 ASP A OD1 1 
ATOM   548  O OD2 . ASP A 1 76  ? -17.455 -9.755  7.065   1.00 48.32 ? 666 ASP A OD2 1 
ATOM   549  N N   . ILE A 1 77  ? -14.603 -9.761  2.781   1.00 30.59 ? 667 ILE A N   1 
ATOM   550  C CA  . ILE A 1 77  ? -14.371 -9.660  1.351   1.00 31.83 ? 667 ILE A CA  1 
ATOM   551  C C   . ILE A 1 77  ? -15.700 -9.853  0.653   1.00 33.69 ? 667 ILE A C   1 
ATOM   552  O O   . ILE A 1 77  ? -16.454 -10.755 1.010   1.00 31.84 ? 667 ILE A O   1 
ATOM   553  C CB  . ILE A 1 77  ? -13.362 -10.714 0.882   1.00 38.99 ? 667 ILE A CB  1 
ATOM   554  C CG1 . ILE A 1 77  ? -12.156 -10.752 1.814   1.00 36.01 ? 667 ILE A CG1 1 
ATOM   555  C CG2 . ILE A 1 77  ? -12.938 -10.432 -0.543  1.00 37.33 ? 667 ILE A CG2 1 
ATOM   556  C CD1 . ILE A 1 77  ? -11.325 -11.961 1.619   1.00 34.84 ? 667 ILE A CD1 1 
ATOM   557  N N   . SER A 1 78  ? -15.994 -9.009  -0.332  1.00 46.65 ? 668 SER A N   1 
ATOM   558  C CA  . SER A 1 78  ? -17.271 -9.065  -1.036  1.00 37.27 ? 668 SER A CA  1 
ATOM   559  C C   . SER A 1 78  ? -17.049 -8.824  -2.517  1.00 40.13 ? 668 SER A C   1 
ATOM   560  O O   . SER A 1 78  ? -16.231 -7.985  -2.904  1.00 44.17 ? 668 SER A O   1 
ATOM   561  C CB  . SER A 1 78  ? -18.262 -8.038  -0.489  1.00 38.36 ? 668 SER A CB  1 
ATOM   562  O OG  . SER A 1 78  ? -19.456 -8.044  -1.250  1.00 54.78 ? 668 SER A OG  1 
ATOM   563  N N   . SER A 1 79  ? -17.786 -9.561  -3.335  1.00 41.35 ? 669 SER A N   1 
ATOM   564  C CA  . SER A 1 79  ? -17.761 -9.409  -4.780  1.00 47.07 ? 669 SER A CA  1 
ATOM   565  C C   . SER A 1 79  ? -18.982 -8.632  -5.287  1.00 51.88 ? 669 SER A C   1 
ATOM   566  O O   . SER A 1 79  ? -19.956 -8.368  -4.567  1.00 50.68 ? 669 SER A O   1 
ATOM   567  C CB  . SER A 1 79  ? -17.689 -10.782 -5.452  1.00 48.07 ? 669 SER A CB  1 
ATOM   568  O OG  . SER A 1 79  ? -18.045 -10.696 -6.820  1.00 64.24 ? 669 SER A OG  1 
ATOM   569  N N   . SER A 1 80  ? -18.899 -8.241  -6.552  1.00 49.46 ? 670 SER A N   1 
ATOM   570  C CA  . SER A 1 80  ? -20.050 -7.739  -7.257  1.00 48.71 ? 670 SER A CA  1 
ATOM   571  C C   . SER A 1 80  ? -20.746 -8.908  -7.938  1.00 49.39 ? 670 SER A C   1 
ATOM   572  O O   . SER A 1 80  ? -21.973 -8.953  -7.979  1.00 57.70 ? 670 SER A O   1 
ATOM   573  C CB  . SER A 1 80  ? -19.635 -6.686  -8.271  1.00 47.71 ? 670 SER A CB  1 
ATOM   574  O OG  . SER A 1 80  ? -18.763 -7.250  -9.231  1.00 48.17 ? 670 SER A OG  1 
ATOM   575  N N   . GLY A 1 96  ? -15.725 -9.384  -12.363 1.00 53.90 ? 686 GLY A N   1 
ATOM   576  C CA  . GLY A 1 96  ? -16.281 -8.451  -11.396 1.00 49.81 ? 686 GLY A CA  1 
ATOM   577  C C   . GLY A 1 96  ? -15.227 -7.578  -10.731 1.00 55.02 ? 686 GLY A C   1 
ATOM   578  O O   . GLY A 1 96  ? -14.085 -7.480  -11.211 1.00 55.22 ? 686 GLY A O   1 
ATOM   579  N N   . ILE A 1 97  ? -15.614 -6.915  -9.638  1.00 46.29 ? 687 ILE A N   1 
ATOM   580  C CA  . ILE A 1 97  ? -14.677 -6.236  -8.758  1.00 37.87 ? 687 ILE A CA  1 
ATOM   581  C C   . ILE A 1 97  ? -14.972 -6.651  -7.320  1.00 41.99 ? 687 ILE A C   1 
ATOM   582  O O   . ILE A 1 97  ? -16.007 -7.254  -7.019  1.00 48.91 ? 687 ILE A O   1 
ATOM   583  C CB  . ILE A 1 97  ? -14.726 -4.706  -8.895  1.00 44.11 ? 687 ILE A CB  1 
ATOM   584  C CG1 . ILE A 1 97  ? -15.987 -4.149  -8.241  1.00 46.25 ? 687 ILE A CG1 1 
ATOM   585  C CG2 . ILE A 1 97  ? -14.657 -4.299  -10.343 1.00 45.70 ? 687 ILE A CG2 1 
ATOM   586  C CD1 . ILE A 1 97  ? -16.032 -2.645  -8.270  1.00 37.62 ? 687 ILE A CD1 1 
ATOM   587  N N   . TYR A 1 98  ? -14.042 -6.309  -6.426  1.00 36.41 ? 688 TYR A N   1 
ATOM   588  C CA  . TYR A 1 98  ? -14.031 -6.833  -5.069  1.00 37.12 ? 688 TYR A CA  1 
ATOM   589  C C   . TYR A 1 98  ? -13.828 -5.705  -4.079  1.00 35.07 ? 688 TYR A C   1 
ATOM   590  O O   . TYR A 1 98  ? -13.157 -4.718  -4.381  1.00 38.51 ? 688 TYR A O   1 
ATOM   591  C CB  . TYR A 1 98  ? -12.915 -7.864  -4.865  1.00 39.71 ? 688 TYR A CB  1 
ATOM   592  C CG  . TYR A 1 98  ? -13.154 -9.196  -5.525  1.00 40.89 ? 688 TYR A CG  1 
ATOM   593  C CD1 . TYR A 1 98  ? -13.945 -10.147 -4.917  1.00 46.43 ? 688 TYR A CD1 1 
ATOM   594  C CD2 . TYR A 1 98  ? -12.590 -9.504  -6.753  1.00 44.87 ? 688 TYR A CD2 1 
ATOM   595  C CE1 . TYR A 1 98  ? -14.175 -11.381 -5.513  1.00 53.94 ? 688 TYR A CE1 1 
ATOM   596  C CE2 . TYR A 1 98  ? -12.808 -10.730 -7.359  1.00 44.50 ? 688 TYR A CE2 1 
ATOM   597  C CZ  . TYR A 1 98  ? -13.605 -11.670 -6.733  1.00 55.97 ? 688 TYR A CZ  1 
ATOM   598  O OH  . TYR A 1 98  ? -13.837 -12.903 -7.319  1.00 68.88 ? 688 TYR A OH  1 
ATOM   599  N N   . SER A 1 99  ? -14.391 -5.861  -2.888  1.00 31.08 ? 689 SER A N   1 
ATOM   600  C CA  . SER A 1 99  ? -14.172 -4.906  -1.815  1.00 33.73 ? 689 SER A CA  1 
ATOM   601  C C   . SER A 1 99  ? -13.772 -5.648  -0.551  1.00 38.36 ? 689 SER A C   1 
ATOM   602  O O   . SER A 1 99  ? -14.280 -6.739  -0.282  1.00 37.91 ? 689 SER A O   1 
ATOM   603  C CB  . SER A 1 99  ? -15.409 -4.065  -1.551  1.00 32.97 ? 689 SER A CB  1 
ATOM   604  O OG  . SER A 1 99  ? -16.514 -4.895  -1.250  1.00 47.89 ? 689 SER A OG  1 
ATOM   605  N N   . VAL A 1 100 ? -12.851 -5.061  0.209   1.00 33.87 ? 690 VAL A N   1 
ATOM   606  C CA  . VAL A 1 100 ? -12.459 -5.560  1.522   1.00 32.32 ? 690 VAL A CA  1 
ATOM   607  C C   . VAL A 1 100 ? -12.890 -4.523  2.541   1.00 33.67 ? 690 VAL A C   1 
ATOM   608  O O   . VAL A 1 100 ? -12.464 -3.364  2.480   1.00 33.93 ? 690 VAL A O   1 
ATOM   609  C CB  . VAL A 1 100 ? -10.947 -5.831  1.614   1.00 34.69 ? 690 VAL A CB  1 
ATOM   610  C CG1 . VAL A 1 100 ? -10.599 -6.482  2.933   1.00 32.60 ? 690 VAL A CG1 1 
ATOM   611  C CG2 . VAL A 1 100 ? -10.484 -6.718  0.478   1.00 31.89 ? 690 VAL A CG2 1 
ATOM   612  N N   . THR A 1 101 ? -13.733 -4.931  3.472   1.00 34.39 ? 691 THR A N   1 
ATOM   613  C CA  . THR A 1 101 ? -14.211 -4.059  4.532   1.00 37.35 ? 691 THR A CA  1 
ATOM   614  C C   . THR A 1 101 ? -13.454 -4.379  5.820   1.00 37.91 ? 691 THR A C   1 
ATOM   615  O O   . THR A 1 101 ? -13.395 -5.542  6.234   1.00 37.40 ? 691 THR A O   1 
ATOM   616  C CB  . THR A 1 101 ? -15.715 -4.251  4.713   1.00 37.74 ? 691 THR A CB  1 
ATOM   617  O OG1 . THR A 1 101 ? -16.350 -4.236  3.428   1.00 38.44 ? 691 THR A OG1 1 
ATOM   618  C CG2 . THR A 1 101 ? -16.299 -3.162  5.581   1.00 36.84 ? 691 THR A CG2 1 
ATOM   619  N N   . PHE A 1 102 ? -12.866 -3.356  6.435   1.00 36.07 ? 692 PHE A N   1 
ATOM   620  C CA  . PHE A 1 102 ? -12.197 -3.479  7.729   1.00 33.48 ? 692 PHE A CA  1 
ATOM   621  C C   . PHE A 1 102 ? -13.074 -2.788  8.761   1.00 35.92 ? 692 PHE A C   1 
ATOM   622  O O   . PHE A 1 102 ? -13.252 -1.568  8.713   1.00 41.80 ? 692 PHE A O   1 
ATOM   623  C CB  . PHE A 1 102 ? -10.806 -2.847  7.716   1.00 31.32 ? 692 PHE A CB  1 
ATOM   624  C CG  . PHE A 1 102 ? -9.840  -3.528  6.819   1.00 33.30 ? 692 PHE A CG  1 
ATOM   625  C CD1 . PHE A 1 102 ? -9.729  -3.161  5.492   1.00 37.13 ? 692 PHE A CD1 1 
ATOM   626  C CD2 . PHE A 1 102 ? -9.020  -4.525  7.296   1.00 34.82 ? 692 PHE A CD2 1 
ATOM   627  C CE1 . PHE A 1 102 ? -8.830  -3.786  4.642   1.00 33.44 ? 692 PHE A CE1 1 
ATOM   628  C CE2 . PHE A 1 102 ? -8.112  -5.152  6.447   1.00 38.67 ? 692 PHE A CE2 1 
ATOM   629  C CZ  . PHE A 1 102 ? -8.025  -4.774  5.113   1.00 34.17 ? 692 PHE A CZ  1 
ATOM   630  N N   . THR A 1 103 ? -13.602 -3.548  9.705   1.00 32.92 ? 693 THR A N   1 
ATOM   631  C CA  . THR A 1 103 ? -14.586 -3.033  10.645  1.00 33.08 ? 693 THR A CA  1 
ATOM   632  C C   . THR A 1 103 ? -14.038 -3.099  12.056  1.00 34.87 ? 693 THR A C   1 
ATOM   633  O O   . THR A 1 103 ? -13.663 -4.176  12.533  1.00 40.56 ? 693 THR A O   1 
ATOM   634  C CB  . THR A 1 103 ? -15.874 -3.830  10.573  1.00 35.59 ? 693 THR A CB  1 
ATOM   635  O OG1 . THR A 1 103 ? -16.232 -4.033  9.203   1.00 40.78 ? 693 THR A OG1 1 
ATOM   636  C CG2 . THR A 1 103 ? -16.960 -3.089  11.277  1.00 37.00 ? 693 THR A CG2 1 
ATOM   637  N N   . LEU A 1 104 ? -14.011 -1.958  12.727  1.00 35.80 ? 694 LEU A N   1 
ATOM   638  C CA  . LEU A 1 104 ? -13.480 -1.905  14.078  1.00 37.23 ? 694 LEU A CA  1 
ATOM   639  C C   . LEU A 1 104 ? -14.519 -2.444  15.051  1.00 38.43 ? 694 LEU A C   1 
ATOM   640  O O   . LEU A 1 104 ? -15.670 -2.005  15.038  1.00 41.46 ? 694 LEU A O   1 
ATOM   641  C CB  . LEU A 1 104 ? -13.088 -0.476  14.428  1.00 37.13 ? 694 LEU A CB  1 
ATOM   642  C CG  . LEU A 1 104 ? -12.510 -0.224  15.807  1.00 38.25 ? 694 LEU A CG  1 
ATOM   643  C CD1 . LEU A 1 104 ? -11.329 -1.132  16.069  1.00 37.01 ? 694 LEU A CD1 1 
ATOM   644  C CD2 . LEU A 1 104 ? -12.100 1.224   15.887  1.00 39.85 ? 694 LEU A CD2 1 
ATOM   645  N N   . ILE A 1 105 ? -14.116 -3.418  15.863  1.00 36.83 ? 695 ILE A N   1 
ATOM   646  C CA  . ILE A 1 105 ? -14.957 -3.985  16.909  1.00 41.10 ? 695 ILE A CA  1 
ATOM   647  C C   . ILE A 1 105 ? -14.668 -3.333  18.249  1.00 43.95 ? 695 ILE A C   1 
ATOM   648  O O   . ILE A 1 105 ? -15.585 -2.942  18.973  1.00 45.74 ? 695 ILE A O   1 
ATOM   649  C CB  . ILE A 1 105 ? -14.776 -5.522  16.979  1.00 43.97 ? 695 ILE A CB  1 
ATOM   650  C CG1 . ILE A 1 105 ? -15.250 -6.184  15.684  1.00 42.59 ? 695 ILE A CG1 1 
ATOM   651  C CG2 . ILE A 1 105 ? -15.552 -6.113  18.120  1.00 36.67 ? 695 ILE A CG2 1 
ATOM   652  C CD1 . ILE A 1 105 ? -15.052 -7.679  15.673  1.00 39.81 ? 695 ILE A CD1 1 
ATOM   653  N N   . SER A 1 106 ? -13.391 -3.186  18.584  1.00 40.10 ? 696 SER A N   1 
ATOM   654  C CA  . SER A 1 106 ? -13.023 -2.607  19.865  1.00 44.88 ? 696 SER A CA  1 
ATOM   655  C C   . SER A 1 106 ? -11.545 -2.241  19.831  1.00 49.24 ? 696 SER A C   1 
ATOM   656  O O   . SER A 1 106 ? -10.752 -2.876  19.123  1.00 45.46 ? 696 SER A O   1 
ATOM   657  C CB  . SER A 1 106 ? -13.323 -3.579  21.019  1.00 46.01 ? 696 SER A CB  1 
ATOM   658  O OG  . SER A 1 106 ? -12.385 -4.652  21.061  1.00 53.78 ? 696 SER A OG  1 
ATOM   659  N N   . GLY A 1 107 ? -11.185 -1.203  20.596  1.00 44.85 ? 697 GLY A N   1 
ATOM   660  C CA  . GLY A 1 107 ? -9.809  -0.774  20.699  1.00 44.06 ? 697 GLY A CA  1 
ATOM   661  C C   . GLY A 1 107 ? -9.529  0.593   20.101  1.00 48.76 ? 697 GLY A C   1 
ATOM   662  O O   . GLY A 1 107 ? -10.413 1.285   19.578  1.00 46.42 ? 697 GLY A O   1 
ATOM   663  N N   . PRO A 1 108 ? -8.264  1.000   20.165  1.00 47.84 ? 698 PRO A N   1 
ATOM   664  C CA  . PRO A 1 108 ? -7.898  2.365   19.772  1.00 43.44 ? 698 PRO A CA  1 
ATOM   665  C C   . PRO A 1 108 ? -8.000  2.582   18.271  1.00 45.84 ? 698 PRO A C   1 
ATOM   666  O O   . PRO A 1 108 ? -7.372  1.880   17.474  1.00 45.21 ? 698 PRO A O   1 
ATOM   667  C CB  . PRO A 1 108 ? -6.458  2.495   20.261  1.00 38.38 ? 698 PRO A CB  1 
ATOM   668  C CG  . PRO A 1 108 ? -5.972  1.104   20.336  1.00 47.83 ? 698 PRO A CG  1 
ATOM   669  C CD  . PRO A 1 108 ? -7.129  0.286   20.764  1.00 48.07 ? 698 PRO A CD  1 
ATOM   670  N N   . SER A 1 109 ? -8.783  3.596   17.906  1.00 50.41 ? 699 SER A N   1 
ATOM   671  C CA  . SER A 1 109 ? -9.017  3.942   16.509  1.00 48.10 ? 699 SER A CA  1 
ATOM   672  C C   . SER A 1 109 ? -7.713  4.145   15.737  1.00 53.06 ? 699 SER A C   1 
ATOM   673  O O   . SER A 1 109 ? -7.580  3.706   14.590  1.00 55.33 ? 699 SER A O   1 
ATOM   674  C CB  . SER A 1 109 ? -9.882  5.198   16.464  1.00 44.93 ? 699 SER A CB  1 
ATOM   675  O OG  . SER A 1 109 ? -10.505 5.340   15.214  1.00 58.43 ? 699 SER A OG  1 
ATOM   676  N N   . ARG A 1 110 ? -6.725  4.786   16.352  1.00 55.21 ? 700 ARG A N   1 
ATOM   677  C CA  . ARG A 1 110 ? -5.528  5.137   15.600  1.00 57.09 ? 700 ARG A CA  1 
ATOM   678  C C   . ARG A 1 110 ? -4.683  3.909   15.272  1.00 55.04 ? 700 ARG A C   1 
ATOM   679  O O   . ARG A 1 110 ? -4.187  3.771   14.146  1.00 60.76 ? 700 ARG A O   1 
ATOM   680  C CB  . ARG A 1 110 ? -4.717  6.189   16.359  1.00 65.69 ? 700 ARG A CB  1 
ATOM   681  C CG  . ARG A 1 110 ? -5.311  7.596   16.226  1.00 76.69 ? 700 ARG A CG  1 
ATOM   682  C CD  . ARG A 1 110 ? -5.581  7.940   14.750  1.00 82.36 ? 700 ARG A CD  1 
ATOM   683  N NE  . ARG A 1 110 ? -6.316  9.192   14.542  1.00 88.24 ? 700 ARG A NE  1 
ATOM   684  C CZ  . ARG A 1 110 ? -7.601  9.265   14.193  1.00 91.67 ? 700 ARG A CZ  1 
ATOM   685  N NH1 . ARG A 1 110 ? -8.316  8.156   14.021  1.00 78.39 ? 700 ARG A NH1 1 
ATOM   686  N NH2 . ARG A 1 110 ? -8.177  10.451  14.017  1.00 88.55 ? 700 ARG A NH2 1 
ATOM   687  N N   . ARG A 1 111 ? -4.486  3.003   16.236  1.00 54.41 ? 701 ARG A N   1 
ATOM   688  C CA  . ARG A 1 111 ? -3.717  1.820   15.872  1.00 50.74 ? 701 ARG A CA  1 
ATOM   689  C C   . ARG A 1 111 ? -4.512  0.890   14.972  1.00 47.36 ? 701 ARG A C   1 
ATOM   690  O O   . ARG A 1 111 ? -3.926  0.031   14.312  1.00 43.54 ? 701 ARG A O   1 
ATOM   691  C CB  . ARG A 1 111 ? -3.222  1.070   17.100  1.00 48.42 ? 701 ARG A CB  1 
ATOM   692  C CG  . ARG A 1 111 ? -1.947  0.329   16.774  1.00 58.33 ? 701 ARG A CG  1 
ATOM   693  C CD  . ARG A 1 111 ? -1.062  0.096   17.978  1.00 68.41 ? 701 ARG A CD  1 
ATOM   694  N NE  . ARG A 1 111 ? -0.618  1.316   18.636  1.00 71.77 ? 701 ARG A NE  1 
ATOM   695  C CZ  . ARG A 1 111 ? 0.217   1.331   19.671  1.00 78.72 ? 701 ARG A CZ  1 
ATOM   696  N NH1 . ARG A 1 111 ? 0.700   0.187   20.152  1.00 70.13 ? 701 ARG A NH1 1 
ATOM   697  N NH2 . ARG A 1 111 ? 0.573   2.490   20.219  1.00 84.21 ? 701 ARG A NH2 1 
ATOM   698  N N   . PHE A 1 112 ? -5.830  1.064   14.913  1.00 46.99 ? 702 PHE A N   1 
ATOM   699  C CA  . PHE A 1 112 ? -6.621  0.361   13.916  1.00 42.67 ? 702 PHE A CA  1 
ATOM   700  C C   . PHE A 1 112 ? -6.163  0.708   12.510  1.00 45.66 ? 702 PHE A C   1 
ATOM   701  O O   . PHE A 1 112 ? -5.939  -0.190  11.692  1.00 46.16 ? 702 PHE A O   1 
ATOM   702  C CB  . PHE A 1 112 ? -8.095  0.693   14.118  1.00 41.34 ? 702 PHE A CB  1 
ATOM   703  C CG  . PHE A 1 112 ? -9.005  0.117   13.081  1.00 36.90 ? 702 PHE A CG  1 
ATOM   704  C CD1 . PHE A 1 112 ? -8.963  -1.218  12.765  1.00 37.89 ? 702 PHE A CD1 1 
ATOM   705  C CD2 . PHE A 1 112 ? -9.937  0.913   12.443  1.00 39.20 ? 702 PHE A CD2 1 
ATOM   706  C CE1 . PHE A 1 112 ? -9.819  -1.739  11.807  1.00 32.83 ? 702 PHE A CE1 1 
ATOM   707  C CE2 . PHE A 1 112 ? -10.797 0.393   11.498  1.00 40.25 ? 702 PHE A CE2 1 
ATOM   708  C CZ  . PHE A 1 112 ? -10.735 -0.925  11.179  1.00 36.98 ? 702 PHE A CZ  1 
ATOM   709  N N   . LYS A 1 113 ? -5.978  2.010   12.228  1.00 50.24 ? 703 LYS A N   1 
ATOM   710  C CA  . LYS A 1 113 ? -5.587  2.455   10.890  1.00 47.22 ? 703 LYS A CA  1 
ATOM   711  C C   . LYS A 1 113 ? -4.209  1.938   10.488  1.00 49.25 ? 703 LYS A C   1 
ATOM   712  O O   . LYS A 1 113 ? -4.014  1.562   9.330   1.00 50.65 ? 703 LYS A O   1 
ATOM   713  C CB  . LYS A 1 113 ? -5.633  3.981   10.801  1.00 52.31 ? 703 LYS A CB  1 
ATOM   714  C CG  . LYS A 1 113 ? -6.482  4.519   9.634   1.00 61.96 ? 703 LYS A CG  1 
ATOM   715  C CD  . LYS A 1 113 ? -5.638  5.159   8.507   1.00 69.59 ? 703 LYS A CD  1 
ATOM   716  C CE  . LYS A 1 113 ? -6.078  4.726   7.087   1.00 68.38 ? 703 LYS A CE  1 
ATOM   717  N NZ  . LYS A 1 113 ? -5.120  5.162   6.016   1.00 68.97 ? 703 LYS A NZ  1 
ATOM   718  N N   . ARG A 1 114 ? -3.243  1.900   11.419  1.00 44.73 ? 704 ARG A N   1 
ATOM   719  C CA  . ARG A 1 114 ? -1.901  1.411   11.077  1.00 49.23 ? 704 ARG A CA  1 
ATOM   720  C C   . ARG A 1 114 ? -1.910  -0.074  10.727  1.00 49.11 ? 704 ARG A C   1 
ATOM   721  O O   . ARG A 1 114 ? -1.203  -0.506  9.808   1.00 50.89 ? 704 ARG A O   1 
ATOM   722  C CB  . ARG A 1 114 ? -0.915  1.630   12.229  1.00 57.64 ? 704 ARG A CB  1 
ATOM   723  C CG  . ARG A 1 114 ? -0.808  3.028   12.797  1.00 60.88 ? 704 ARG A CG  1 
ATOM   724  C CD  . ARG A 1 114 ? -0.424  4.049   11.743  1.00 66.77 ? 704 ARG A CD  1 
ATOM   725  N NE  . ARG A 1 114 ? -1.549  4.935   11.478  1.00 72.89 ? 704 ARG A NE  1 
ATOM   726  C CZ  . ARG A 1 114 ? -1.881  5.960   12.254  1.00 78.56 ? 704 ARG A CZ  1 
ATOM   727  N NH1 . ARG A 1 114 ? -2.935  6.716   11.955  1.00 85.30 ? 704 ARG A NH1 1 
ATOM   728  N NH2 . ARG A 1 114 ? -1.159  6.230   13.334  1.00 70.63 ? 704 ARG A NH2 1 
ATOM   729  N N   . VAL A 1 115 ? -2.643  -0.879  11.498  1.00 50.02 ? 705 VAL A N   1 
ATOM   730  C CA  . VAL A 1 115 ? -2.786  -2.295  11.176  1.00 44.08 ? 705 VAL A CA  1 
ATOM   731  C C   . VAL A 1 115 ? -3.436  -2.458  9.812   1.00 43.44 ? 705 VAL A C   1 
ATOM   732  O O   . VAL A 1 115 ? -2.970  -3.231  8.966   1.00 41.08 ? 705 VAL A O   1 
ATOM   733  C CB  . VAL A 1 115 ? -3.604  -3.007  12.262  1.00 41.01 ? 705 VAL A CB  1 
ATOM   734  C CG1 . VAL A 1 115 ? -3.776  -4.456  11.897  1.00 42.30 ? 705 VAL A CG1 1 
ATOM   735  C CG2 . VAL A 1 115 ? -2.939  -2.861  13.610  1.00 43.62 ? 705 VAL A CG2 1 
ATOM   736  N N   . VAL A 1 116 ? -4.529  -1.730  9.582   1.00 40.22 ? 706 VAL A N   1 
ATOM   737  C CA  . VAL A 1 116 ? -5.238  -1.854  8.317   1.00 41.20 ? 706 VAL A CA  1 
ATOM   738  C C   . VAL A 1 116 ? -4.345  -1.417  7.169   1.00 45.00 ? 706 VAL A C   1 
ATOM   739  O O   . VAL A 1 116 ? -4.330  -2.039  6.098   1.00 44.66 ? 706 VAL A O   1 
ATOM   740  C CB  . VAL A 1 116 ? -6.547  -1.053  8.365   1.00 40.27 ? 706 VAL A CB  1 
ATOM   741  C CG1 . VAL A 1 116 ? -7.144  -0.933  6.991   1.00 39.06 ? 706 VAL A CG1 1 
ATOM   742  C CG2 . VAL A 1 116 ? -7.517  -1.738  9.276   1.00 40.09 ? 706 VAL A CG2 1 
ATOM   743  N N   . GLU A 1 117 ? -3.562  -0.356  7.386   1.00 48.65 ? 707 GLU A N   1 
ATOM   744  C CA  . GLU A 1 117 ? -2.657  0.128   6.348   1.00 50.90 ? 707 GLU A CA  1 
ATOM   745  C C   . GLU A 1 117 ? -1.652  -0.944  5.974   1.00 48.04 ? 707 GLU A C   1 
ATOM   746  O O   . GLU A 1 117 ? -1.481  -1.275  4.791   1.00 46.83 ? 707 GLU A O   1 
ATOM   747  C CB  . GLU A 1 117 ? -1.941  1.392   6.817   1.00 50.39 ? 707 GLU A CB  1 
ATOM   748  C CG  . GLU A 1 117 ? -2.730  2.639   6.536   1.00 52.61 ? 707 GLU A CG  1 
ATOM   749  C CD  . GLU A 1 117 ? -2.254  3.821   7.337   1.00 63.54 ? 707 GLU A CD  1 
ATOM   750  O OE1 . GLU A 1 117 ? -1.307  3.665   8.149   1.00 63.72 ? 707 GLU A OE1 1 
ATOM   751  O OE2 . GLU A 1 117 ? -2.841  4.906   7.141   1.00 67.62 ? 707 GLU A OE2 1 
ATOM   752  N N   . THR A 1 118 ? -0.978  -1.495  6.981   1.00 40.48 ? 708 THR A N   1 
ATOM   753  C CA  . THR A 1 118 ? -0.129  -2.649  6.748   1.00 40.75 ? 708 THR A CA  1 
ATOM   754  C C   . THR A 1 118 ? -0.841  -3.695  5.899   1.00 47.14 ? 708 THR A C   1 
ATOM   755  O O   . THR A 1 118 ? -0.265  -4.220  4.940   1.00 46.51 ? 708 THR A O   1 
ATOM   756  C CB  . THR A 1 118 ? 0.300   -3.225  8.086   1.00 42.00 ? 708 THR A CB  1 
ATOM   757  O OG1 . THR A 1 118 ? 0.832   -2.162  8.893   1.00 49.03 ? 708 THR A OG1 1 
ATOM   758  C CG2 . THR A 1 118 ? 1.335   -4.310  7.884   1.00 34.77 ? 708 THR A CG2 1 
ATOM   759  N N   . ILE A 1 119 ? -2.118  -3.961  6.194   1.00 42.95 ? 709 ILE A N   1 
ATOM   760  C CA  . ILE A 1 119 ? -2.833  -5.008  5.477   1.00 38.37 ? 709 ILE A CA  1 
ATOM   761  C C   . ILE A 1 119 ? -3.084  -4.598  4.034   1.00 42.42 ? 709 ILE A C   1 
ATOM   762  O O   . ILE A 1 119 ? -2.809  -5.362  3.102   1.00 44.74 ? 709 ILE A O   1 
ATOM   763  C CB  . ILE A 1 119 ? -4.139  -5.356  6.206   1.00 39.47 ? 709 ILE A CB  1 
ATOM   764  C CG1 . ILE A 1 119 ? -3.847  -5.878  7.608   1.00 43.66 ? 709 ILE A CG1 1 
ATOM   765  C CG2 . ILE A 1 119 ? -4.891  -6.395  5.454   1.00 34.42 ? 709 ILE A CG2 1 
ATOM   766  C CD1 . ILE A 1 119 ? -5.092  -6.125  8.411   1.00 41.37 ? 709 ILE A CD1 1 
ATOM   767  N N   . GLN A 1 120 ? -3.618  -3.394  3.818   1.00 43.99 ? 710 GLN A N   1 
ATOM   768  C CA  . GLN A 1 120 ? -3.809  -2.925  2.447   1.00 43.82 ? 710 GLN A CA  1 
ATOM   769  C C   . GLN A 1 120 ? -2.514  -2.953  1.651   1.00 42.70 ? 710 GLN A C   1 
ATOM   770  O O   . GLN A 1 120 ? -2.543  -3.156  0.433   1.00 42.62 ? 710 GLN A O   1 
ATOM   771  C CB  . GLN A 1 120 ? -4.361  -1.510  2.441   1.00 44.31 ? 710 GLN A CB  1 
ATOM   772  C CG  . GLN A 1 120 ? -5.680  -1.341  3.135   1.00 46.60 ? 710 GLN A CG  1 
ATOM   773  C CD  . GLN A 1 120 ? -6.280  0.019   2.861   1.00 49.00 ? 710 GLN A CD  1 
ATOM   774  O OE1 . GLN A 1 120 ? -5.566  1.005   2.737   1.00 57.70 ? 710 GLN A OE1 1 
ATOM   775  N NE2 . GLN A 1 120 ? -7.595  0.073   2.744   1.00 48.42 ? 710 GLN A NE2 1 
ATOM   776  N N   . ALA A 1 121 ? -1.377  -2.737  2.313   1.00 46.70 ? 711 ALA A N   1 
ATOM   777  C CA  . ALA A 1 121 ? -0.105  -2.700  1.603   1.00 46.29 ? 711 ALA A CA  1 
ATOM   778  C C   . ALA A 1 121 ? 0.201   -4.033  0.945   1.00 45.64 ? 711 ALA A C   1 
ATOM   779  O O   . ALA A 1 121 ? 0.619   -4.076  -0.215  1.00 47.35 ? 711 ALA A O   1 
ATOM   780  C CB  . ALA A 1 121 ? 1.010   -2.302  2.560   1.00 46.04 ? 711 ALA A CB  1 
ATOM   781  N N   . GLN A 1 122 ? 0.007   -5.134  1.666   1.00 50.37 ? 712 GLN A N   1 
ATOM   782  C CA  . GLN A 1 122 ? 0.226   -6.430  1.042   1.00 46.03 ? 712 GLN A CA  1 
ATOM   783  C C   . GLN A 1 122 ? -0.765  -6.659  -0.070  1.00 43.64 ? 712 GLN A C   1 
ATOM   784  O O   . GLN A 1 122 ? -0.453  -7.331  -1.055  1.00 48.09 ? 712 GLN A O   1 
ATOM   785  C CB  . GLN A 1 122 ? 0.128   -7.540  2.075   1.00 44.77 ? 712 GLN A CB  1 
ATOM   786  C CG  . GLN A 1 122 ? 0.676   -8.886  1.586   1.00 58.67 ? 712 GLN A CG  1 
ATOM   787  C CD  . GLN A 1 122 ? 2.202   -8.943  1.570   1.00 63.62 ? 712 GLN A CD  1 
ATOM   788  O OE1 . GLN A 1 122 ? 2.854   -8.920  2.625   1.00 61.73 ? 712 GLN A OE1 1 
ATOM   789  N NE2 . GLN A 1 122 ? 2.779   -9.026  0.367   1.00 63.13 ? 712 GLN A NE2 1 
ATOM   790  N N   . LEU A 1 123 ? -1.953  -6.074  0.062   1.00 46.54 ? 713 LEU A N   1 
ATOM   791  C CA  . LEU A 1 123 ? -3.025  -6.269  -0.898  1.00 45.26 ? 713 LEU A CA  1 
ATOM   792  C C   . LEU A 1 123 ? -2.760  -5.560  -2.214  1.00 43.66 ? 713 LEU A C   1 
ATOM   793  O O   . LEU A 1 123 ? -3.436  -5.845  -3.203  1.00 51.22 ? 713 LEU A O   1 
ATOM   794  C CB  . LEU A 1 123 ? -4.345  -5.809  -0.277  1.00 39.40 ? 713 LEU A CB  1 
ATOM   795  C CG  . LEU A 1 123 ? -5.122  -6.911  0.450   1.00 36.69 ? 713 LEU A CG  1 
ATOM   796  C CD1 . LEU A 1 123 ? -6.385  -6.401  1.111   1.00 41.22 ? 713 LEU A CD1 1 
ATOM   797  C CD2 . LEU A 1 123 ? -5.469  -7.986  -0.550  1.00 38.48 ? 713 LEU A CD2 1 
ATOM   798  N N   . LEU A 1 124 ? -1.797  -4.650  -2.256  1.00 45.15 ? 714 LEU A N   1 
ATOM   799  C CA  . LEU A 1 124 ? -1.448  -3.988  -3.504  1.00 50.22 ? 714 LEU A CA  1 
ATOM   800  C C   . LEU A 1 124 ? -0.415  -4.750  -4.322  1.00 55.23 ? 714 LEU A C   1 
ATOM   801  O O   . LEU A 1 124 ? -0.421  -4.648  -5.557  1.00 54.71 ? 714 LEU A O   1 
ATOM   802  C CB  . LEU A 1 124 ? -0.930  -2.589  -3.204  1.00 53.27 ? 714 LEU A CB  1 
ATOM   803  C CG  . LEU A 1 124 ? -1.997  -1.505  -3.292  1.00 62.77 ? 714 LEU A CG  1 
ATOM   804  C CD1 . LEU A 1 124 ? -3.373  -2.004  -2.796  1.00 52.51 ? 714 LEU A CD1 1 
ATOM   805  C CD2 . LEU A 1 124 ? -1.513  -0.310  -2.496  1.00 55.00 ? 714 LEU A CD2 1 
ATOM   806  N N   . SER A 1 125 ? 0.475   -5.494  -3.659  1.00 56.54 ? 715 SER A N   1 
ATOM   807  C CA  . SER A 1 125 ? 1.509   -6.242  -4.362  1.00 56.91 ? 715 SER A CA  1 
ATOM   808  C C   . SER A 1 125 ? 0.886   -7.222  -5.344  1.00 62.76 ? 715 SER A C   1 
ATOM   809  O O   . SER A 1 125 ? -0.098  -7.899  -5.034  1.00 67.02 ? 715 SER A O   1 
ATOM   810  C CB  . SER A 1 125 ? 2.400   -6.989  -3.370  1.00 51.15 ? 715 SER A CB  1 
ATOM   811  O OG  . SER A 1 125 ? 3.047   -6.078  -2.508  1.00 58.52 ? 715 SER A OG  1 
ATOM   812  N N   . THR A 1 126 ? 1.453   -7.283  -6.542  1.00 62.62 ? 716 THR A N   1 
ATOM   813  C CA  . THR A 1 126 ? 0.988   -8.243  -7.535  1.00 64.32 ? 716 THR A CA  1 
ATOM   814  C C   . THR A 1 126 ? 2.154   -9.091  -8.030  1.00 67.60 ? 716 THR A C   1 
ATOM   815  O O   . THR A 1 126 ? 2.086   -10.322 -8.002  1.00 74.46 ? 716 THR A O   1 
ATOM   816  C CB  . THR A 1 126 ? 0.293   -7.552  -8.737  1.00 68.56 ? 716 THR A CB  1 
ATOM   817  O OG1 . THR A 1 126 ? 1.255   -6.809  -9.496  1.00 71.80 ? 716 THR A OG1 1 
ATOM   818  C CG2 . THR A 1 126 ? -0.822  -6.615  -8.252  1.00 59.21 ? 716 THR A CG2 1 
ATOM   819  N N   . GLY B 1 7   ? -9.109  9.516   4.876   1.00 65.31 ? 597 GLY B N   1 
ATOM   820  C CA  . GLY B 1 7   ? -8.270  9.664   3.699   1.00 65.31 ? 597 GLY B CA  1 
ATOM   821  C C   . GLY B 1 7   ? -8.754  8.845   2.510   1.00 65.31 ? 597 GLY B C   1 
ATOM   822  O O   . GLY B 1 7   ? -9.430  7.822   2.649   1.00 65.31 ? 597 GLY B O   1 
ATOM   823  N N   . ASN B 1 8   ? -8.374  9.331   1.330   1.00 62.68 ? 598 ASN B N   1 
ATOM   824  C CA  . ASN B 1 8   ? -8.600  8.646   0.064   1.00 62.68 ? 598 ASN B CA  1 
ATOM   825  C C   . ASN B 1 8   ? -7.292  8.415   -0.698  1.00 62.68 ? 598 ASN B C   1 
ATOM   826  O O   . ASN B 1 8   ? -6.484  9.329   -0.868  1.00 62.68 ? 598 ASN B O   1 
ATOM   827  C CB  . ASN B 1 8   ? -9.584  9.432   -0.804  1.00 52.68 ? 598 ASN B CB  1 
ATOM   828  C CG  . ASN B 1 8   ? -10.663 8.553   -1.401  1.00 52.68 ? 598 ASN B CG  1 
ATOM   829  O OD1 . ASN B 1 8   ? -11.833 8.645   -1.028  1.00 52.68 ? 598 ASN B OD1 1 
ATOM   830  N ND2 . ASN B 1 8   ? -10.276 7.692   -2.337  1.00 52.68 ? 598 ASN B ND2 1 
ATOM   831  N N   . PHE B 1 9   ? -7.102  7.182   -1.152  1.00 50.34 ? 599 PHE B N   1 
ATOM   832  C CA  . PHE B 1 9   ? -5.949  6.768   -1.931  1.00 47.36 ? 599 PHE B CA  1 
ATOM   833  C C   . PHE B 1 9   ? -6.524  6.208   -3.217  1.00 47.33 ? 599 PHE B C   1 
ATOM   834  O O   . PHE B 1 9   ? -7.410  5.356   -3.169  1.00 46.53 ? 599 PHE B O   1 
ATOM   835  C CB  . PHE B 1 9   ? -5.120  5.694   -1.201  1.00 55.86 ? 599 PHE B CB  1 
ATOM   836  C CG  . PHE B 1 9   ? -4.462  6.173   0.080   1.00 66.03 ? 599 PHE B CG  1 
ATOM   837  C CD1 . PHE B 1 9   ? -5.134  6.133   1.320   1.00 71.12 ? 599 PHE B CD1 1 
ATOM   838  C CD2 . PHE B 1 9   ? -3.167  6.658   0.053   1.00 65.88 ? 599 PHE B CD2 1 
ATOM   839  C CE1 . PHE B 1 9   ? -4.518  6.577   2.507   1.00 67.20 ? 599 PHE B CE1 1 
ATOM   840  C CE2 . PHE B 1 9   ? -2.542  7.112   1.232   1.00 70.39 ? 599 PHE B CE2 1 
ATOM   841  C CZ  . PHE B 1 9   ? -3.220  7.069   2.459   1.00 71.28 ? 599 PHE B CZ  1 
ATOM   842  N N   . ILE B 1 10  ? -6.071  6.692   -4.362  1.00 43.58 ? 600 ILE B N   1 
ATOM   843  C CA  . ILE B 1 10  ? -6.488  6.118   -5.633  1.00 38.88 ? 600 ILE B CA  1 
ATOM   844  C C   . ILE B 1 10  ? -5.245  5.894   -6.467  1.00 40.70 ? 600 ILE B C   1 
ATOM   845  O O   . ILE B 1 10  ? -4.457  6.822   -6.665  1.00 44.53 ? 600 ILE B O   1 
ATOM   846  C CB  . ILE B 1 10  ? -7.486  7.006   -6.397  1.00 41.72 ? 600 ILE B CB  1 
ATOM   847  C CG1 . ILE B 1 10  ? -8.706  7.335   -5.536  1.00 41.42 ? 600 ILE B CG1 1 
ATOM   848  C CG2 . ILE B 1 10  ? -7.914  6.308   -7.682  1.00 38.49 ? 600 ILE B CG2 1 
ATOM   849  C CD1 . ILE B 1 10  ? -8.711  8.759   -5.001  1.00 42.43 ? 600 ILE B CD1 1 
ATOM   850  N N   . SER B 1 11  ? -5.071  4.680   -6.965  1.00 38.14 ? 601 SER B N   1 
ATOM   851  C CA  . SER B 1 11  ? -3.995  4.391   -7.892  1.00 41.98 ? 601 SER B CA  1 
ATOM   852  C C   . SER B 1 11  ? -4.568  3.953   -9.230  1.00 55.92 ? 601 SER B C   1 
ATOM   853  O O   . SER B 1 11  ? -5.360  3.007   -9.284  1.00 57.56 ? 601 SER B O   1 
ATOM   854  C CB  . SER B 1 11  ? -3.091  3.305   -7.353  1.00 45.52 ? 601 SER B CB  1 
ATOM   855  O OG  . SER B 1 11  ? -3.671  2.056   -7.610  1.00 59.00 ? 601 SER B OG  1 
ATOM   856  N N   . LEU B 1 12  ? -4.114  4.600   -10.300 1.00 52.63 ? 602 LEU B N   1 
ATOM   857  C CA  . LEU B 1 12  ? -4.457  4.177   -11.649 1.00 51.12 ? 602 LEU B CA  1 
ATOM   858  C C   . LEU B 1 12  ? -3.224  3.779   -12.467 1.00 54.59 ? 602 LEU B C   1 
ATOM   859  O O   . LEU B 1 12  ? -2.270  4.546   -12.598 1.00 51.81 ? 602 LEU B O   1 
ATOM   860  C CB  . LEU B 1 12  ? -5.232  5.280   -12.375 1.00 45.43 ? 602 LEU B CB  1 
ATOM   861  C CG  . LEU B 1 12  ? -5.755  4.935   -13.770 1.00 54.89 ? 602 LEU B CG  1 
ATOM   862  C CD1 . LEU B 1 12  ? -7.180  4.408   -13.696 1.00 59.31 ? 602 LEU B CD1 1 
ATOM   863  C CD2 . LEU B 1 12  ? -5.676  6.146   -14.688 1.00 53.58 ? 602 LEU B CD2 1 
ATOM   864  N N   . ASP B 1 13  ? -3.274  2.572   -13.019 1.00 60.29 ? 603 ASP B N   1 
ATOM   865  C CA  . ASP B 1 13  ? -2.315  2.075   -14.000 1.00 53.71 ? 603 ASP B CA  1 
ATOM   866  C C   . ASP B 1 13  ? -2.659  2.588   -15.408 1.00 62.25 ? 603 ASP B C   1 
ATOM   867  O O   . ASP B 1 13  ? -3.822  2.556   -15.828 1.00 75.93 ? 603 ASP B O   1 
ATOM   868  C CB  . ASP B 1 13  ? -2.341  0.544   -13.951 1.00 57.40 ? 603 ASP B CB  1 
ATOM   869  C CG  . ASP B 1 13  ? -1.157  -0.104  -14.632 1.00 72.38 ? 603 ASP B CG  1 
ATOM   870  O OD1 . ASP B 1 13  ? -0.780  0.354   -15.727 1.00 72.90 ? 603 ASP B OD1 1 
ATOM   871  O OD2 . ASP B 1 13  ? -0.623  -1.097  -14.073 1.00 68.42 ? 603 ASP B OD2 1 
ATOM   872  N N   . LYS B 1 14  ? -1.649  3.102   -16.114 1.00 57.89 ? 604 LYS B N   1 
ATOM   873  C CA  . LYS B 1 14  ? -1.655  3.243   -17.567 1.00 60.14 ? 604 LYS B CA  1 
ATOM   874  C C   . LYS B 1 14  ? -0.393  2.606   -18.150 1.00 65.89 ? 604 LYS B C   1 
ATOM   875  O O   . LYS B 1 14  ? 0.187   3.118   -19.119 1.00 58.46 ? 604 LYS B O   1 
ATOM   876  C CB  . LYS B 1 14  ? -1.771  4.705   -17.999 1.00 51.30 ? 604 LYS B CB  1 
ATOM   877  C CG  . LYS B 1 14  ? -3.069  5.384   -17.612 1.00 55.00 ? 604 LYS B CG  1 
ATOM   878  C CD  . LYS B 1 14  ? -3.580  6.314   -18.726 1.00 55.23 ? 604 LYS B CD  1 
ATOM   879  C CE  . LYS B 1 14  ? -3.627  7.784   -18.313 1.00 49.12 ? 604 LYS B CE  1 
ATOM   880  N NZ  . LYS B 1 14  ? -4.255  8.630   -19.370 1.00 45.50 ? 604 LYS B NZ  1 
ATOM   881  N N   . GLU B 1 15  ? 0.067   1.516   -17.515 1.00 68.89 ? 605 GLU B N   1 
ATOM   882  C CA  . GLU B 1 15  ? 1.175   0.670   -17.960 1.00 75.59 ? 605 GLU B CA  1 
ATOM   883  C C   . GLU B 1 15  ? 2.539   1.342   -17.880 1.00 70.31 ? 605 GLU B C   1 
ATOM   884  O O   . GLU B 1 15  ? 3.370   0.952   -17.052 1.00 60.01 ? 605 GLU B O   1 
ATOM   885  C CB  . GLU B 1 15  ? 0.927   0.184   -19.382 1.00 84.17 ? 605 GLU B CB  1 
ATOM   886  C CG  . GLU B 1 15  ? 0.586   -1.282  -19.469 1.00 83.20 ? 605 GLU B CG  1 
ATOM   887  C CD  . GLU B 1 15  ? -0.202  -1.578  -20.722 1.00 95.14 ? 605 GLU B CD  1 
ATOM   888  O OE1 . GLU B 1 15  ? -0.826  -0.627  -21.256 1.00 93.20 ? 605 GLU B OE1 1 
ATOM   889  O OE2 . GLU B 1 15  ? -0.192  -2.744  -21.178 1.00 94.38 ? 605 GLU B OE2 1 
ATOM   890  N N   . GLU B 1 16  ? 2.795   2.312   -18.770 1.00 67.74 ? 606 GLU B N   1 
ATOM   891  C CA  . GLU B 1 16  ? 4.052   3.050   -18.736 1.00 57.47 ? 606 GLU B CA  1 
ATOM   892  C C   . GLU B 1 16  ? 3.996   4.237   -17.784 1.00 48.63 ? 606 GLU B C   1 
ATOM   893  O O   . GLU B 1 16  ? 5.040   4.807   -17.460 1.00 44.30 ? 606 GLU B O   1 
ATOM   894  C CB  . GLU B 1 16  ? 4.435   3.510   -20.147 1.00 66.47 ? 606 GLU B CB  1 
ATOM   895  C CG  . GLU B 1 16  ? 4.175   2.467   -21.251 1.00 77.70 ? 606 GLU B CG  1 
ATOM   896  C CD  . GLU B 1 16  ? 5.199   1.319   -21.298 1.00 84.09 ? 606 GLU B CD  1 
ATOM   897  O OE1 . GLU B 1 16  ? 6.413   1.592   -21.428 1.00 88.10 ? 606 GLU B OE1 1 
ATOM   898  O OE2 . GLU B 1 16  ? 4.783   0.136   -21.222 1.00 83.58 ? 606 GLU B OE2 1 
ATOM   899  N N   . GLN B 1 17  ? 2.808   4.621   -17.329 1.00 52.15 ? 607 GLN B N   1 
ATOM   900  C CA  . GLN B 1 17  ? 2.644   5.520   -16.200 1.00 43.08 ? 607 GLN B CA  1 
ATOM   901  C C   . GLN B 1 17  ? 1.782   4.868   -15.132 1.00 47.68 ? 607 GLN B C   1 
ATOM   902  O O   . GLN B 1 17  ? 0.809   4.170   -15.428 1.00 49.56 ? 607 GLN B O   1 
ATOM   903  C CB  . GLN B 1 17  ? 1.972   6.817   -16.580 1.00 36.78 ? 607 GLN B CB  1 
ATOM   904  C CG  . GLN B 1 17  ? 2.515   7.483   -17.771 1.00 41.36 ? 607 GLN B CG  1 
ATOM   905  C CD  . GLN B 1 17  ? 2.180   8.941   -17.755 1.00 44.80 ? 607 GLN B CD  1 
ATOM   906  O OE1 . GLN B 1 17  ? 2.935   9.747   -17.208 1.00 43.38 ? 607 GLN B OE1 1 
ATOM   907  N NE2 . GLN B 1 17  ? 1.032   9.299   -18.325 1.00 46.90 ? 607 GLN B NE2 1 
ATOM   908  N N   . ILE B 1 18  ? 2.124   5.129   -13.882 1.00 42.62 ? 608 ILE B N   1 
ATOM   909  C CA  . ILE B 1 18  ? 1.249   4.797   -12.772 1.00 39.67 ? 608 ILE B CA  1 
ATOM   910  C C   . ILE B 1 18  ? 1.033   6.054   -11.943 1.00 35.72 ? 608 ILE B C   1 
ATOM   911  O O   . ILE B 1 18  ? 1.947   6.864   -11.769 1.00 31.44 ? 608 ILE B O   1 
ATOM   912  C CB  . ILE B 1 18  ? 1.827   3.650   -11.934 1.00 37.41 ? 608 ILE B CB  1 
ATOM   913  C CG1 . ILE B 1 18  ? 1.983   2.422   -12.822 1.00 36.17 ? 608 ILE B CG1 1 
ATOM   914  C CG2 . ILE B 1 18  ? 0.951   3.357   -10.728 1.00 33.76 ? 608 ILE B CG2 1 
ATOM   915  C CD1 . ILE B 1 18  ? 2.217   1.177   -12.056 1.00 40.87 ? 608 ILE B CD1 1 
ATOM   916  N N   . PHE B 1 19  ? -0.195  6.230   -11.476 1.00 34.57 ? 609 PHE B N   1 
ATOM   917  C CA  . PHE B 1 19  ? -0.582  7.425   -10.750 1.00 34.40 ? 609 PHE B CA  1 
ATOM   918  C C   . PHE B 1 19  ? -1.121  7.032   -9.387  1.00 34.30 ? 609 PHE B C   1 
ATOM   919  O O   . PHE B 1 19  ? -1.775  5.997   -9.240  1.00 35.21 ? 609 PHE B O   1 
ATOM   920  C CB  . PHE B 1 19  ? -1.641  8.222   -11.510 1.00 38.77 ? 609 PHE B CB  1 
ATOM   921  C CG  . PHE B 1 19  ? -1.307  8.487   -12.947 1.00 35.08 ? 609 PHE B CG  1 
ATOM   922  C CD1 . PHE B 1 19  ? -1.465  7.500   -13.902 1.00 37.10 ? 609 PHE B CD1 1 
ATOM   923  C CD2 . PHE B 1 19  ? -0.864  9.732   -13.350 1.00 35.67 ? 609 PHE B CD2 1 
ATOM   924  C CE1 . PHE B 1 19  ? -1.176  7.739   -15.232 1.00 40.88 ? 609 PHE B CE1 1 
ATOM   925  C CE2 . PHE B 1 19  ? -0.569  9.977   -14.686 1.00 41.00 ? 609 PHE B CE2 1 
ATOM   926  C CZ  . PHE B 1 19  ? -0.728  8.979   -15.625 1.00 42.67 ? 609 PHE B CZ  1 
ATOM   927  N N   . LEU B 1 20  ? -0.834  7.856   -8.392  1.00 33.02 ? 610 LEU B N   1 
ATOM   928  C CA  . LEU B 1 20  ? -1.369  7.685   -7.052  1.00 34.15 ? 610 LEU B CA  1 
ATOM   929  C C   . LEU B 1 20  ? -1.911  9.035   -6.637  1.00 36.91 ? 610 LEU B C   1 
ATOM   930  O O   . LEU B 1 20  ? -1.178  10.026  -6.676  1.00 38.66 ? 610 LEU B O   1 
ATOM   931  C CB  . LEU B 1 20  ? -0.298  7.207   -6.073  1.00 38.10 ? 610 LEU B CB  1 
ATOM   932  C CG  . LEU B 1 20  ? -0.779  6.922   -4.651  1.00 45.85 ? 610 LEU B CG  1 
ATOM   933  C CD1 . LEU B 1 20  ? -1.839  5.832   -4.664  1.00 41.83 ? 610 LEU B CD1 1 
ATOM   934  C CD2 . LEU B 1 20  ? 0.379   6.528   -3.760  1.00 39.00 ? 610 LEU B CD2 1 
ATOM   935  N N   . VAL B 1 21  ? -3.189  9.085   -6.270  1.00 38.30 ? 611 VAL B N   1 
ATOM   936  C CA  . VAL B 1 21  ? -3.867  10.332  -5.928  1.00 39.01 ? 611 VAL B CA  1 
ATOM   937  C C   . VAL B 1 21  ? -4.154  10.325  -4.439  1.00 37.90 ? 611 VAL B C   1 
ATOM   938  O O   . VAL B 1 21  ? -4.747  9.373   -3.926  1.00 39.65 ? 611 VAL B O   1 
ATOM   939  C CB  . VAL B 1 21  ? -5.162  10.511  -6.737  1.00 41.44 ? 611 VAL B CB  1 
ATOM   940  C CG1 . VAL B 1 21  ? -5.876  11.781  -6.321  1.00 35.48 ? 611 VAL B CG1 1 
ATOM   941  C CG2 . VAL B 1 21  ? -4.851  10.544  -8.218  1.00 37.64 ? 611 VAL B CG2 1 
ATOM   942  N N   . LEU B 1 22  ? -3.719  11.376  -3.750  1.00 38.83 ? 612 LEU B N   1 
ATOM   943  C CA  . LEU B 1 22  ? -3.695  11.432  -2.295  1.00 37.42 ? 612 LEU B CA  1 
ATOM   944  C C   . LEU B 1 22  ? -4.502  12.618  -1.814  1.00 37.35 ? 612 LEU B C   1 
ATOM   945  O O   . LEU B 1 22  ? -4.370  13.721  -2.336  1.00 42.88 ? 612 LEU B O   1 
ATOM   946  C CB  . LEU B 1 22  ? -2.265  11.564  -1.752  1.00 37.41 ? 612 LEU B CB  1 
ATOM   947  C CG  . LEU B 1 22  ? -1.263  10.481  -2.126  1.00 42.35 ? 612 LEU B CG  1 
ATOM   948  C CD1 . LEU B 1 22  ? 0.074   10.845  -1.580  1.00 35.81 ? 612 LEU B CD1 1 
ATOM   949  C CD2 . LEU B 1 22  ? -1.704  9.163   -1.558  1.00 45.31 ? 612 LEU B CD2 1 
ATOM   950  N N   . LYS B 1 23  ? -5.316  12.391  -0.795  1.00 42.29 ? 613 LYS B N   1 
ATOM   951  C CA  . LYS B 1 23  ? -6.240  13.401  -0.312  1.00 42.81 ? 613 LYS B CA  1 
ATOM   952  C C   . LYS B 1 23  ? -5.639  14.223  0.822   1.00 45.32 ? 613 LYS B C   1 
ATOM   953  O O   . LYS B 1 23  ? -5.466  15.435  0.688   1.00 56.90 ? 613 LYS B O   1 
ATOM   954  C CB  . LYS B 1 23  ? -7.545  12.713  0.106   1.00 43.00 ? 613 LYS B CB  1 
ATOM   955  C CG  . LYS B 1 23  ? -8.607  13.599  0.705   1.00 48.52 ? 613 LYS B CG  1 
ATOM   956  C CD  . LYS B 1 23  ? -9.813  12.771  1.134   1.00 53.98 ? 613 LYS B CD  1 
ATOM   957  C CE  . LYS B 1 23  ? -10.772 13.597  1.980   1.00 60.92 ? 613 LYS B CE  1 
ATOM   958  N NZ  . LYS B 1 23  ? -12.025 12.861  2.277   1.00 57.22 ? 613 LYS B NZ  1 
ATOM   959  N N   . ASP B 1 24  ? -5.299  13.593  1.936   1.00 44.01 ? 614 ASP B N   1 
ATOM   960  C CA  . ASP B 1 24  ? -4.947  14.394  3.099   1.00 52.31 ? 614 ASP B CA  1 
ATOM   961  C C   . ASP B 1 24  ? -3.547  14.071  3.589   1.00 56.81 ? 614 ASP B C   1 
ATOM   962  O O   . ASP B 1 24  ? -3.365  13.550  4.697   1.00 61.33 ? 614 ASP B O   1 
ATOM   963  C CB  . ASP B 1 24  ? -5.979  14.189  4.208   1.00 56.71 ? 614 ASP B CB  1 
ATOM   964  C CG  . ASP B 1 24  ? -7.303  14.884  3.908   1.00 63.58 ? 614 ASP B CG  1 
ATOM   965  O OD1 . ASP B 1 24  ? -7.283  16.067  3.492   1.00 68.07 ? 614 ASP B OD1 1 
ATOM   966  O OD2 . ASP B 1 24  ? -8.368  14.243  4.071   1.00 64.78 ? 614 ASP B OD2 1 
ATOM   967  N N   . LYS B 1 25  ? -2.556  14.380  2.773   1.00 49.36 ? 615 LYS B N   1 
ATOM   968  C CA  . LYS B 1 25  ? -1.175  14.131  3.152   1.00 46.45 ? 615 LYS B CA  1 
ATOM   969  C C   . LYS B 1 25  ? -0.337  15.312  2.690   1.00 48.15 ? 615 LYS B C   1 
ATOM   970  O O   . LYS B 1 25  ? -0.282  15.612  1.491   1.00 49.00 ? 615 LYS B O   1 
ATOM   971  C CB  . LYS B 1 25  ? -0.670  12.822  2.552   1.00 40.09 ? 615 LYS B CB  1 
ATOM   972  C CG  . LYS B 1 25  ? 0.616   12.341  3.154   1.00 45.30 ? 615 LYS B CG  1 
ATOM   973  C CD  . LYS B 1 25  ? 0.881   10.899  2.790   1.00 44.10 ? 615 LYS B CD  1 
ATOM   974  C CE  . LYS B 1 25  ? 1.442   10.163  3.971   1.00 41.67 ? 615 LYS B CE  1 
ATOM   975  N NZ  . LYS B 1 25  ? 1.239   8.698   3.869   1.00 52.63 ? 615 LYS B NZ  1 
ATOM   976  N N   . PRO B 1 26  ? 0.293   16.027  3.611   1.00 45.36 ? 616 PRO B N   1 
ATOM   977  C CA  . PRO B 1 26  ? 1.043   17.233  3.232   1.00 46.83 ? 616 PRO B CA  1 
ATOM   978  C C   . PRO B 1 26  ? 2.222   16.914  2.323   1.00 49.43 ? 616 PRO B C   1 
ATOM   979  O O   . PRO B 1 26  ? 2.827   15.842  2.405   1.00 49.81 ? 616 PRO B O   1 
ATOM   980  C CB  . PRO B 1 26  ? 1.512   17.796  4.576   1.00 47.09 ? 616 PRO B CB  1 
ATOM   981  C CG  . PRO B 1 26  ? 1.359   16.636  5.550   1.00 48.05 ? 616 PRO B CG  1 
ATOM   982  C CD  . PRO B 1 26  ? 0.200   15.848  5.067   1.00 40.30 ? 616 PRO B CD  1 
ATOM   983  N N   . LEU B 1 27  ? 2.548   17.875  1.450   1.00 47.48 ? 617 LEU B N   1 
ATOM   984  C CA  . LEU B 1 27  ? 3.630   17.679  0.486   1.00 44.83 ? 617 LEU B CA  1 
ATOM   985  C C   . LEU B 1 27  ? 4.947   17.286  1.158   1.00 48.92 ? 617 LEU B C   1 
ATOM   986  O O   . LEU B 1 27  ? 5.728   16.512  0.590   1.00 47.62 ? 617 LEU B O   1 
ATOM   987  C CB  . LEU B 1 27  ? 3.816   18.947  -0.344  1.00 41.83 ? 617 LEU B CB  1 
ATOM   988  C CG  . LEU B 1 27  ? 4.987   18.867  -1.319  1.00 44.32 ? 617 LEU B CG  1 
ATOM   989  C CD1 . LEU B 1 27  ? 4.737   17.722  -2.269  1.00 47.53 ? 617 LEU B CD1 1 
ATOM   990  C CD2 . LEU B 1 27  ? 5.202   20.157  -2.081  1.00 44.99 ? 617 LEU B CD2 1 
ATOM   991  N N   . SER B 1 28  ? 5.224   17.822  2.349   1.00 48.36 ? 618 SER B N   1 
ATOM   992  C CA  . SER B 1 28  ? 6.402   17.394  3.093   1.00 47.92 ? 618 SER B CA  1 
ATOM   993  C C   . SER B 1 28  ? 6.384   15.883  3.331   1.00 52.35 ? 618 SER B C   1 
ATOM   994  O O   . SER B 1 28  ? 7.350   15.178  3.004   1.00 50.09 ? 618 SER B O   1 
ATOM   995  C CB  . SER B 1 28  ? 6.474   18.149  4.421   1.00 49.41 ? 618 SER B CB  1 
ATOM   996  O OG  . SER B 1 28  ? 5.659   17.514  5.398   1.00 53.31 ? 618 SER B OG  1 
ATOM   997  N N   . SER B 1 29  ? 5.281   15.369  3.897   1.00 47.78 ? 619 SER B N   1 
ATOM   998  C CA  . SER B 1 29  ? 5.174   13.947  4.211   1.00 39.89 ? 619 SER B CA  1 
ATOM   999  C C   . SER B 1 29  ? 5.268   13.073  2.974   1.00 39.46 ? 619 SER B C   1 
ATOM   1000 O O   . SER B 1 29  ? 5.787   11.959  3.046   1.00 43.97 ? 619 SER B O   1 
ATOM   1001 C CB  . SER B 1 29  ? 3.861   13.664  4.925   1.00 42.87 ? 619 SER B CB  1 
ATOM   1002 O OG  . SER B 1 29  ? 3.684   14.535  6.026   1.00 55.43 ? 619 SER B OG  1 
ATOM   1003 N N   . ILE B 1 30  ? 4.757   13.537  1.842   1.00 39.89 ? 620 ILE B N   1 
ATOM   1004 C CA  . ILE B 1 30  ? 4.858   12.737  0.631   1.00 39.25 ? 620 ILE B CA  1 
ATOM   1005 C C   . ILE B 1 30  ? 6.310   12.588  0.216   1.00 39.93 ? 620 ILE B C   1 
ATOM   1006 O O   . ILE B 1 30  ? 6.756   11.495  -0.140  1.00 41.95 ? 620 ILE B O   1 
ATOM   1007 C CB  . ILE B 1 30  ? 4.009   13.358  -0.484  1.00 38.78 ? 620 ILE B CB  1 
ATOM   1008 C CG1 . ILE B 1 30  ? 2.534   13.273  -0.102  1.00 39.53 ? 620 ILE B CG1 1 
ATOM   1009 C CG2 . ILE B 1 30  ? 4.279   12.668  -1.810  1.00 31.61 ? 620 ILE B CG2 1 
ATOM   1010 C CD1 . ILE B 1 30  ? 1.646   14.218  -0.863  1.00 40.15 ? 620 ILE B CD1 1 
ATOM   1011 N N   . LYS B 1 31  ? 7.073   13.684  0.254   1.00 44.71 ? 621 LYS B N   1 
ATOM   1012 C CA  . LYS B 1 31  ? 8.493   13.607  -0.067  1.00 43.42 ? 621 LYS B CA  1 
ATOM   1013 C C   . LYS B 1 31  ? 9.222   12.662  0.886   1.00 41.76 ? 621 LYS B C   1 
ATOM   1014 O O   . LYS B 1 31  ? 10.070  11.869  0.458   1.00 41.35 ? 621 LYS B O   1 
ATOM   1015 C CB  . LYS B 1 31  ? 9.116   15.008  -0.031  1.00 45.68 ? 621 LYS B CB  1 
ATOM   1016 C CG  . LYS B 1 31  ? 8.982   15.828  -1.328  1.00 50.87 ? 621 LYS B CG  1 
ATOM   1017 C CD  . LYS B 1 31  ? 9.857   17.097  -1.298  1.00 53.32 ? 621 LYS B CD  1 
ATOM   1018 C CE  . LYS B 1 31  ? 9.350   18.101  -0.252  1.00 66.28 ? 621 LYS B CE  1 
ATOM   1019 N NZ  . LYS B 1 31  ? 10.263  19.267  -0.046  1.00 75.67 ? 621 LYS B NZ  1 
ATOM   1020 N N   . ALA B 1 32  ? 8.903   12.722  2.180   1.00 38.47 ? 622 ALA B N   1 
ATOM   1021 C CA  . ALA B 1 32  ? 9.582   11.860  3.135   1.00 33.85 ? 622 ALA B CA  1 
ATOM   1022 C C   . ALA B 1 32  ? 9.329   10.398  2.817   1.00 40.83 ? 622 ALA B C   1 
ATOM   1023 O O   . ALA B 1 32  ? 10.259  9.582   2.812   1.00 45.24 ? 622 ALA B O   1 
ATOM   1024 C CB  . ALA B 1 32  ? 9.121   12.184  4.551   1.00 37.09 ? 622 ALA B CB  1 
ATOM   1025 N N   . ASP B 1 33  ? 8.067   10.052  2.547   1.00 38.63 ? 623 ASP B N   1 
ATOM   1026 C CA  . ASP B 1 33  ? 7.714   8.668   2.262   1.00 40.58 ? 623 ASP B CA  1 
ATOM   1027 C C   . ASP B 1 33  ? 8.403   8.157   1.005   1.00 39.04 ? 623 ASP B C   1 
ATOM   1028 O O   . ASP B 1 33  ? 8.904   7.028   0.984   1.00 40.83 ? 623 ASP B O   1 
ATOM   1029 C CB  . ASP B 1 33  ? 6.200   8.530   2.124   1.00 43.38 ? 623 ASP B CB  1 
ATOM   1030 C CG  . ASP B 1 33  ? 5.479   8.656   3.443   1.00 45.61 ? 623 ASP B CG  1 
ATOM   1031 O OD1 . ASP B 1 33  ? 6.101   8.423   4.495   1.00 52.46 ? 623 ASP B OD1 1 
ATOM   1032 O OD2 . ASP B 1 33  ? 4.276   8.978   3.427   1.00 48.00 ? 623 ASP B OD2 1 
ATOM   1033 N N   . ILE B 1 34  ? 8.411   8.958   -0.066  1.00 35.48 ? 624 ILE B N   1 
ATOM   1034 C CA  . ILE B 1 34  ? 9.067   8.541   -1.304  1.00 36.00 ? 624 ILE B CA  1 
ATOM   1035 C C   . ILE B 1 34  ? 10.544  8.288   -1.060  1.00 37.74 ? 624 ILE B C   1 
ATOM   1036 O O   . ILE B 1 34  ? 11.076  7.226   -1.410  1.00 37.40 ? 624 ILE B O   1 
ATOM   1037 C CB  . ILE B 1 34  ? 8.880   9.593   -2.408  1.00 39.68 ? 624 ILE B CB  1 
ATOM   1038 C CG1 . ILE B 1 34  ? 7.420   9.730   -2.807  1.00 36.60 ? 624 ILE B CG1 1 
ATOM   1039 C CG2 . ILE B 1 34  ? 9.668   9.198   -3.629  1.00 37.39 ? 624 ILE B CG2 1 
ATOM   1040 C CD1 . ILE B 1 34  ? 7.246   10.668  -3.954  1.00 33.60 ? 624 ILE B CD1 1 
ATOM   1041 N N   . VAL B 1 35  ? 11.234  9.278   -0.479  1.00 37.85 ? 625 VAL B N   1 
ATOM   1042 C CA  . VAL B 1 35  ? 12.672  9.166   -0.264  1.00 37.12 ? 625 VAL B CA  1 
ATOM   1043 C C   . VAL B 1 35  ? 12.978  7.976   0.629   1.00 35.41 ? 625 VAL B C   1 
ATOM   1044 O O   . VAL B 1 35  ? 13.854  7.160   0.326   1.00 35.48 ? 625 VAL B O   1 
ATOM   1045 C CB  . VAL B 1 35  ? 13.233  10.475  0.316   1.00 36.25 ? 625 VAL B CB  1 
ATOM   1046 C CG1 . VAL B 1 35  ? 14.670  10.276  0.773   1.00 31.15 ? 625 VAL B CG1 1 
ATOM   1047 C CG2 . VAL B 1 35  ? 13.155  11.581  -0.725  1.00 30.47 ? 625 VAL B CG2 1 
ATOM   1048 N N   . HIS B 1 36  ? 12.235  7.840   1.725   1.00 34.89 ? 626 HIS B N   1 
ATOM   1049 C CA  . HIS B 1 36  ? 12.392  6.674   2.593   1.00 39.87 ? 626 HIS B CA  1 
ATOM   1050 C C   . HIS B 1 36  ? 12.226  5.366   1.831   1.00 37.14 ? 626 HIS B C   1 
ATOM   1051 O O   . HIS B 1 36  ? 13.015  4.430   2.001   1.00 38.52 ? 626 HIS B O   1 
ATOM   1052 C CB  . HIS B 1 36  ? 11.381  6.740   3.734   1.00 41.34 ? 626 HIS B CB  1 
ATOM   1053 C CG  . HIS B 1 36  ? 11.543  5.651   4.747   1.00 47.89 ? 626 HIS B CG  1 
ATOM   1054 N ND1 . HIS B 1 36  ? 10.672  4.584   4.845   1.00 49.34 ? 626 HIS B ND1 1 
ATOM   1055 C CD2 . HIS B 1 36  ? 12.475  5.465   5.714   1.00 47.43 ? 626 HIS B CD2 1 
ATOM   1056 C CE1 . HIS B 1 36  ? 11.056  3.792   5.830   1.00 52.46 ? 626 HIS B CE1 1 
ATOM   1057 N NE2 . HIS B 1 36  ? 12.150  4.301   6.371   1.00 54.04 ? 626 HIS B NE2 1 
ATOM   1058 N N   . ALA B 1 37  ? 11.192  5.276   1.000   1.00 39.77 ? 627 ALA B N   1 
ATOM   1059 C CA  . ALA B 1 37  ? 10.997  4.083   0.188   1.00 38.81 ? 627 ALA B CA  1 
ATOM   1060 C C   . ALA B 1 37  ? 12.153  3.897   -0.778  1.00 38.86 ? 627 ALA B C   1 
ATOM   1061 O O   . ALA B 1 37  ? 12.655  2.782   -0.949  1.00 40.44 ? 627 ALA B O   1 
ATOM   1062 C CB  . ALA B 1 37  ? 9.663   4.172   -0.559  1.00 34.30 ? 627 ALA B CB  1 
ATOM   1063 N N   . PHE B 1 38  ? 12.583  4.980   -1.426  1.00 36.64 ? 628 PHE B N   1 
ATOM   1064 C CA  . PHE B 1 38  ? 13.784  4.924   -2.245  1.00 36.06 ? 628 PHE B CA  1 
ATOM   1065 C C   . PHE B 1 38  ? 14.912  4.261   -1.483  1.00 36.06 ? 628 PHE B C   1 
ATOM   1066 O O   . PHE B 1 38  ? 15.422  3.210   -1.890  1.00 40.56 ? 628 PHE B O   1 
ATOM   1067 C CB  . PHE B 1 38  ? 14.197  6.332   -2.668  1.00 35.45 ? 628 PHE B CB  1 
ATOM   1068 C CG  . PHE B 1 38  ? 13.467  6.840   -3.849  1.00 36.86 ? 628 PHE B CG  1 
ATOM   1069 C CD1 . PHE B 1 38  ? 12.889  5.960   -4.745  1.00 33.64 ? 628 PHE B CD1 1 
ATOM   1070 C CD2 . PHE B 1 38  ? 13.345  8.199   -4.066  1.00 33.93 ? 628 PHE B CD2 1 
ATOM   1071 C CE1 . PHE B 1 38  ? 12.220  6.429   -5.846  1.00 32.35 ? 628 PHE B CE1 1 
ATOM   1072 C CE2 . PHE B 1 38  ? 12.673  8.678   -5.163  1.00 32.76 ? 628 PHE B CE2 1 
ATOM   1073 C CZ  . PHE B 1 38  ? 12.112  7.801   -6.050  1.00 31.93 ? 628 PHE B CZ  1 
ATOM   1074 N N   . LEU B 1 39  ? 15.295  4.864   -0.350  1.00 35.95 ? 629 LEU B N   1 
ATOM   1075 C CA  . LEU B 1 39  ? 16.430  4.399   0.438   1.00 31.94 ? 629 LEU B CA  1 
ATOM   1076 C C   . LEU B 1 39  ? 16.352  2.900   0.674   1.00 40.34 ? 629 LEU B C   1 
ATOM   1077 O O   . LEU B 1 39  ? 17.318  2.170   0.431   1.00 47.01 ? 629 LEU B O   1 
ATOM   1078 C CB  . LEU B 1 39  ? 16.469  5.154   1.764   1.00 28.21 ? 629 LEU B CB  1 
ATOM   1079 C CG  . LEU B 1 39  ? 17.396  6.360   1.944   1.00 29.51 ? 629 LEU B CG  1 
ATOM   1080 C CD1 . LEU B 1 39  ? 17.887  6.878   0.614   1.00 30.29 ? 629 LEU B CD1 1 
ATOM   1081 C CD2 . LEU B 1 39  ? 16.712  7.464   2.736   1.00 22.77 ? 629 LEU B CD2 1 
ATOM   1082 N N   . SER B 1 40  ? 15.180  2.433   1.072   1.00 42.78 ? 630 SER B N   1 
ATOM   1083 C CA  . SER B 1 40  ? 15.020  1.052   1.486   1.00 40.89 ? 630 SER B CA  1 
ATOM   1084 C C   . SER B 1 40  ? 15.353  0.056   0.380   1.00 39.57 ? 630 SER B C   1 
ATOM   1085 O O   . SER B 1 40  ? 15.919  -1.002  0.655   1.00 47.36 ? 630 SER B O   1 
ATOM   1086 C CB  . SER B 1 40  ? 13.596  0.810   1.994   1.00 35.51 ? 630 SER B CB  1 
ATOM   1087 O OG  . SER B 1 40  ? 12.732  0.438   0.934   1.00 49.32 ? 630 SER B OG  1 
ATOM   1088 N N   . ILE B 1 41  ? 14.987  0.366   -0.860  1.00 40.02 ? 631 ILE B N   1 
ATOM   1089 C CA  . ILE B 1 41  ? 15.028  -0.662  -1.894  1.00 42.76 ? 631 ILE B CA  1 
ATOM   1090 C C   . ILE B 1 41  ? 16.474  -0.837  -2.345  1.00 46.93 ? 631 ILE B C   1 
ATOM   1091 O O   . ILE B 1 41  ? 17.159  0.152   -2.673  1.00 51.37 ? 631 ILE B O   1 
ATOM   1092 C CB  . ILE B 1 41  ? 14.089  -0.320  -3.053  1.00 40.26 ? 631 ILE B CB  1 
ATOM   1093 C CG1 . ILE B 1 41  ? 12.686  -0.023  -2.516  1.00 41.35 ? 631 ILE B CG1 1 
ATOM   1094 C CG2 . ILE B 1 41  ? 14.007  -1.474  -4.016  1.00 38.53 ? 631 ILE B CG2 1 
ATOM   1095 C CD1 . ILE B 1 41  ? 11.790  0.792   -3.500  1.00 34.88 ? 631 ILE B CD1 1 
ATOM   1096 N N   . PRO B 1 42  ? 16.977  -2.081  -2.382  1.00 49.58 ? 632 PRO B N   1 
ATOM   1097 C CA  . PRO B 1 42  ? 18.427  -2.305  -2.318  1.00 53.22 ? 632 PRO B CA  1 
ATOM   1098 C C   . PRO B 1 42  ? 19.213  -1.909  -3.559  1.00 55.39 ? 632 PRO B C   1 
ATOM   1099 O O   . PRO B 1 42  ? 20.250  -1.240  -3.448  1.00 57.44 ? 632 PRO B O   1 
ATOM   1100 C CB  . PRO B 1 42  ? 18.527  -3.813  -2.069  1.00 52.63 ? 632 PRO B CB  1 
ATOM   1101 C CG  . PRO B 1 42  ? 17.235  -4.184  -1.453  1.00 44.69 ? 632 PRO B CG  1 
ATOM   1102 C CD  . PRO B 1 42  ? 16.233  -3.333  -2.172  1.00 47.71 ? 632 PRO B CD  1 
ATOM   1103 N N   . SER B 1 43  ? 18.773  -2.345  -4.734  1.00 45.68 ? 633 SER B N   1 
ATOM   1104 C CA  . SER B 1 43  ? 19.438  -1.917  -5.959  1.00 47.21 ? 633 SER B CA  1 
ATOM   1105 C C   . SER B 1 43  ? 19.081  -0.492  -6.371  1.00 51.60 ? 633 SER B C   1 
ATOM   1106 O O   . SER B 1 43  ? 19.730  0.055   -7.274  1.00 55.65 ? 633 SER B O   1 
ATOM   1107 C CB  . SER B 1 43  ? 19.076  -2.876  -7.075  1.00 48.41 ? 633 SER B CB  1 
ATOM   1108 O OG  . SER B 1 43  ? 17.828  -3.469  -6.760  1.00 58.24 ? 633 SER B OG  1 
ATOM   1109 N N   . LEU B 1 44  ? 18.086  0.119   -5.729  1.00 43.64 ? 634 LEU B N   1 
ATOM   1110 C CA  . LEU B 1 44  ? 17.565  1.399   -6.175  1.00 38.66 ? 634 LEU B CA  1 
ATOM   1111 C C   . LEU B 1 44  ? 18.444  2.540   -5.692  1.00 41.48 ? 634 LEU B C   1 
ATOM   1112 O O   . LEU B 1 44  ? 18.755  2.637   -4.498  1.00 51.06 ? 634 LEU B O   1 
ATOM   1113 C CB  . LEU B 1 44  ? 16.137  1.605   -5.675  1.00 37.91 ? 634 LEU B CB  1 
ATOM   1114 C CG  . LEU B 1 44  ? 15.428  2.824   -6.268  1.00 37.80 ? 634 LEU B CG  1 
ATOM   1115 C CD1 . LEU B 1 44  ? 13.970  2.515   -6.451  1.00 35.53 ? 634 LEU B CD1 1 
ATOM   1116 C CD2 . LEU B 1 44  ? 15.583  4.050   -5.400  1.00 35.38 ? 634 LEU B CD2 1 
ATOM   1117 N N   . SER B 1 45  ? 18.821  3.406   -6.628  1.00 37.81 ? 635 SER B N   1 
ATOM   1118 C CA  . SER B 1 45  ? 19.433  4.691   -6.356  1.00 36.70 ? 635 SER B CA  1 
ATOM   1119 C C   . SER B 1 45  ? 18.534  5.776   -6.922  1.00 39.39 ? 635 SER B C   1 
ATOM   1120 O O   . SER B 1 45  ? 17.785  5.546   -7.876  1.00 42.37 ? 635 SER B O   1 
ATOM   1121 C CB  . SER B 1 45  ? 20.810  4.782   -6.980  1.00 42.28 ? 635 SER B CB  1 
ATOM   1122 O OG  . SER B 1 45  ? 20.779  4.202   -8.265  1.00 45.69 ? 635 SER B OG  1 
ATOM   1123 N N   . HIS B 1 46  ? 18.611  6.964   -6.342  1.00 33.61 ? 636 HIS B N   1 
ATOM   1124 C CA  . HIS B 1 46  ? 17.666  7.992   -6.710  1.00 32.32 ? 636 HIS B CA  1 
ATOM   1125 C C   . HIS B 1 46  ? 18.335  9.345   -6.672  1.00 37.15 ? 636 HIS B C   1 
ATOM   1126 O O   . HIS B 1 46  ? 19.228  9.589   -5.862  1.00 41.41 ? 636 HIS B O   1 
ATOM   1127 C CB  . HIS B 1 46  ? 16.464  7.984   -5.776  1.00 36.28 ? 636 HIS B CB  1 
ATOM   1128 C CG  . HIS B 1 46  ? 16.698  8.673   -4.470  1.00 37.01 ? 636 HIS B CG  1 
ATOM   1129 N ND1 . HIS B 1 46  ? 16.999  7.989   -3.310  1.00 37.90 ? 636 HIS B ND1 1 
ATOM   1130 C CD2 . HIS B 1 46  ? 16.640  9.985   -4.132  1.00 33.62 ? 636 HIS B CD2 1 
ATOM   1131 C CE1 . HIS B 1 46  ? 17.119  8.854   -2.313  1.00 34.98 ? 636 HIS B CE1 1 
ATOM   1132 N NE2 . HIS B 1 46  ? 16.910  10.071  -2.786  1.00 30.84 ? 636 HIS B NE2 1 
ATOM   1133 N N   . SER B 1 47  ? 17.861  10.241  -7.529  1.00 36.50 ? 637 SER B N   1 
ATOM   1134 C CA  . SER B 1 47  ? 18.369  11.599  -7.604  1.00 33.19 ? 637 SER B CA  1 
ATOM   1135 C C   . SER B 1 47  ? 17.214  12.592  -7.571  1.00 34.67 ? 637 SER B C   1 
ATOM   1136 O O   . SER B 1 47  ? 16.159  12.342  -8.162  1.00 43.14 ? 637 SER B O   1 
ATOM   1137 C CB  . SER B 1 47  ? 19.207  11.794  -8.877  1.00 39.86 ? 637 SER B CB  1 
ATOM   1138 O OG  . SER B 1 47  ? 18.779  10.943  -9.938  1.00 46.72 ? 637 SER B OG  1 
ATOM   1139 N N   . VAL B 1 48  ? 17.417  13.717  -6.880  1.00 29.15 ? 638 VAL B N   1 
ATOM   1140 C CA  . VAL B 1 48  ? 16.442  14.804  -6.850  1.00 34.82 ? 638 VAL B CA  1 
ATOM   1141 C C   . VAL B 1 48  ? 16.624  15.683  -8.078  1.00 41.44 ? 638 VAL B C   1 
ATOM   1142 O O   . VAL B 1 48  ? 17.719  16.193  -8.325  1.00 48.99 ? 638 VAL B O   1 
ATOM   1143 C CB  . VAL B 1 48  ? 16.594  15.643  -5.575  1.00 34.51 ? 638 VAL B CB  1 
ATOM   1144 C CG1 . VAL B 1 48  ? 15.874  16.961  -5.750  1.00 38.74 ? 638 VAL B CG1 1 
ATOM   1145 C CG2 . VAL B 1 48  ? 16.053  14.921  -4.374  1.00 27.62 ? 638 VAL B CG2 1 
ATOM   1146 N N   . LEU B 1 49  ? 15.558  15.867  -8.851  1.00 39.75 ? 639 LEU B N   1 
ATOM   1147 C CA  . LEU B 1 49  ? 15.574  16.828  -9.949  1.00 42.41 ? 639 LEU B CA  1 
ATOM   1148 C C   . LEU B 1 49  ? 15.178  18.224  -9.471  1.00 50.28 ? 639 LEU B C   1 
ATOM   1149 O O   . LEU B 1 49  ? 15.986  19.157  -9.511  1.00 60.74 ? 639 LEU B O   1 
ATOM   1150 C CB  . LEU B 1 49  ? 14.632  16.378  -11.071 1.00 45.40 ? 639 LEU B CB  1 
ATOM   1151 C CG  . LEU B 1 49  ? 15.008  15.127  -11.855 1.00 48.99 ? 639 LEU B CG  1 
ATOM   1152 C CD1 . LEU B 1 49  ? 13.887  14.760  -12.840 1.00 45.78 ? 639 LEU B CD1 1 
ATOM   1153 C CD2 . LEU B 1 49  ? 16.334  15.346  -12.572 1.00 44.94 ? 639 LEU B CD2 1 
ATOM   1154 N N   . SER B 1 50  ? 13.934  18.380  -9.033  1.00 49.77 ? 640 SER B N   1 
ATOM   1155 C CA  . SER B 1 50  ? 13.411  19.641  -8.543  1.00 46.36 ? 640 SER B CA  1 
ATOM   1156 C C   . SER B 1 50  ? 12.970  19.459  -7.102  1.00 49.91 ? 640 SER B C   1 
ATOM   1157 O O   . SER B 1 50  ? 13.200  18.420  -6.485  1.00 48.80 ? 640 SER B O   1 
ATOM   1158 C CB  . SER B 1 50  ? 12.256  20.125  -9.411  1.00 48.29 ? 640 SER B CB  1 
ATOM   1159 O OG  . SER B 1 50  ? 11.098  19.342  -9.204  1.00 50.06 ? 640 SER B OG  1 
ATOM   1160 N N   . GLN B 1 51  ? 12.333  20.491  -6.554  1.00 59.62 ? 641 GLN B N   1 
ATOM   1161 C CA  . GLN B 1 51  ? 11.776  20.330  -5.219  1.00 60.83 ? 641 GLN B CA  1 
ATOM   1162 C C   . GLN B 1 51  ? 10.701  19.247  -5.221  1.00 60.13 ? 641 GLN B C   1 
ATOM   1163 O O   . GLN B 1 51  ? 10.405  18.665  -4.167  1.00 58.42 ? 641 GLN B O   1 
ATOM   1164 C CB  . GLN B 1 51  ? 11.244  21.679  -4.709  1.00 55.16 ? 641 GLN B CB  1 
ATOM   1165 C CG  . GLN B 1 51  ? 10.864  21.718  -3.219  1.00 65.94 ? 641 GLN B CG  1 
ATOM   1166 C CD  . GLN B 1 51  ? 12.038  21.448  -2.260  1.00 79.53 ? 641 GLN B CD  1 
ATOM   1167 O OE1 . GLN B 1 51  ? 11.857  20.931  -1.145  1.00 79.46 ? 641 GLN B OE1 1 
ATOM   1168 N NE2 . GLN B 1 51  ? 13.239  21.811  -2.688  1.00 70.91 ? 641 GLN B NE2 1 
ATOM   1169 N N   . THR B 1 52  ? 10.171  18.915  -6.412  1.00 52.55 ? 642 THR B N   1 
ATOM   1170 C CA  . THR B 1 52  ? 9.046   18.000  -6.562  1.00 44.74 ? 642 THR B CA  1 
ATOM   1171 C C   . THR B 1 52  ? 9.264   16.902  -7.601  1.00 46.63 ? 642 THR B C   1 
ATOM   1172 O O   . THR B 1 52  ? 8.284   16.306  -8.048  1.00 47.78 ? 642 THR B O   1 
ATOM   1173 C CB  . THR B 1 52  ? 7.771   18.756  -6.944  1.00 44.86 ? 642 THR B CB  1 
ATOM   1174 O OG1 . THR B 1 52  ? 7.831   19.142  -8.332  1.00 42.92 ? 642 THR B OG1 1 
ATOM   1175 C CG2 . THR B 1 52  ? 7.563   19.974  -6.052  1.00 48.03 ? 642 THR B CG2 1 
ATOM   1176 N N   . SER B 1 53  ? 10.488  16.601  -8.026  1.00 44.08 ? 643 SER B N   1 
ATOM   1177 C CA  . SER B 1 53  ? 10.602  15.420  -8.873  1.00 38.66 ? 643 SER B CA  1 
ATOM   1178 C C   . SER B 1 53  ? 11.911  14.690  -8.615  1.00 36.51 ? 643 SER B C   1 
ATOM   1179 O O   . SER B 1 53  ? 12.914  15.282  -8.218  1.00 37.01 ? 643 SER B O   1 
ATOM   1180 C CB  . SER B 1 53  ? 10.420  15.749  -10.366 1.00 36.15 ? 643 SER B CB  1 
ATOM   1181 O OG  . SER B 1 53  ? 11.281  16.743  -10.819 1.00 43.71 ? 643 SER B OG  1 
ATOM   1182 N N   . PHE B 1 54  ? 11.870  13.376  -8.860  1.00 36.41 ? 644 PHE B N   1 
ATOM   1183 C CA  . PHE B 1 54  ? 12.978  12.453  -8.656  1.00 34.82 ? 644 PHE B CA  1 
ATOM   1184 C C   . PHE B 1 54  ? 13.200  11.608  -9.899  1.00 33.76 ? 644 PHE B C   1 
ATOM   1185 O O   . PHE B 1 54  ? 12.265  11.339  -10.659 1.00 35.47 ? 644 PHE B O   1 
ATOM   1186 C CB  . PHE B 1 54  ? 12.705  11.505  -7.498  1.00 33.37 ? 644 PHE B CB  1 
ATOM   1187 C CG  . PHE B 1 54  ? 12.338  12.198  -6.237  1.00 34.34 ? 644 PHE B CG  1 
ATOM   1188 C CD1 . PHE B 1 54  ? 11.056  12.671  -6.040  1.00 33.09 ? 644 PHE B CD1 1 
ATOM   1189 C CD2 . PHE B 1 54  ? 13.277  12.386  -5.241  1.00 36.61 ? 644 PHE B CD2 1 
ATOM   1190 C CE1 . PHE B 1 54  ? 10.708  13.318  -4.868  1.00 36.56 ? 644 PHE B CE1 1 
ATOM   1191 C CE2 . PHE B 1 54  ? 12.936  13.035  -4.057  1.00 35.09 ? 644 PHE B CE2 1 
ATOM   1192 C CZ  . PHE B 1 54  ? 11.645  13.501  -3.871  1.00 34.02 ? 644 PHE B CZ  1 
ATOM   1193 N N   . ARG B 1 55  ? 14.439  11.174  -10.088 1.00 32.43 ? 645 ARG B N   1 
ATOM   1194 C CA  . ARG B 1 55  ? 14.736  10.071  -10.987 1.00 35.93 ? 645 ARG B CA  1 
ATOM   1195 C C   . ARG B 1 55  ? 15.263  8.924   -10.157 1.00 37.57 ? 645 ARG B C   1 
ATOM   1196 O O   . ARG B 1 55  ? 15.832  9.132   -9.083  1.00 36.92 ? 645 ARG B O   1 
ATOM   1197 C CB  . ARG B 1 55  ? 15.776  10.426  -12.042 1.00 38.48 ? 645 ARG B CB  1 
ATOM   1198 C CG  . ARG B 1 55  ? 15.383  11.546  -12.944 1.00 40.59 ? 645 ARG B CG  1 
ATOM   1199 C CD  . ARG B 1 55  ? 14.936  11.027  -14.292 1.00 43.42 ? 645 ARG B CD  1 
ATOM   1200 N NE  . ARG B 1 55  ? 14.440  12.125  -15.112 1.00 44.10 ? 645 ARG B NE  1 
ATOM   1201 C CZ  . ARG B 1 55  ? 15.215  12.911  -15.846 1.00 43.02 ? 645 ARG B CZ  1 
ATOM   1202 N NH1 . ARG B 1 55  ? 16.528  12.714  -15.873 1.00 44.05 ? 645 ARG B NH1 1 
ATOM   1203 N NH2 . ARG B 1 55  ? 14.671  13.891  -16.551 1.00 51.23 ? 645 ARG B NH2 1 
ATOM   1204 N N   . ALA B 1 56  ? 15.090  7.711   -10.660 1.00 34.99 ? 646 ALA B N   1 
ATOM   1205 C CA  . ALA B 1 56  ? 15.475  6.551   -9.877  1.00 33.61 ? 646 ALA B CA  1 
ATOM   1206 C C   . ALA B 1 56  ? 15.844  5.430   -10.821 1.00 37.47 ? 646 ALA B C   1 
ATOM   1207 O O   . ALA B 1 56  ? 15.250  5.296   -11.894 1.00 37.91 ? 646 ALA B O   1 
ATOM   1208 C CB  . ALA B 1 56  ? 14.350  6.108   -8.940  1.00 35.53 ? 646 ALA B CB  1 
ATOM   1209 N N   . GLU B 1 57  ? 16.814  4.621   -10.400 1.00 40.10 ? 647 GLU B N   1 
ATOM   1210 C CA  . GLU B 1 57  ? 17.323  3.501   -11.182 1.00 39.79 ? 647 GLU B CA  1 
ATOM   1211 C C   . GLU B 1 57  ? 17.405  2.279   -10.281 1.00 42.80 ? 647 GLU B C   1 
ATOM   1212 O O   . GLU B 1 57  ? 18.075  2.315   -9.244  1.00 43.33 ? 647 GLU B O   1 
ATOM   1213 C CB  . GLU B 1 57  ? 18.695  3.821   -11.773 1.00 43.96 ? 647 GLU B CB  1 
ATOM   1214 C CG  . GLU B 1 57  ? 19.224  2.769   -12.735 1.00 46.89 ? 647 GLU B CG  1 
ATOM   1215 C CD  . GLU B 1 57  ? 20.626  3.086   -13.257 1.00 54.75 ? 647 GLU B CD  1 
ATOM   1216 O OE1 . GLU B 1 57  ? 20.970  4.289   -13.431 1.00 58.11 ? 647 GLU B OE1 1 
ATOM   1217 O OE2 . GLU B 1 57  ? 21.376  2.110   -13.488 1.00 52.82 ? 647 GLU B OE2 1 
ATOM   1218 N N   . TYR B 1 58  ? 16.726  1.208   -10.677 1.00 42.40 ? 648 TYR B N   1 
ATOM   1219 C CA  . TYR B 1 58  ? 16.643  -0.033  -9.917  1.00 42.77 ? 648 TYR B CA  1 
ATOM   1220 C C   . TYR B 1 58  ? 17.464  -1.083  -10.648 1.00 48.16 ? 648 TYR B C   1 
ATOM   1221 O O   . TYR B 1 58  ? 17.022  -1.623  -11.667 1.00 47.92 ? 648 TYR B O   1 
ATOM   1222 C CB  . TYR B 1 58  ? 15.188  -0.464  -9.769  1.00 46.77 ? 648 TYR B CB  1 
ATOM   1223 C CG  . TYR B 1 58  ? 14.980  -1.803  -9.096  1.00 51.16 ? 648 TYR B CG  1 
ATOM   1224 C CD1 . TYR B 1 58  ? 15.067  -1.939  -7.711  1.00 50.15 ? 648 TYR B CD1 1 
ATOM   1225 C CD2 . TYR B 1 58  ? 14.682  -2.926  -9.844  1.00 54.43 ? 648 TYR B CD2 1 
ATOM   1226 C CE1 . TYR B 1 58  ? 14.872  -3.159  -7.103  1.00 50.56 ? 648 TYR B CE1 1 
ATOM   1227 C CE2 . TYR B 1 58  ? 14.489  -4.147  -9.245  1.00 58.97 ? 648 TYR B CE2 1 
ATOM   1228 C CZ  . TYR B 1 58  ? 14.585  -4.262  -7.877  1.00 60.06 ? 648 TYR B CZ  1 
ATOM   1229 O OH  . TYR B 1 58  ? 14.392  -5.497  -7.291  1.00 65.54 ? 648 TYR B OH  1 
ATOM   1230 N N   . LYS B 1 59  ? 18.650  -1.382  -10.117 1.00 50.53 ? 649 LYS B N   1 
ATOM   1231 C CA  . LYS B 1 59  ? 19.663  -2.102  -10.880 1.00 47.64 ? 649 LYS B CA  1 
ATOM   1232 C C   . LYS B 1 59  ? 19.433  -3.613  -10.920 1.00 51.28 ? 649 LYS B C   1 
ATOM   1233 O O   . LYS B 1 59  ? 19.992  -4.283  -11.796 1.00 53.41 ? 649 LYS B O   1 
ATOM   1234 C CB  . LYS B 1 59  ? 21.055  -1.785  -10.308 1.00 52.42 ? 649 LYS B CB  1 
ATOM   1235 C CG  . LYS B 1 59  ? 21.783  -3.025  -9.760  1.00 70.30 ? 649 LYS B CG  1 
ATOM   1236 C CD  . LYS B 1 59  ? 22.471  -2.836  -8.404  1.00 69.32 ? 649 LYS B CD  1 
ATOM   1237 C CE  . LYS B 1 59  ? 23.846  -2.180  -8.502  1.00 62.54 ? 649 LYS B CE  1 
ATOM   1238 N NZ  . LYS B 1 59  ? 24.370  -2.016  -7.125  1.00 65.81 ? 649 LYS B NZ  1 
ATOM   1239 N N   . ALA B 1 60  ? 18.597  -4.159  -10.030 1.00 55.65 ? 650 ALA B N   1 
ATOM   1240 C CA  . ALA B 1 60  ? 18.582  -5.606  -9.801  1.00 48.73 ? 650 ALA B CA  1 
ATOM   1241 C C   . ALA B 1 60  ? 18.093  -6.395  -11.008 1.00 51.36 ? 650 ALA B C   1 
ATOM   1242 O O   . ALA B 1 60  ? 18.499  -7.551  -11.191 1.00 54.12 ? 650 ALA B O   1 
ATOM   1243 C CB  . ALA B 1 60  ? 17.724  -5.948  -8.580  1.00 44.60 ? 650 ALA B CB  1 
ATOM   1244 N N   . SER B 1 61  ? 17.214  -5.820  -11.823 1.00 53.42 ? 651 SER B N   1 
ATOM   1245 C CA  . SER B 1 61  ? 16.677  -6.576  -12.947 1.00 53.77 ? 651 SER B CA  1 
ATOM   1246 C C   . SER B 1 61  ? 17.652  -6.654  -14.110 1.00 53.76 ? 651 SER B C   1 
ATOM   1247 O O   . SER B 1 61  ? 17.355  -7.335  -15.098 1.00 55.06 ? 651 SER B O   1 
ATOM   1248 C CB  . SER B 1 61  ? 15.347  -5.977  -13.413 1.00 50.44 ? 651 SER B CB  1 
ATOM   1249 O OG  . SER B 1 61  ? 15.500  -4.623  -13.770 1.00 51.70 ? 651 SER B OG  1 
ATOM   1250 N N   . GLY B 1 62  ? 18.802  -5.993  -14.002 1.00 51.00 ? 652 GLY B N   1 
ATOM   1251 C CA  . GLY B 1 62  ? 19.860  -6.124  -14.978 1.00 50.00 ? 652 GLY B CA  1 
ATOM   1252 C C   . GLY B 1 62  ? 20.479  -7.514  -14.991 1.00 54.48 ? 652 GLY B C   1 
ATOM   1253 O O   . GLY B 1 62  ? 20.114  -8.416  -14.234 1.00 63.71 ? 652 GLY B O   1 
ATOM   1254 N N   . GLY B 1 63  ? 21.443  -7.684  -15.890 1.00 50.16 ? 653 GLY B N   1 
ATOM   1255 C CA  . GLY B 1 63  ? 22.032  -8.979  -16.112 1.00 52.91 ? 653 GLY B CA  1 
ATOM   1256 C C   . GLY B 1 63  ? 22.882  -9.009  -17.359 1.00 53.20 ? 653 GLY B C   1 
ATOM   1257 O O   . GLY B 1 63  ? 23.010  -8.009  -18.068 1.00 50.78 ? 653 GLY B O   1 
ATOM   1258 N N   . PRO B 1 64  ? 23.477  -10.169 -17.653 1.00 57.19 ? 654 PRO B N   1 
ATOM   1259 C CA  . PRO B 1 64  ? 24.393  -10.251 -18.807 1.00 54.89 ? 654 PRO B CA  1 
ATOM   1260 C C   . PRO B 1 64  ? 23.751  -9.889  -20.136 1.00 57.97 ? 654 PRO B C   1 
ATOM   1261 O O   . PRO B 1 64  ? 24.359  -9.160  -20.923 1.00 60.45 ? 654 PRO B O   1 
ATOM   1262 C CB  . PRO B 1 64  ? 24.856  -11.713 -18.770 1.00 51.97 ? 654 PRO B CB  1 
ATOM   1263 C CG  . PRO B 1 64  ? 23.813  -12.427 -17.974 1.00 51.71 ? 654 PRO B CG  1 
ATOM   1264 C CD  . PRO B 1 64  ? 23.353  -11.453 -16.949 1.00 53.25 ? 654 PRO B CD  1 
ATOM   1265 N N   . SER B 1 65  ? 22.527  -10.349 -20.397 1.00 59.88 ? 655 SER B N   1 
ATOM   1266 C CA  . SER B 1 65  ? 21.878  -10.087 -21.676 1.00 59.18 ? 655 SER B CA  1 
ATOM   1267 C C   . SER B 1 65  ? 21.499  -8.608  -21.839 1.00 55.12 ? 655 SER B C   1 
ATOM   1268 O O   . SER B 1 65  ? 21.325  -7.857  -20.871 1.00 48.81 ? 655 SER B O   1 
ATOM   1269 C CB  . SER B 1 65  ? 20.634  -10.960 -21.823 1.00 57.06 ? 655 SER B CB  1 
ATOM   1270 O OG  . SER B 1 65  ? 20.127  -10.885 -23.142 1.00 59.71 ? 655 SER B OG  1 
ATOM   1271 N N   . VAL B 1 66  ? 21.378  -8.192  -23.104 1.00 60.41 ? 656 VAL B N   1 
ATOM   1272 C CA  . VAL B 1 66  ? 20.898  -6.847  -23.418 1.00 59.35 ? 656 VAL B CA  1 
ATOM   1273 C C   . VAL B 1 66  ? 19.427  -6.647  -23.080 1.00 58.09 ? 656 VAL B C   1 
ATOM   1274 O O   . VAL B 1 66  ? 18.967  -5.502  -23.060 1.00 57.84 ? 656 VAL B O   1 
ATOM   1275 C CB  . VAL B 1 66  ? 21.117  -6.498  -24.908 1.00 54.81 ? 656 VAL B CB  1 
ATOM   1276 C CG1 . VAL B 1 66  ? 22.576  -6.093  -25.185 1.00 50.57 ? 656 VAL B CG1 1 
ATOM   1277 C CG2 . VAL B 1 66  ? 20.702  -7.660  -25.780 1.00 54.23 ? 656 VAL B CG2 1 
ATOM   1278 N N   . PHE B 1 67  ? 18.680  -7.725  -22.802 1.00 58.99 ? 657 PHE B N   1 
ATOM   1279 C CA  . PHE B 1 67  ? 17.264  -7.641  -22.450 1.00 56.34 ? 657 PHE B CA  1 
ATOM   1280 C C   . PHE B 1 67  ? 17.009  -7.569  -20.952 1.00 56.77 ? 657 PHE B C   1 
ATOM   1281 O O   . PHE B 1 67  ? 15.908  -7.175  -20.540 1.00 52.88 ? 657 PHE B O   1 
ATOM   1282 C CB  . PHE B 1 67  ? 16.512  -8.839  -23.028 1.00 61.63 ? 657 PHE B CB  1 
ATOM   1283 C CG  . PHE B 1 67  ? 16.821  -9.085  -24.475 1.00 66.10 ? 657 PHE B CG  1 
ATOM   1284 C CD1 . PHE B 1 67  ? 16.295  -8.252  -25.457 1.00 67.70 ? 657 PHE B CD1 1 
ATOM   1285 C CD2 . PHE B 1 67  ? 17.660  -10.124 -24.856 1.00 63.78 ? 657 PHE B CD2 1 
ATOM   1286 C CE1 . PHE B 1 67  ? 16.593  -8.454  -26.807 1.00 66.00 ? 657 PHE B CE1 1 
ATOM   1287 C CE2 . PHE B 1 67  ? 17.961  -10.346 -26.195 1.00 63.68 ? 657 PHE B CE2 1 
ATOM   1288 C CZ  . PHE B 1 67  ? 17.426  -9.505  -27.179 1.00 66.03 ? 657 PHE B CZ  1 
ATOM   1289 N N   . GLN B 1 68  ? 17.984  -7.955  -20.134 1.00 56.81 ? 658 GLN B N   1 
ATOM   1290 C CA  . GLN B 1 68  ? 17.952  -7.687  -18.699 1.00 52.63 ? 658 GLN B CA  1 
ATOM   1291 C C   . GLN B 1 68  ? 18.500  -6.278  -18.495 1.00 49.86 ? 658 GLN B C   1 
ATOM   1292 O O   . GLN B 1 68  ? 19.714  -6.071  -18.462 1.00 52.75 ? 658 GLN B O   1 
ATOM   1293 C CB  . GLN B 1 68  ? 18.761  -8.732  -17.939 1.00 51.09 ? 658 GLN B CB  1 
ATOM   1294 C CG  . GLN B 1 68  ? 18.447  -10.168 -18.335 1.00 56.84 ? 658 GLN B CG  1 
ATOM   1295 C CD  . GLN B 1 68  ? 19.510  -11.152 -17.893 1.00 59.90 ? 658 GLN B CD  1 
ATOM   1296 O OE1 . GLN B 1 68  ? 20.294  -11.645 -18.709 1.00 57.56 ? 658 GLN B OE1 1 
ATOM   1297 N NE2 . GLN B 1 68  ? 19.543  -11.446 -16.599 1.00 60.65 ? 658 GLN B NE2 1 
ATOM   1298 N N   . LYS B 1 69  ? 17.606  -5.299  -18.384 1.00 51.30 ? 659 LYS B N   1 
ATOM   1299 C CA  . LYS B 1 69  ? 17.983  -3.906  -18.183 1.00 47.04 ? 659 LYS B CA  1 
ATOM   1300 C C   . LYS B 1 69  ? 17.538  -3.415  -16.808 1.00 47.48 ? 659 LYS B C   1 
ATOM   1301 O O   . LYS B 1 69  ? 16.541  -3.900  -16.263 1.00 47.27 ? 659 LYS B O   1 
ATOM   1302 C CB  . LYS B 1 69  ? 17.356  -2.998  -19.246 1.00 49.14 ? 659 LYS B CB  1 
ATOM   1303 C CG  . LYS B 1 69  ? 17.985  -3.071  -20.607 1.00 53.04 ? 659 LYS B CG  1 
ATOM   1304 C CD  . LYS B 1 69  ? 17.511  -1.909  -21.471 1.00 58.12 ? 659 LYS B CD  1 
ATOM   1305 C CE  . LYS B 1 69  ? 17.897  -0.546  -20.871 1.00 53.27 ? 659 LYS B CE  1 
ATOM   1306 N NZ  . LYS B 1 69  ? 17.736  0.578   -21.853 1.00 54.42 ? 659 LYS B NZ  1 
ATOM   1307 N N   . PRO B 1 70  ? 18.245  -2.455  -16.220 1.00 41.86 ? 660 PRO B N   1 
ATOM   1308 C CA  . PRO B 1 70  ? 17.743  -1.816  -15.005 1.00 41.30 ? 660 PRO B CA  1 
ATOM   1309 C C   . PRO B 1 70  ? 16.454  -1.094  -15.313 1.00 42.64 ? 660 PRO B C   1 
ATOM   1310 O O   . PRO B 1 70  ? 16.080  -0.896  -16.466 1.00 47.71 ? 660 PRO B O   1 
ATOM   1311 C CB  . PRO B 1 70  ? 18.840  -0.821  -14.624 1.00 45.63 ? 660 PRO B CB  1 
ATOM   1312 C CG  . PRO B 1 70  ? 20.021  -1.210  -15.425 1.00 45.27 ? 660 PRO B CG  1 
ATOM   1313 C CD  . PRO B 1 70  ? 19.497  -1.841  -16.673 1.00 42.39 ? 660 PRO B CD  1 
ATOM   1314 N N   . VAL B 1 71  ? 15.781  -0.670  -14.262 1.00 41.21 ? 661 VAL B N   1 
ATOM   1315 C CA  . VAL B 1 71  ? 14.563  0.105   -14.405 1.00 38.60 ? 661 VAL B CA  1 
ATOM   1316 C C   . VAL B 1 71  ? 14.901  1.551   -14.074 1.00 40.74 ? 661 VAL B C   1 
ATOM   1317 O O   . VAL B 1 71  ? 15.200  1.878   -12.921 1.00 42.29 ? 661 VAL B O   1 
ATOM   1318 C CB  . VAL B 1 71  ? 13.444  -0.439  -13.513 1.00 40.01 ? 661 VAL B CB  1 
ATOM   1319 C CG1 . VAL B 1 71  ? 12.181  0.383   -13.712 1.00 36.83 ? 661 VAL B CG1 1 
ATOM   1320 C CG2 . VAL B 1 71  ? 13.188  -1.895  -13.830 1.00 39.41 ? 661 VAL B CG2 1 
ATOM   1321 N N   . ARG B 1 72  ? 14.872  2.412   -15.091 1.00 36.21 ? 662 ARG B N   1 
ATOM   1322 C CA  . ARG B 1 72  ? 14.955  3.855   -14.906 1.00 36.61 ? 662 ARG B CA  1 
ATOM   1323 C C   . ARG B 1 72  ? 13.547  4.435   -14.967 1.00 39.55 ? 662 ARG B C   1 
ATOM   1324 O O   . ARG B 1 72  ? 12.771  4.107   -15.872 1.00 40.76 ? 662 ARG B O   1 
ATOM   1325 C CB  . ARG B 1 72  ? 15.847  4.506   -15.968 1.00 42.58 ? 662 ARG B CB  1 
ATOM   1326 C CG  . ARG B 1 72  ? 17.243  3.890   -16.086 1.00 50.89 ? 662 ARG B CG  1 
ATOM   1327 C CD  . ARG B 1 72  ? 18.202  4.737   -16.920 1.00 53.76 ? 662 ARG B CD  1 
ATOM   1328 N NE  . ARG B 1 72  ? 18.275  6.117   -16.438 1.00 64.90 ? 662 ARG B NE  1 
ATOM   1329 C CZ  . ARG B 1 72  ? 18.102  7.192   -17.208 1.00 65.81 ? 662 ARG B CZ  1 
ATOM   1330 N NH1 . ARG B 1 72  ? 17.861  7.044   -18.512 1.00 55.52 ? 662 ARG B NH1 1 
ATOM   1331 N NH2 . ARG B 1 72  ? 18.181  8.415   -16.679 1.00 63.99 ? 662 ARG B NH2 1 
ATOM   1332 N N   . PHE B 1 73  ? 13.211  5.284   -14.001 1.00 35.78 ? 663 PHE B N   1 
ATOM   1333 C CA  . PHE B 1 73  ? 11.877  5.857   -13.961 1.00 32.22 ? 663 PHE B CA  1 
ATOM   1334 C C   . PHE B 1 73  ? 11.914  7.176   -13.213 1.00 33.37 ? 663 PHE B C   1 
ATOM   1335 O O   . PHE B 1 73  ? 12.811  7.433   -12.407 1.00 35.49 ? 663 PHE B O   1 
ATOM   1336 C CB  . PHE B 1 73  ? 10.862  4.889   -13.325 1.00 32.38 ? 663 PHE B CB  1 
ATOM   1337 C CG  . PHE B 1 73  ? 11.076  4.609   -11.852 1.00 29.93 ? 663 PHE B CG  1 
ATOM   1338 C CD1 . PHE B 1 73  ? 11.882  3.557   -11.437 1.00 34.36 ? 663 PHE B CD1 1 
ATOM   1339 C CD2 . PHE B 1 73  ? 10.430  5.359   -10.880 1.00 29.88 ? 663 PHE B CD2 1 
ATOM   1340 C CE1 . PHE B 1 73  ? 12.065  3.264   -10.078 1.00 30.30 ? 663 PHE B CE1 1 
ATOM   1341 C CE2 . PHE B 1 73  ? 10.604  5.073   -9.514  1.00 35.20 ? 663 PHE B CE2 1 
ATOM   1342 C CZ  . PHE B 1 73  ? 11.423  4.015   -9.120  1.00 33.49 ? 663 PHE B CZ  1 
ATOM   1343 N N   . GLN B 1 74  ? 10.927  8.019   -13.502 1.00 31.46 ? 664 GLN B N   1 
ATOM   1344 C CA  . GLN B 1 74  ? 10.785  9.320   -12.870 1.00 30.61 ? 664 GLN B CA  1 
ATOM   1345 C C   . GLN B 1 74  ? 9.567   9.323   -11.951 1.00 35.73 ? 664 GLN B C   1 
ATOM   1346 O O   . GLN B 1 74  ? 8.644   8.510   -12.101 1.00 31.13 ? 664 GLN B O   1 
ATOM   1347 C CB  . GLN B 1 74  ? 10.659  10.405  -13.924 1.00 30.58 ? 664 GLN B CB  1 
ATOM   1348 C CG  . GLN B 1 74  ? 10.887  11.790  -13.419 1.00 35.36 ? 664 GLN B CG  1 
ATOM   1349 C CD  . GLN B 1 74  ? 11.085  12.775  -14.551 1.00 40.36 ? 664 GLN B CD  1 
ATOM   1350 O OE1 . GLN B 1 74  ? 12.158  12.840  -15.172 1.00 42.34 ? 664 GLN B OE1 1 
ATOM   1351 N NE2 . GLN B 1 74  ? 10.054  13.556  -14.822 1.00 37.28 ? 664 GLN B NE2 1 
ATOM   1352 N N   . VAL B 1 75  ? 9.573   10.254  -10.997 1.00 30.40 ? 665 VAL B N   1 
ATOM   1353 C CA  . VAL B 1 75  ? 8.539   10.382  -9.979  1.00 27.73 ? 665 VAL B CA  1 
ATOM   1354 C C   . VAL B 1 75  ? 8.226   11.863  -9.823  1.00 33.34 ? 665 VAL B C   1 
ATOM   1355 O O   . VAL B 1 75  ? 9.122   12.649  -9.502  1.00 31.84 ? 665 VAL B O   1 
ATOM   1356 C CB  . VAL B 1 75  ? 8.998   9.792   -8.636  1.00 31.59 ? 665 VAL B CB  1 
ATOM   1357 C CG1 . VAL B 1 75  ? 7.947   9.984   -7.554  1.00 32.41 ? 665 VAL B CG1 1 
ATOM   1358 C CG2 . VAL B 1 75  ? 9.362   8.324   -8.776  1.00 29.52 ? 665 VAL B CG2 1 
ATOM   1359 N N   . ASP B 1 76  ? 6.968   12.253  -10.044 1.00 34.59 ? 666 ASP B N   1 
ATOM   1360 C CA  . ASP B 1 76  ? 6.564   13.658  -9.972  1.00 31.93 ? 666 ASP B CA  1 
ATOM   1361 C C   . ASP B 1 76  ? 5.395   13.840  -9.013  1.00 30.30 ? 666 ASP B C   1 
ATOM   1362 O O   . ASP B 1 76  ? 4.429   13.079  -9.064  1.00 35.88 ? 666 ASP B O   1 
ATOM   1363 C CB  . ASP B 1 76  ? 6.166   14.188  -11.353 1.00 35.11 ? 666 ASP B CB  1 
ATOM   1364 C CG  . ASP B 1 76  ? 7.293   14.096  -12.370 1.00 41.68 ? 666 ASP B CG  1 
ATOM   1365 O OD1 . ASP B 1 76  ? 7.464   13.001  -12.979 1.00 46.68 ? 666 ASP B OD1 1 
ATOM   1366 O OD2 . ASP B 1 76  ? 8.004   15.115  -12.557 1.00 44.81 ? 666 ASP B OD2 1 
ATOM   1367 N N   . ILE B 1 77  ? 5.473   14.855  -8.160  1.00 29.68 ? 667 ILE B N   1 
ATOM   1368 C CA  . ILE B 1 77  ? 4.373   15.245  -7.284  1.00 33.92 ? 667 ILE B CA  1 
ATOM   1369 C C   . ILE B 1 77  ? 3.701   16.480  -7.866  1.00 38.75 ? 667 ILE B C   1 
ATOM   1370 O O   . ILE B 1 77  ? 4.371   17.361  -8.414  1.00 41.93 ? 667 ILE B O   1 
ATOM   1371 C CB  . ILE B 1 77  ? 4.872   15.524  -5.855  1.00 38.44 ? 667 ILE B CB  1 
ATOM   1372 C CG1 . ILE B 1 77  ? 5.865   14.442  -5.418  1.00 38.74 ? 667 ILE B CG1 1 
ATOM   1373 C CG2 . ILE B 1 77  ? 3.689   15.603  -4.884  1.00 33.42 ? 667 ILE B CG2 1 
ATOM   1374 C CD1 . ILE B 1 77  ? 6.645   14.780  -4.159  1.00 32.52 ? 667 ILE B CD1 1 
ATOM   1375 N N   . SER B 1 78  ? 2.380   16.556  -7.755  1.00 40.31 ? 668 SER B N   1 
ATOM   1376 C CA  . SER B 1 78  ? 1.667   17.711  -8.275  1.00 40.35 ? 668 SER B CA  1 
ATOM   1377 C C   . SER B 1 78  ? 0.447   17.997  -7.412  1.00 44.98 ? 668 SER B C   1 
ATOM   1378 O O   . SER B 1 78  ? -0.301  17.084  -7.054  1.00 44.08 ? 668 SER B O   1 
ATOM   1379 C CB  . SER B 1 78  ? 1.228   17.492  -9.723  1.00 42.09 ? 668 SER B CB  1 
ATOM   1380 O OG  . SER B 1 78  ? -0.128  17.065  -9.757  1.00 53.15 ? 668 SER B OG  1 
ATOM   1381 N N   . SER B 1 79  ? 0.248   19.274  -7.107  1.00 49.33 ? 669 SER B N   1 
ATOM   1382 C CA  . SER B 1 79  ? -0.915  19.735  -6.373  1.00 45.68 ? 669 SER B CA  1 
ATOM   1383 C C   . SER B 1 79  ? -2.033  20.126  -7.330  1.00 52.89 ? 669 SER B C   1 
ATOM   1384 O O   . SER B 1 79  ? -1.918  20.044  -8.561  1.00 53.77 ? 669 SER B O   1 
ATOM   1385 C CB  . SER B 1 79  ? -0.555  20.921  -5.473  1.00 50.72 ? 669 SER B CB  1 
ATOM   1386 O OG  . SER B 1 79  ? -1.413  22.039  -5.709  1.00 65.17 ? 669 SER B OG  1 
ATOM   1387 N N   . SER B 1 80  ? -3.124  20.577  -6.733  1.00 51.16 ? 670 SER B N   1 
ATOM   1388 C CA  . SER B 1 80  ? -4.278  21.053  -7.441  1.00 44.14 ? 670 SER B CA  1 
ATOM   1389 C C   . SER B 1 80  ? -4.460  22.521  -7.099  1.00 46.48 ? 670 SER B C   1 
ATOM   1390 O O   . SER B 1 80  ? -4.979  23.287  -7.901  1.00 55.18 ? 670 SER B O   1 
ATOM   1391 C CB  . SER B 1 80  ? -5.495  20.229  -7.043  1.00 45.98 ? 670 SER B CB  1 
ATOM   1392 O OG  . SER B 1 80  ? -5.627  20.196  -5.634  1.00 45.66 ? 670 SER B OG  1 
ATOM   1393 N N   . GLY B 1 96  ? -6.000  20.863  -0.242  1.00 48.63 ? 686 GLY B N   1 
ATOM   1394 C CA  . GLY B 1 96  ? -5.984  20.408  -1.623  1.00 46.48 ? 686 GLY B CA  1 
ATOM   1395 C C   . GLY B 1 96  ? -5.767  18.910  -1.745  1.00 55.07 ? 686 GLY B C   1 
ATOM   1396 O O   . GLY B 1 96  ? -5.815  18.179  -0.743  1.00 56.94 ? 686 GLY B O   1 
ATOM   1397 N N   . ILE B 1 97  ? -5.551  18.428  -2.970  1.00 47.19 ? 687 ILE B N   1 
ATOM   1398 C CA  . ILE B 1 97  ? -5.188  17.033  -3.178  1.00 43.39 ? 687 ILE B CA  1 
ATOM   1399 C C   . ILE B 1 97  ? -3.951  16.970  -4.063  1.00 47.00 ? 687 ILE B C   1 
ATOM   1400 O O   . ILE B 1 97  ? -3.631  17.924  -4.781  1.00 45.24 ? 687 ILE B O   1 
ATOM   1401 C CB  . ILE B 1 97  ? -6.323  16.199  -3.791  1.00 41.05 ? 687 ILE B CB  1 
ATOM   1402 C CG1 . ILE B 1 97  ? -6.533  16.591  -5.252  1.00 38.92 ? 687 ILE B CG1 1 
ATOM   1403 C CG2 . ILE B 1 97  ? -7.570  16.346  -2.966  1.00 42.80 ? 687 ILE B CG2 1 
ATOM   1404 C CD1 . ILE B 1 97  ? -7.440  15.674  -6.012  1.00 35.70 ? 687 ILE B CD1 1 
ATOM   1405 N N   . TYR B 1 98  ? -3.258  15.821  -3.998  1.00 41.53 ? 688 TYR B N   1 
ATOM   1406 C CA  . TYR B 1 98  ? -1.941  15.602  -4.570  1.00 33.63 ? 688 TYR B CA  1 
ATOM   1407 C C   . TYR B 1 98  ? -1.933  14.340  -5.411  1.00 37.89 ? 688 TYR B C   1 
ATOM   1408 O O   . TYR B 1 98  ? -2.630  13.371  -5.105  1.00 39.65 ? 688 TYR B O   1 
ATOM   1409 C CB  . TYR B 1 98  ? -0.895  15.459  -3.487  1.00 32.87 ? 688 TYR B CB  1 
ATOM   1410 C CG  . TYR B 1 98  ? -0.546  16.744  -2.783  1.00 42.97 ? 688 TYR B CG  1 
ATOM   1411 C CD1 . TYR B 1 98  ? -1.270  17.178  -1.679  1.00 43.88 ? 688 TYR B CD1 1 
ATOM   1412 C CD2 . TYR B 1 98  ? 0.518   17.524  -3.221  1.00 43.22 ? 688 TYR B CD2 1 
ATOM   1413 C CE1 . TYR B 1 98  ? -0.942  18.365  -1.025  1.00 48.35 ? 688 TYR B CE1 1 
ATOM   1414 C CE2 . TYR B 1 98  ? 0.862   18.702  -2.582  1.00 46.48 ? 688 TYR B CE2 1 
ATOM   1415 C CZ  . TYR B 1 98  ? 0.135   19.124  -1.483  1.00 57.43 ? 688 TYR B CZ  1 
ATOM   1416 O OH  . TYR B 1 98  ? 0.500   20.307  -0.862  1.00 65.50 ? 688 TYR B OH  1 
ATOM   1417 N N   . SER B 1 99  ? -1.129  14.347  -6.465  1.00 33.05 ? 689 SER B N   1 
ATOM   1418 C CA  . SER B 1 99  ? -0.950  13.169  -7.300  1.00 30.97 ? 689 SER B CA  1 
ATOM   1419 C C   . SER B 1 99  ? 0.532   12.885  -7.467  1.00 37.23 ? 689 SER B C   1 
ATOM   1420 O O   . SER B 1 99  ? 1.316   13.801  -7.738  1.00 41.11 ? 689 SER B O   1 
ATOM   1421 C CB  . SER B 1 99  ? -1.581  13.347  -8.672  1.00 32.97 ? 689 SER B CB  1 
ATOM   1422 O OG  . SER B 1 99  ? -0.951  14.403  -9.364  1.00 41.39 ? 689 SER B OG  1 
ATOM   1423 N N   . VAL B 1 100 ? 0.909   11.618  -7.336  1.00 32.27 ? 690 VAL B N   1 
ATOM   1424 C CA  . VAL B 1 100 ? 2.264   11.165  -7.612  1.00 28.14 ? 690 VAL B CA  1 
ATOM   1425 C C   . VAL B 1 100 ? 2.237   10.373  -8.908  1.00 29.29 ? 690 VAL B C   1 
ATOM   1426 O O   . VAL B 1 100 ? 1.539   9.361   -9.006  1.00 35.15 ? 690 VAL B O   1 
ATOM   1427 C CB  . VAL B 1 100 ? 2.825   10.320  -6.459  1.00 31.54 ? 690 VAL B CB  1 
ATOM   1428 C CG1 . VAL B 1 100 ? 4.248   9.974   -6.724  1.00 30.40 ? 690 VAL B CG1 1 
ATOM   1429 C CG2 . VAL B 1 100 ? 2.722   11.069  -5.160  1.00 29.35 ? 690 VAL B CG2 1 
ATOM   1430 N N   . THR B 1 101 ? 2.987   10.829  -9.901  1.00 29.99 ? 691 THR B N   1 
ATOM   1431 C CA  . THR B 1 101 ? 3.123   10.147  -11.182 1.00 29.07 ? 691 THR B CA  1 
ATOM   1432 C C   . THR B 1 101 ? 4.442   9.391   -11.247 1.00 30.10 ? 691 THR B C   1 
ATOM   1433 O O   . THR B 1 101 ? 5.509   9.983   -11.062 1.00 36.02 ? 691 THR B O   1 
ATOM   1434 C CB  . THR B 1 101 ? 3.090   11.151  -12.323 1.00 31.63 ? 691 THR B CB  1 
ATOM   1435 O OG1 . THR B 1 101 ? 2.001   12.059  -12.128 1.00 39.64 ? 691 THR B OG1 1 
ATOM   1436 C CG2 . THR B 1 101 ? 2.962   10.427  -13.644 1.00 29.68 ? 691 THR B CG2 1 
ATOM   1437 N N   . PHE B 1 102 ? 4.374   8.108   -11.562 1.00 32.47 ? 692 PHE B N   1 
ATOM   1438 C CA  . PHE B 1 102 ? 5.553   7.283   -11.788 1.00 32.05 ? 692 PHE B CA  1 
ATOM   1439 C C   . PHE B 1 102 ? 5.652   7.013   -13.283 1.00 35.02 ? 692 PHE B C   1 
ATOM   1440 O O   . PHE B 1 102 ? 4.805   6.317   -13.848 1.00 36.14 ? 692 PHE B O   1 
ATOM   1441 C CB  . PHE B 1 102 ? 5.466   5.962   -11.034 1.00 29.10 ? 692 PHE B CB  1 
ATOM   1442 C CG  . PHE B 1 102 ? 5.294   6.099   -9.562  1.00 30.87 ? 692 PHE B CG  1 
ATOM   1443 C CD1 . PHE B 1 102 ? 4.039   6.291   -9.012  1.00 31.53 ? 692 PHE B CD1 1 
ATOM   1444 C CD2 . PHE B 1 102 ? 6.380   5.981   -8.714  1.00 30.52 ? 692 PHE B CD2 1 
ATOM   1445 C CE1 . PHE B 1 102 ? 3.871   6.385   -7.639  1.00 30.85 ? 692 PHE B CE1 1 
ATOM   1446 C CE2 . PHE B 1 102 ? 6.223   6.072   -7.327  1.00 35.14 ? 692 PHE B CE2 1 
ATOM   1447 C CZ  . PHE B 1 102 ? 4.970   6.274   -6.793  1.00 33.38 ? 692 PHE B CZ  1 
ATOM   1448 N N   . THR B 1 103 ? 6.701   7.513   -13.914 1.00 33.81 ? 693 THR B N   1 
ATOM   1449 C CA  . THR B 1 103 ? 6.861   7.371   -15.353 1.00 35.13 ? 693 THR B CA  1 
ATOM   1450 C C   . THR B 1 103 ? 8.077   6.517   -15.668 1.00 34.94 ? 693 THR B C   1 
ATOM   1451 O O   . THR B 1 103 ? 9.194   6.859   -15.271 1.00 35.75 ? 693 THR B O   1 
ATOM   1452 C CB  . THR B 1 103 ? 7.006   8.736   -16.010 1.00 38.15 ? 693 THR B CB  1 
ATOM   1453 O OG1 . THR B 1 103 ? 5.918   9.571   -15.601 1.00 40.32 ? 693 THR B OG1 1 
ATOM   1454 C CG2 . THR B 1 103 ? 7.003   8.588   -17.508 1.00 32.97 ? 693 THR B CG2 1 
ATOM   1455 N N   . LEU B 1 104 ? 7.861   5.446   -16.426 1.00 34.16 ? 694 LEU B N   1 
ATOM   1456 C CA  . LEU B 1 104 ? 8.939   4.552   -16.828 1.00 38.55 ? 694 LEU B CA  1 
ATOM   1457 C C   . LEU B 1 104 ? 9.803   5.178   -17.925 1.00 42.87 ? 694 LEU B C   1 
ATOM   1458 O O   . LEU B 1 104 ? 9.293   5.755   -18.885 1.00 41.66 ? 694 LEU B O   1 
ATOM   1459 C CB  . LEU B 1 104 ? 8.341   3.229   -17.306 1.00 36.26 ? 694 LEU B CB  1 
ATOM   1460 C CG  . LEU B 1 104 ? 9.242   2.168   -17.931 1.00 37.37 ? 694 LEU B CG  1 
ATOM   1461 C CD1 . LEU B 1 104 ? 10.392  1.852   -17.016 1.00 37.51 ? 694 LEU B CD1 1 
ATOM   1462 C CD2 . LEU B 1 104 ? 8.462   0.901   -18.254 1.00 37.17 ? 694 LEU B CD2 1 
ATOM   1463 N N   . ILE B 1 105 ? 11.123  5.073   -17.788 1.00 41.78 ? 695 ILE B N   1 
ATOM   1464 C CA  . ILE B 1 105 ? 12.062  5.605   -18.770 1.00 35.74 ? 695 ILE B CA  1 
ATOM   1465 C C   . ILE B 1 105 ? 12.669  4.497   -19.626 1.00 41.72 ? 695 ILE B C   1 
ATOM   1466 O O   . ILE B 1 105 ? 12.763  4.614   -20.852 1.00 42.66 ? 695 ILE B O   1 
ATOM   1467 C CB  . ILE B 1 105 ? 13.161  6.433   -18.076 1.00 37.21 ? 695 ILE B CB  1 
ATOM   1468 C CG1 . ILE B 1 105 ? 12.546  7.650   -17.378 1.00 39.84 ? 695 ILE B CG1 1 
ATOM   1469 C CG2 . ILE B 1 105 ? 14.207  6.847   -19.070 1.00 41.43 ? 695 ILE B CG2 1 
ATOM   1470 C CD1 . ILE B 1 105 ? 13.557  8.504   -16.584 1.00 35.50 ? 695 ILE B CD1 1 
ATOM   1471 N N   . SER B 1 106 ? 13.065  3.396   -18.990 1.00 38.31 ? 696 SER B N   1 
ATOM   1472 C CA  . SER B 1 106 ? 13.743  2.280   -19.621 1.00 35.05 ? 696 SER B CA  1 
ATOM   1473 C C   . SER B 1 106 ? 13.547  1.067   -18.736 1.00 38.77 ? 696 SER B C   1 
ATOM   1474 O O   . SER B 1 106 ? 13.513  1.186   -17.511 1.00 39.84 ? 696 SER B O   1 
ATOM   1475 C CB  . SER B 1 106 ? 15.248  2.522   -19.773 1.00 39.59 ? 696 SER B CB  1 
ATOM   1476 O OG  . SER B 1 106 ? 15.534  3.634   -20.577 1.00 50.46 ? 696 SER B OG  1 
ATOM   1477 N N   . GLY B 1 107 ? 13.465  -0.101  -19.354 1.00 38.43 ? 697 GLY B N   1 
ATOM   1478 C CA  . GLY B 1 107 ? 13.472  -1.335  -18.612 1.00 37.28 ? 697 GLY B CA  1 
ATOM   1479 C C   . GLY B 1 107 ? 12.133  -2.046  -18.527 1.00 41.16 ? 697 GLY B C   1 
ATOM   1480 O O   . GLY B 1 107 ? 11.120  -1.578  -19.074 1.00 46.06 ? 697 GLY B O   1 
ATOM   1481 N N   . PRO B 1 108 ? 12.099  -3.147  -17.824 1.00 45.10 ? 698 PRO B N   1 
ATOM   1482 C CA  . PRO B 1 108 ? 10.950  -4.071  -17.787 1.00 40.81 ? 698 PRO B CA  1 
ATOM   1483 C C   . PRO B 1 108 ? 9.749   -3.473  -17.054 1.00 44.96 ? 698 PRO B C   1 
ATOM   1484 O O   . PRO B 1 108 ? 9.815   -3.237  -15.836 1.00 43.10 ? 698 PRO B O   1 
ATOM   1485 C CB  . PRO B 1 108 ? 11.479  -5.308  -17.077 1.00 38.29 ? 698 PRO B CB  1 
ATOM   1486 C CG  . PRO B 1 108 ? 12.975  -5.152  -17.062 1.00 41.50 ? 698 PRO B CG  1 
ATOM   1487 C CD  . PRO B 1 108 ? 13.253  -3.707  -17.080 1.00 41.67 ? 698 PRO B CD  1 
ATOM   1488 N N   . SER B 1 109 ? 8.638   -3.296  -17.771 1.00 47.03 ? 699 SER B N   1 
ATOM   1489 C CA  . SER B 1 109 ? 7.387   -2.863  -17.145 1.00 50.14 ? 699 SER B CA  1 
ATOM   1490 C C   . SER B 1 109 ? 7.026   -3.726  -15.934 1.00 49.00 ? 699 SER B C   1 
ATOM   1491 O O   . SER B 1 109 ? 6.584   -3.208  -14.902 1.00 48.35 ? 699 SER B O   1 
ATOM   1492 C CB  . SER B 1 109 ? 6.248   -2.883  -18.169 1.00 45.73 ? 699 SER B CB  1 
ATOM   1493 O OG  . SER B 1 109 ? 6.734   -3.219  -19.463 1.00 63.79 ? 699 SER B OG  1 
ATOM   1494 N N   . ARG B 1 110 ? 7.203   -5.044  -16.040 1.00 46.84 ? 700 ARG B N   1 
ATOM   1495 C CA  . ARG B 1 110 ? 6.860   -5.945  -14.940 1.00 45.98 ? 700 ARG B CA  1 
ATOM   1496 C C   . ARG B 1 110 ? 7.591   -5.565  -13.657 1.00 47.58 ? 700 ARG B C   1 
ATOM   1497 O O   . ARG B 1 110 ? 6.983   -5.441  -12.586 1.00 47.48 ? 700 ARG B O   1 
ATOM   1498 C CB  . ARG B 1 110 ? 7.200   -7.383  -15.339 1.00 54.67 ? 700 ARG B CB  1 
ATOM   1499 C CG  . ARG B 1 110 ? 6.588   -8.475  -14.459 1.00 64.26 ? 700 ARG B CG  1 
ATOM   1500 C CD  . ARG B 1 110 ? 5.403   -9.130  -15.170 1.00 79.09 ? 700 ARG B CD  1 
ATOM   1501 N NE  . ARG B 1 110 ? 5.690   -9.328  -16.590 1.00 84.98 ? 700 ARG B NE  1 
ATOM   1502 C CZ  . ARG B 1 110 ? 4.801   -9.730  -17.489 1.00 87.74 ? 700 ARG B CZ  1 
ATOM   1503 N NH1 . ARG B 1 110 ? 3.553   -9.982  -17.116 1.00 92.38 ? 700 ARG B NH1 1 
ATOM   1504 N NH2 . ARG B 1 110 ? 5.162   -9.875  -18.761 1.00 84.48 ? 700 ARG B NH2 1 
ATOM   1505 N N   . ARG B 1 111 ? 8.909   -5.399  -13.743 1.00 48.47 ? 701 ARG B N   1 
ATOM   1506 C CA  . ARG B 1 111 ? 9.669   -5.035  -12.561 1.00 47.22 ? 701 ARG B CA  1 
ATOM   1507 C C   . ARG B 1 111 ? 9.388   -3.596  -12.156 1.00 47.51 ? 701 ARG B C   1 
ATOM   1508 O O   . ARG B 1 111 ? 9.476   -3.251  -10.972 1.00 45.40 ? 701 ARG B O   1 
ATOM   1509 C CB  . ARG B 1 111 ? 11.153  -5.261  -12.828 1.00 51.14 ? 701 ARG B CB  1 
ATOM   1510 C CG  . ARG B 1 111 ? 12.012  -5.324  -11.585 1.00 60.62 ? 701 ARG B CG  1 
ATOM   1511 C CD  . ARG B 1 111 ? 12.556  -6.730  -11.384 1.00 70.49 ? 701 ARG B CD  1 
ATOM   1512 N NE  . ARG B 1 111 ? 11.757  -7.498  -10.434 1.00 68.20 ? 701 ARG B NE  1 
ATOM   1513 C CZ  . ARG B 1 111 ? 11.814  -7.339  -9.113  1.00 71.63 ? 701 ARG B CZ  1 
ATOM   1514 N NH1 . ARG B 1 111 ? 12.623  -6.434  -8.586  1.00 67.34 ? 701 ARG B NH1 1 
ATOM   1515 N NH2 . ARG B 1 111 ? 11.059  -8.080  -8.315  1.00 76.28 ? 701 ARG B NH2 1 
ATOM   1516 N N   . PHE B 1 112 ? 9.034   -2.752  -13.126 1.00 45.48 ? 702 PHE B N   1 
ATOM   1517 C CA  . PHE B 1 112 ? 8.602   -1.390  -12.832 1.00 41.48 ? 702 PHE B CA  1 
ATOM   1518 C C   . PHE B 1 112 ? 7.358   -1.370  -11.946 1.00 45.28 ? 702 PHE B C   1 
ATOM   1519 O O   . PHE B 1 112 ? 7.292   -0.607  -10.973 1.00 41.72 ? 702 PHE B O   1 
ATOM   1520 C CB  . PHE B 1 112 ? 8.342   -0.669  -14.149 1.00 38.66 ? 702 PHE B CB  1 
ATOM   1521 C CG  . PHE B 1 112 ? 7.719   0.672   -13.998 1.00 38.62 ? 702 PHE B CG  1 
ATOM   1522 C CD1 . PHE B 1 112 ? 8.425   1.715   -13.442 1.00 38.74 ? 702 PHE B CD1 1 
ATOM   1523 C CD2 . PHE B 1 112 ? 6.442   0.906   -14.458 1.00 42.78 ? 702 PHE B CD2 1 
ATOM   1524 C CE1 . PHE B 1 112 ? 7.865   2.977   -13.318 1.00 34.02 ? 702 PHE B CE1 1 
ATOM   1525 C CE2 . PHE B 1 112 ? 5.875   2.157   -14.339 1.00 41.58 ? 702 PHE B CE2 1 
ATOM   1526 C CZ  . PHE B 1 112 ? 6.600   3.202   -13.761 1.00 37.33 ? 702 PHE B CZ  1 
ATOM   1527 N N   . LYS B 1 113 ? 6.357   -2.200  -12.270 1.00 46.87 ? 703 LYS B N   1 
ATOM   1528 C CA  . LYS B 1 113 ? 5.134   -2.224  -11.478 1.00 42.97 ? 703 LYS B CA  1 
ATOM   1529 C C   . LYS B 1 113 ? 5.404   -2.654  -10.049 1.00 47.07 ? 703 LYS B C   1 
ATOM   1530 O O   . LYS B 1 113 ? 4.762   -2.148  -9.126  1.00 49.06 ? 703 LYS B O   1 
ATOM   1531 C CB  . LYS B 1 113 ? 4.101   -3.149  -12.114 1.00 47.07 ? 703 LYS B CB  1 
ATOM   1532 C CG  . LYS B 1 113 ? 3.147   -2.476  -13.080 1.00 52.60 ? 703 LYS B CG  1 
ATOM   1533 C CD  . LYS B 1 113 ? 2.027   -3.427  -13.503 1.00 64.78 ? 703 LYS B CD  1 
ATOM   1534 C CE  . LYS B 1 113 ? 1.379   -4.131  -12.299 1.00 70.04 ? 703 LYS B CE  1 
ATOM   1535 N NZ  . LYS B 1 113 ? 0.335   -5.143  -12.691 1.00 73.42 ? 703 LYS B NZ  1 
ATOM   1536 N N   . ARG B 1 114 ? 6.358   -3.566  -9.843  1.00 45.57 ? 704 ARG B N   1 
ATOM   1537 C CA  . ARG B 1 114 ? 6.628   -4.075  -8.501  1.00 47.05 ? 704 ARG B CA  1 
ATOM   1538 C C   . ARG B 1 114 ? 7.339   -3.040  -7.638  1.00 45.79 ? 704 ARG B C   1 
ATOM   1539 O O   . ARG B 1 114 ? 6.998   -2.863  -6.462  1.00 46.26 ? 704 ARG B O   1 
ATOM   1540 C CB  . ARG B 1 114 ? 7.451   -5.358  -8.598  1.00 56.16 ? 704 ARG B CB  1 
ATOM   1541 C CG  . ARG B 1 114 ? 6.738   -6.515  -9.299  1.00 61.06 ? 704 ARG B CG  1 
ATOM   1542 C CD  . ARG B 1 114 ? 6.059   -7.449  -8.308  1.00 71.35 ? 704 ARG B CD  1 
ATOM   1543 N NE  . ARG B 1 114 ? 6.895   -7.694  -7.130  1.00 85.58 ? 704 ARG B NE  1 
ATOM   1544 C CZ  . ARG B 1 114 ? 7.991   -8.455  -7.115  1.00 79.41 ? 704 ARG B CZ  1 
ATOM   1545 N NH1 . ARG B 1 114 ? 8.405   -9.056  -8.230  1.00 66.43 ? 704 ARG B NH1 1 
ATOM   1546 N NH2 . ARG B 1 114 ? 8.675   -8.612  -5.982  1.00 78.87 ? 704 ARG B NH2 1 
ATOM   1547 N N   . VAL B 1 115 ? 8.352   -2.370  -8.193  1.00 44.66 ? 705 VAL B N   1 
ATOM   1548 C CA  . VAL B 1 115 ? 9.027   -1.304  -7.462  1.00 41.61 ? 705 VAL B CA  1 
ATOM   1549 C C   . VAL B 1 115 ? 8.035   -0.221  -7.072  1.00 39.90 ? 705 VAL B C   1 
ATOM   1550 O O   . VAL B 1 115 ? 8.030   0.267   -5.936  1.00 35.77 ? 705 VAL B O   1 
ATOM   1551 C CB  . VAL B 1 115 ? 10.174  -0.727  -8.308  1.00 42.02 ? 705 VAL B CB  1 
ATOM   1552 C CG1 . VAL B 1 115 ? 10.941  0.309   -7.518  1.00 36.70 ? 705 VAL B CG1 1 
ATOM   1553 C CG2 . VAL B 1 115 ? 11.100  -1.828  -8.780  1.00 46.58 ? 705 VAL B CG2 1 
ATOM   1554 N N   . VAL B 1 116 ? 7.167   0.161   -8.006  1.00 39.99 ? 706 VAL B N   1 
ATOM   1555 C CA  . VAL B 1 116 ? 6.209   1.232   -7.739  1.00 41.52 ? 706 VAL B CA  1 
ATOM   1556 C C   . VAL B 1 116 ? 5.189   0.803   -6.689  1.00 38.26 ? 706 VAL B C   1 
ATOM   1557 O O   . VAL B 1 116 ? 4.779   1.605   -5.843  1.00 39.76 ? 706 VAL B O   1 
ATOM   1558 C CB  . VAL B 1 116 ? 5.548   1.675   -9.053  1.00 37.78 ? 706 VAL B CB  1 
ATOM   1559 C CG1 . VAL B 1 116 ? 4.497   2.724   -8.801  1.00 34.29 ? 706 VAL B CG1 1 
ATOM   1560 C CG2 . VAL B 1 116 ? 6.600   2.222   -9.973  1.00 36.55 ? 706 VAL B CG2 1 
ATOM   1561 N N   . GLU B 1 117 ? 4.772   -0.467  -6.717  1.00 40.06 ? 707 GLU B N   1 
ATOM   1562 C CA  . GLU B 1 117 ? 3.971   -1.023  -5.631  1.00 41.83 ? 707 GLU B CA  1 
ATOM   1563 C C   . GLU B 1 117 ? 4.630   -0.783  -4.274  1.00 39.32 ? 707 GLU B C   1 
ATOM   1564 O O   . GLU B 1 117 ? 3.996   -0.274  -3.344  1.00 39.42 ? 707 GLU B O   1 
ATOM   1565 C CB  . GLU B 1 117 ? 3.740   -2.516  -5.873  1.00 44.35 ? 707 GLU B CB  1 
ATOM   1566 C CG  . GLU B 1 117 ? 2.674   -2.798  -6.912  1.00 48.08 ? 707 GLU B CG  1 
ATOM   1567 C CD  . GLU B 1 117 ? 2.595   -4.260  -7.332  1.00 56.85 ? 707 GLU B CD  1 
ATOM   1568 O OE1 . GLU B 1 117 ? 3.414   -5.084  -6.852  1.00 59.10 ? 707 GLU B OE1 1 
ATOM   1569 O OE2 . GLU B 1 117 ? 1.704   -4.579  -8.156  1.00 59.43 ? 707 GLU B OE2 1 
ATOM   1570 N N   . THR B 1 118 ? 5.914   -1.119  -4.154  1.00 33.63 ? 708 THR B N   1 
ATOM   1571 C CA  . THR B 1 118 ? 6.642   -0.889  -2.908  1.00 34.08 ? 708 THR B CA  1 
ATOM   1572 C C   . THR B 1 118 ? 6.581   0.576   -2.475  1.00 37.18 ? 708 THR B C   1 
ATOM   1573 O O   . THR B 1 118 ? 6.452   0.877   -1.282  1.00 39.34 ? 708 THR B O   1 
ATOM   1574 C CB  . THR B 1 118 ? 8.100   -1.344  -3.073  1.00 39.12 ? 708 THR B CB  1 
ATOM   1575 O OG1 . THR B 1 118 ? 8.145   -2.732  -3.436  1.00 41.76 ? 708 THR B OG1 1 
ATOM   1576 C CG2 . THR B 1 118 ? 8.913   -1.118  -1.801  1.00 30.01 ? 708 THR B CG2 1 
ATOM   1577 N N   . ILE B 1 119 ? 6.692   1.507   -3.422  1.00 34.44 ? 709 ILE B N   1 
ATOM   1578 C CA  . ILE B 1 119 ? 6.671   2.912   -3.040  1.00 32.65 ? 709 ILE B CA  1 
ATOM   1579 C C   . ILE B 1 119 ? 5.276   3.332   -2.606  1.00 33.96 ? 709 ILE B C   1 
ATOM   1580 O O   . ILE B 1 119 ? 5.113   4.062   -1.627  1.00 36.38 ? 709 ILE B O   1 
ATOM   1581 C CB  . ILE B 1 119 ? 7.197   3.777   -4.191  1.00 36.22 ? 709 ILE B CB  1 
ATOM   1582 C CG1 . ILE B 1 119 ? 8.485   3.154   -4.739  1.00 36.61 ? 709 ILE B CG1 1 
ATOM   1583 C CG2 . ILE B 1 119 ? 7.413   5.195   -3.719  1.00 31.96 ? 709 ILE B CG2 1 
ATOM   1584 C CD1 . ILE B 1 119 ? 9.182   3.976   -5.755  1.00 33.57 ? 709 ILE B CD1 1 
ATOM   1585 N N   . GLN B 1 120 ? 4.251   2.885   -3.330  1.00 37.15 ? 710 GLN B N   1 
ATOM   1586 C CA  . GLN B 1 120 ? 2.874   3.171   -2.941  1.00 38.24 ? 710 GLN B CA  1 
ATOM   1587 C C   . GLN B 1 120 ? 2.587   2.717   -1.523  1.00 37.64 ? 710 GLN B C   1 
ATOM   1588 O O   . GLN B 1 120 ? 1.959   3.442   -0.743  1.00 38.09 ? 710 GLN B O   1 
ATOM   1589 C CB  . GLN B 1 120 ? 1.918   2.486   -3.906  1.00 44.06 ? 710 GLN B CB  1 
ATOM   1590 C CG  . GLN B 1 120 ? 1.787   3.189   -5.245  1.00 46.68 ? 710 GLN B CG  1 
ATOM   1591 C CD  . GLN B 1 120 ? 0.920   2.423   -6.223  1.00 50.46 ? 710 GLN B CD  1 
ATOM   1592 O OE1 . GLN B 1 120 ? 0.753   1.199   -6.116  1.00 57.29 ? 710 GLN B OE1 1 
ATOM   1593 N NE2 . GLN B 1 120 ? 0.359   3.140   -7.185  1.00 49.22 ? 710 GLN B NE2 1 
ATOM   1594 N N   . ALA B 1 121 ? 3.035   1.513   -1.177  1.00 36.87 ? 711 ALA B N   1 
ATOM   1595 C CA  . ALA B 1 121 ? 2.825   0.993   0.161   1.00 35.41 ? 711 ALA B CA  1 
ATOM   1596 C C   . ALA B 1 121 ? 3.301   1.967   1.219   1.00 37.22 ? 711 ALA B C   1 
ATOM   1597 O O   . ALA B 1 121 ? 2.588   2.228   2.187   1.00 43.90 ? 711 ALA B O   1 
ATOM   1598 C CB  . ALA B 1 121 ? 3.524   -0.351  0.298   1.00 33.88 ? 711 ALA B CB  1 
ATOM   1599 N N   . GLN B 1 122 ? 4.491   2.541   1.042   1.00 40.47 ? 712 GLN B N   1 
ATOM   1600 C CA  . GLN B 1 122 ? 5.007   3.448   2.057   1.00 38.27 ? 712 GLN B CA  1 
ATOM   1601 C C   . GLN B 1 122 ? 4.184   4.723   2.144   1.00 41.23 ? 712 GLN B C   1 
ATOM   1602 O O   . GLN B 1 122 ? 4.020   5.288   3.233   1.00 52.06 ? 712 GLN B O   1 
ATOM   1603 C CB  . GLN B 1 122 ? 6.464   3.776   1.779   1.00 43.34 ? 712 GLN B CB  1 
ATOM   1604 C CG  . GLN B 1 122 ? 7.091   4.671   2.849   1.00 52.78 ? 712 GLN B CG  1 
ATOM   1605 C CD  . GLN B 1 122 ? 7.158   3.999   4.217   1.00 58.62 ? 712 GLN B CD  1 
ATOM   1606 O OE1 . GLN B 1 122 ? 7.527   2.824   4.321   1.00 60.38 ? 712 GLN B OE1 1 
ATOM   1607 N NE2 . GLN B 1 122 ? 6.799   4.743   5.272   1.00 52.44 ? 712 GLN B NE2 1 
ATOM   1608 N N   . LEU B 1 123 ? 3.664   5.200   1.014   1.00 43.11 ? 713 LEU B N   1 
ATOM   1609 C CA  . LEU B 1 123 ? 2.862   6.415   1.026   1.00 40.85 ? 713 LEU B CA  1 
ATOM   1610 C C   . LEU B 1 123 ? 1.535   6.242   1.740   1.00 43.76 ? 713 LEU B C   1 
ATOM   1611 O O   . LEU B 1 123 ? 0.961   7.237   2.188   1.00 45.66 ? 713 LEU B O   1 
ATOM   1612 C CB  . LEU B 1 123 ? 2.619   6.882   -0.397  1.00 33.62 ? 713 LEU B CB  1 
ATOM   1613 C CG  . LEU B 1 123 ? 3.771   7.692   -0.962  1.00 34.09 ? 713 LEU B CG  1 
ATOM   1614 C CD1 . LEU B 1 123 ? 3.903   7.447   -2.434  1.00 33.32 ? 713 LEU B CD1 1 
ATOM   1615 C CD2 . LEU B 1 123 ? 3.589   9.182   -0.677  1.00 34.79 ? 713 LEU B CD2 1 
ATOM   1616 N N   . LEU B 1 124 ? 1.022   5.016   1.835   1.00 47.28 ? 714 LEU B N   1 
ATOM   1617 C CA  . LEU B 1 124 ? -0.250  4.808   2.515   1.00 52.96 ? 714 LEU B CA  1 
ATOM   1618 C C   . LEU B 1 124 ? -0.115  4.972   4.027   1.00 57.21 ? 714 LEU B C   1 
ATOM   1619 O O   . LEU B 1 124 ? -1.026  5.501   4.678   1.00 63.65 ? 714 LEU B O   1 
ATOM   1620 C CB  . LEU B 1 124 ? -0.793  3.430   2.176   1.00 47.17 ? 714 LEU B CB  1 
ATOM   1621 C CG  . LEU B 1 124 ? -1.738  3.276   1.005   1.00 54.96 ? 714 LEU B CG  1 
ATOM   1622 C CD1 . LEU B 1 124 ? -1.219  3.942   -0.271  1.00 50.68 ? 714 LEU B CD1 1 
ATOM   1623 C CD2 . LEU B 1 124 ? -1.907  1.782   0.826   1.00 52.30 ? 714 LEU B CD2 1 
ATOM   1624 N N   . SER B 1 125 ? 1.004   4.514   4.597   1.00 57.20 ? 715 SER B N   1 
ATOM   1625 C CA  . SER B 1 125 ? 1.249   4.658   6.029   1.00 64.08 ? 715 SER B CA  1 
ATOM   1626 C C   . SER B 1 125 ? 1.030   6.099   6.479   1.00 66.99 ? 715 SER B C   1 
ATOM   1627 O O   . SER B 1 125 ? 1.324   7.054   5.752   1.00 58.61 ? 715 SER B O   1 
ATOM   1628 C CB  . SER B 1 125 ? 2.676   4.214   6.377   1.00 58.78 ? 715 SER B CB  1 
ATOM   1629 O OG  . SER B 1 125 ? 2.894   2.844   6.076   1.00 59.39 ? 715 SER B OG  1 
ATOM   1630 N N   . THR B 1 126 ? 0.494   6.257   7.679   1.00 69.10 ? 716 THR B N   1 
ATOM   1631 C CA  . THR B 1 126 ? 0.326   7.585   8.232   1.00 66.23 ? 716 THR B CA  1 
ATOM   1632 C C   . THR B 1 126 ? 0.983   7.660   9.601   1.00 70.03 ? 716 THR B C   1 
ATOM   1633 O O   . THR B 1 126 ? 2.142   8.062   9.707   1.00 68.33 ? 716 THR B O   1 
ATOM   1634 C CB  . THR B 1 126 ? -1.166  7.982   8.324   1.00 69.26 ? 716 THR B CB  1 
ATOM   1635 O OG1 . THR B 1 126 ? -1.294  9.191   9.081   1.00 68.74 ? 716 THR B OG1 1 
ATOM   1636 C CG2 . THR B 1 126 ? -1.963  6.922   8.992   1.00 70.03 ? 716 THR B CG2 1 
HETATM 1637 O O   . HOH C 2 .   ? 0.899   -12.643 13.531  1.00 35.75 ? 801 HOH A O   1 
HETATM 1638 O O   . HOH C 2 .   ? -6.001  -3.276  28.930  1.00 40.47 ? 802 HOH A O   1 
HETATM 1639 O O   . HOH D 2 .   ? 22.138  -5.867  -19.645 1.00 29.12 ? 801 HOH B O   1 
HETATM 1640 O O   . HOH D 2 .   ? 18.304  2.358   -2.016  1.00 23.79 ? 802 HOH B O   1 
HETATM 1641 O O   . HOH D 2 .   ? 2.295   0.354   5.617   1.00 41.51 ? 803 HOH B O   1 
HETATM 1642 O O   . HOH D 2 .   ? 19.556  8.295   -10.815 1.00 35.18 ? 804 HOH B O   1 
HETATM 1643 O O   . HOH D 2 .   ? 8.107   1.171   1.933   1.00 45.55 ? 805 HOH B O   1 
# 
loop_
_pdbx_poly_seq_scheme.asym_id 
_pdbx_poly_seq_scheme.entity_id 
_pdbx_poly_seq_scheme.seq_id 
_pdbx_poly_seq_scheme.mon_id 
_pdbx_poly_seq_scheme.ndb_seq_num 
_pdbx_poly_seq_scheme.pdb_seq_num 
_pdbx_poly_seq_scheme.auth_seq_num 
_pdbx_poly_seq_scheme.pdb_mon_id 
_pdbx_poly_seq_scheme.auth_mon_id 
_pdbx_poly_seq_scheme.pdb_strand_id 
_pdbx_poly_seq_scheme.pdb_ins_code 
_pdbx_poly_seq_scheme.hetero 
A 1 1   MET 1   591 ?   ?   ?   A . n 
A 1 2   LYS 2   592 ?   ?   ?   A . n 
A 1 3   ARG 3   593 ?   ?   ?   A . n 
A 1 4   SER 4   594 ?   ?   ?   A . n 
A 1 5   TRP 5   595 ?   ?   ?   A . n 
A 1 6   PHE 6   596 ?   ?   ?   A . n 
A 1 7   GLY 7   597 597 GLY GLY A . n 
A 1 8   ASN 8   598 598 ASN ASN A . n 
A 1 9   PHE 9   599 599 PHE PHE A . n 
A 1 10  ILE 10  600 600 ILE ILE A . n 
A 1 11  SER 11  601 601 SER SER A . n 
A 1 12  LEU 12  602 602 LEU LEU A . n 
A 1 13  ASP 13  603 603 ASP ASP A . n 
A 1 14  LYS 14  604 604 LYS LYS A . n 
A 1 15  GLU 15  605 605 GLU GLU A . n 
A 1 16  GLU 16  606 606 GLU GLU A . n 
A 1 17  GLN 17  607 607 GLN GLN A . n 
A 1 18  ILE 18  608 608 ILE ILE A . n 
A 1 19  PHE 19  609 609 PHE PHE A . n 
A 1 20  LEU 20  610 610 LEU LEU A . n 
A 1 21  VAL 21  611 611 VAL VAL A . n 
A 1 22  LEU 22  612 612 LEU LEU A . n 
A 1 23  LYS 23  613 613 LYS LYS A . n 
A 1 24  ASP 24  614 614 ASP ASP A . n 
A 1 25  LYS 25  615 615 LYS LYS A . n 
A 1 26  PRO 26  616 616 PRO PRO A . n 
A 1 27  LEU 27  617 617 LEU LEU A . n 
A 1 28  SER 28  618 618 SER SER A . n 
A 1 29  SER 29  619 619 SER SER A . n 
A 1 30  ILE 30  620 620 ILE ILE A . n 
A 1 31  LYS 31  621 621 LYS LYS A . n 
A 1 32  ALA 32  622 622 ALA ALA A . n 
A 1 33  ASP 33  623 623 ASP ASP A . n 
A 1 34  ILE 34  624 624 ILE ILE A . n 
A 1 35  VAL 35  625 625 VAL VAL A . n 
A 1 36  HIS 36  626 626 HIS HIS A . n 
A 1 37  ALA 37  627 627 ALA ALA A . n 
A 1 38  PHE 38  628 628 PHE PHE A . n 
A 1 39  LEU 39  629 629 LEU LEU A . n 
A 1 40  SER 40  630 630 SER SER A . n 
A 1 41  ILE 41  631 631 ILE ILE A . n 
A 1 42  PRO 42  632 632 PRO PRO A . n 
A 1 43  SER 43  633 633 SER SER A . n 
A 1 44  LEU 44  634 634 LEU LEU A . n 
A 1 45  SER 45  635 635 SER SER A . n 
A 1 46  HIS 46  636 636 HIS HIS A . n 
A 1 47  SER 47  637 637 SER SER A . n 
A 1 48  VAL 48  638 638 VAL VAL A . n 
A 1 49  LEU 49  639 639 LEU LEU A . n 
A 1 50  SER 50  640 640 SER SER A . n 
A 1 51  GLN 51  641 641 GLN GLN A . n 
A 1 52  THR 52  642 642 THR THR A . n 
A 1 53  SER 53  643 643 SER SER A . n 
A 1 54  PHE 54  644 644 PHE PHE A . n 
A 1 55  ARG 55  645 645 ARG ARG A . n 
A 1 56  ALA 56  646 646 ALA ALA A . n 
A 1 57  GLU 57  647 647 GLU GLU A . n 
A 1 58  TYR 58  648 648 TYR TYR A . n 
A 1 59  LYS 59  649 649 LYS LYS A . n 
A 1 60  ALA 60  650 650 ALA ALA A . n 
A 1 61  SER 61  651 651 SER SER A . n 
A 1 62  GLY 62  652 652 GLY GLY A . n 
A 1 63  GLY 63  653 653 GLY GLY A . n 
A 1 64  PRO 64  654 654 PRO PRO A . n 
A 1 65  SER 65  655 655 SER SER A . n 
A 1 66  VAL 66  656 656 VAL VAL A . n 
A 1 67  PHE 67  657 657 PHE PHE A . n 
A 1 68  GLN 68  658 658 GLN GLN A . n 
A 1 69  LYS 69  659 659 LYS LYS A . n 
A 1 70  PRO 70  660 660 PRO PRO A . n 
A 1 71  VAL 71  661 661 VAL VAL A . n 
A 1 72  ARG 72  662 662 ARG ARG A . n 
A 1 73  PHE 73  663 663 PHE PHE A . n 
A 1 74  GLN 74  664 664 GLN GLN A . n 
A 1 75  VAL 75  665 665 VAL VAL A . n 
A 1 76  ASP 76  666 666 ASP ASP A . n 
A 1 77  ILE 77  667 667 ILE ILE A . n 
A 1 78  SER 78  668 668 SER SER A . n 
A 1 79  SER 79  669 669 SER SER A . n 
A 1 80  SER 80  670 670 SER SER A . n 
A 1 81  GLU 81  671 ?   ?   ?   A . n 
A 1 82  GLY 82  672 ?   ?   ?   A . n 
A 1 83  PRO 83  673 ?   ?   ?   A . n 
A 1 84  GLU 84  674 ?   ?   ?   A . n 
A 1 85  PRO 85  675 ?   ?   ?   A . n 
A 1 86  SER 86  676 ?   ?   ?   A . n 
A 1 87  PRO 87  677 ?   ?   ?   A . n 
A 1 88  ARG 88  678 ?   ?   ?   A . n 
A 1 89  ARG 89  679 ?   ?   ?   A . n 
A 1 90  ASP 90  680 ?   ?   ?   A . n 
A 1 91  GLY 91  681 ?   ?   ?   A . n 
A 1 92  SER 92  682 ?   ?   ?   A . n 
A 1 93  SER 93  683 ?   ?   ?   A . n 
A 1 94  GLY 94  684 ?   ?   ?   A . n 
A 1 95  GLY 95  685 ?   ?   ?   A . n 
A 1 96  GLY 96  686 686 GLY GLY A . n 
A 1 97  ILE 97  687 687 ILE ILE A . n 
A 1 98  TYR 98  688 688 TYR TYR A . n 
A 1 99  SER 99  689 689 SER SER A . n 
A 1 100 VAL 100 690 690 VAL VAL A . n 
A 1 101 THR 101 691 691 THR THR A . n 
A 1 102 PHE 102 692 692 PHE PHE A . n 
A 1 103 THR 103 693 693 THR THR A . n 
A 1 104 LEU 104 694 694 LEU LEU A . n 
A 1 105 ILE 105 695 695 ILE ILE A . n 
A 1 106 SER 106 696 696 SER SER A . n 
A 1 107 GLY 107 697 697 GLY GLY A . n 
A 1 108 PRO 108 698 698 PRO PRO A . n 
A 1 109 SER 109 699 699 SER SER A . n 
A 1 110 ARG 110 700 700 ARG ARG A . n 
A 1 111 ARG 111 701 701 ARG ARG A . n 
A 1 112 PHE 112 702 702 PHE PHE A . n 
A 1 113 LYS 113 703 703 LYS LYS A . n 
A 1 114 ARG 114 704 704 ARG ARG A . n 
A 1 115 VAL 115 705 705 VAL VAL A . n 
A 1 116 VAL 116 706 706 VAL VAL A . n 
A 1 117 GLU 117 707 707 GLU GLU A . n 
A 1 118 THR 118 708 708 THR THR A . n 
A 1 119 ILE 119 709 709 ILE ILE A . n 
A 1 120 GLN 120 710 710 GLN GLN A . n 
A 1 121 ALA 121 711 711 ALA ALA A . n 
A 1 122 GLN 122 712 712 GLN GLN A . n 
A 1 123 LEU 123 713 713 LEU LEU A . n 
A 1 124 LEU 124 714 714 LEU LEU A . n 
A 1 125 SER 125 715 715 SER SER A . n 
A 1 126 THR 126 716 716 THR THR A . n 
A 1 127 HIS 127 717 ?   ?   ?   A . n 
A 1 128 ASP 128 718 ?   ?   ?   A . n 
A 1 129 GLN 129 719 ?   ?   ?   A . n 
A 1 130 LEU 130 720 ?   ?   ?   A . n 
A 1 131 GLU 131 721 ?   ?   ?   A . n 
A 1 132 HIS 132 722 ?   ?   ?   A . n 
A 1 133 HIS 133 723 ?   ?   ?   A . n 
A 1 134 HIS 134 724 ?   ?   ?   A . n 
A 1 135 HIS 135 725 ?   ?   ?   A . n 
A 1 136 HIS 136 726 ?   ?   ?   A . n 
A 1 137 HIS 137 727 ?   ?   ?   A . n 
B 1 1   MET 1   591 ?   ?   ?   B . n 
B 1 2   LYS 2   592 ?   ?   ?   B . n 
B 1 3   ARG 3   593 ?   ?   ?   B . n 
B 1 4   SER 4   594 ?   ?   ?   B . n 
B 1 5   TRP 5   595 ?   ?   ?   B . n 
B 1 6   PHE 6   596 ?   ?   ?   B . n 
B 1 7   GLY 7   597 597 GLY GLY B . n 
B 1 8   ASN 8   598 598 ASN ASN B . n 
B 1 9   PHE 9   599 599 PHE PHE B . n 
B 1 10  ILE 10  600 600 ILE ILE B . n 
B 1 11  SER 11  601 601 SER SER B . n 
B 1 12  LEU 12  602 602 LEU LEU B . n 
B 1 13  ASP 13  603 603 ASP ASP B . n 
B 1 14  LYS 14  604 604 LYS LYS B . n 
B 1 15  GLU 15  605 605 GLU GLU B . n 
B 1 16  GLU 16  606 606 GLU GLU B . n 
B 1 17  GLN 17  607 607 GLN GLN B . n 
B 1 18  ILE 18  608 608 ILE ILE B . n 
B 1 19  PHE 19  609 609 PHE PHE B . n 
B 1 20  LEU 20  610 610 LEU LEU B . n 
B 1 21  VAL 21  611 611 VAL VAL B . n 
B 1 22  LEU 22  612 612 LEU LEU B . n 
B 1 23  LYS 23  613 613 LYS LYS B . n 
B 1 24  ASP 24  614 614 ASP ASP B . n 
B 1 25  LYS 25  615 615 LYS LYS B . n 
B 1 26  PRO 26  616 616 PRO PRO B . n 
B 1 27  LEU 27  617 617 LEU LEU B . n 
B 1 28  SER 28  618 618 SER SER B . n 
B 1 29  SER 29  619 619 SER SER B . n 
B 1 30  ILE 30  620 620 ILE ILE B . n 
B 1 31  LYS 31  621 621 LYS LYS B . n 
B 1 32  ALA 32  622 622 ALA ALA B . n 
B 1 33  ASP 33  623 623 ASP ASP B . n 
B 1 34  ILE 34  624 624 ILE ILE B . n 
B 1 35  VAL 35  625 625 VAL VAL B . n 
B 1 36  HIS 36  626 626 HIS HIS B . n 
B 1 37  ALA 37  627 627 ALA ALA B . n 
B 1 38  PHE 38  628 628 PHE PHE B . n 
B 1 39  LEU 39  629 629 LEU LEU B . n 
B 1 40  SER 40  630 630 SER SER B . n 
B 1 41  ILE 41  631 631 ILE ILE B . n 
B 1 42  PRO 42  632 632 PRO PRO B . n 
B 1 43  SER 43  633 633 SER SER B . n 
B 1 44  LEU 44  634 634 LEU LEU B . n 
B 1 45  SER 45  635 635 SER SER B . n 
B 1 46  HIS 46  636 636 HIS HIS B . n 
B 1 47  SER 47  637 637 SER SER B . n 
B 1 48  VAL 48  638 638 VAL VAL B . n 
B 1 49  LEU 49  639 639 LEU LEU B . n 
B 1 50  SER 50  640 640 SER SER B . n 
B 1 51  GLN 51  641 641 GLN GLN B . n 
B 1 52  THR 52  642 642 THR THR B . n 
B 1 53  SER 53  643 643 SER SER B . n 
B 1 54  PHE 54  644 644 PHE PHE B . n 
B 1 55  ARG 55  645 645 ARG ARG B . n 
B 1 56  ALA 56  646 646 ALA ALA B . n 
B 1 57  GLU 57  647 647 GLU GLU B . n 
B 1 58  TYR 58  648 648 TYR TYR B . n 
B 1 59  LYS 59  649 649 LYS LYS B . n 
B 1 60  ALA 60  650 650 ALA ALA B . n 
B 1 61  SER 61  651 651 SER SER B . n 
B 1 62  GLY 62  652 652 GLY GLY B . n 
B 1 63  GLY 63  653 653 GLY GLY B . n 
B 1 64  PRO 64  654 654 PRO PRO B . n 
B 1 65  SER 65  655 655 SER SER B . n 
B 1 66  VAL 66  656 656 VAL VAL B . n 
B 1 67  PHE 67  657 657 PHE PHE B . n 
B 1 68  GLN 68  658 658 GLN GLN B . n 
B 1 69  LYS 69  659 659 LYS LYS B . n 
B 1 70  PRO 70  660 660 PRO PRO B . n 
B 1 71  VAL 71  661 661 VAL VAL B . n 
B 1 72  ARG 72  662 662 ARG ARG B . n 
B 1 73  PHE 73  663 663 PHE PHE B . n 
B 1 74  GLN 74  664 664 GLN GLN B . n 
B 1 75  VAL 75  665 665 VAL VAL B . n 
B 1 76  ASP 76  666 666 ASP ASP B . n 
B 1 77  ILE 77  667 667 ILE ILE B . n 
B 1 78  SER 78  668 668 SER SER B . n 
B 1 79  SER 79  669 669 SER SER B . n 
B 1 80  SER 80  670 670 SER SER B . n 
B 1 81  GLU 81  671 ?   ?   ?   B . n 
B 1 82  GLY 82  672 ?   ?   ?   B . n 
B 1 83  PRO 83  673 ?   ?   ?   B . n 
B 1 84  GLU 84  674 ?   ?   ?   B . n 
B 1 85  PRO 85  675 ?   ?   ?   B . n 
B 1 86  SER 86  676 ?   ?   ?   B . n 
B 1 87  PRO 87  677 ?   ?   ?   B . n 
B 1 88  ARG 88  678 ?   ?   ?   B . n 
B 1 89  ARG 89  679 ?   ?   ?   B . n 
B 1 90  ASP 90  680 ?   ?   ?   B . n 
B 1 91  GLY 91  681 ?   ?   ?   B . n 
B 1 92  SER 92  682 ?   ?   ?   B . n 
B 1 93  SER 93  683 ?   ?   ?   B . n 
B 1 94  GLY 94  684 ?   ?   ?   B . n 
B 1 95  GLY 95  685 ?   ?   ?   B . n 
B 1 96  GLY 96  686 686 GLY GLY B . n 
B 1 97  ILE 97  687 687 ILE ILE B . n 
B 1 98  TYR 98  688 688 TYR TYR B . n 
B 1 99  SER 99  689 689 SER SER B . n 
B 1 100 VAL 100 690 690 VAL VAL B . n 
B 1 101 THR 101 691 691 THR THR B . n 
B 1 102 PHE 102 692 692 PHE PHE B . n 
B 1 103 THR 103 693 693 THR THR B . n 
B 1 104 LEU 104 694 694 LEU LEU B . n 
B 1 105 ILE 105 695 695 ILE ILE B . n 
B 1 106 SER 106 696 696 SER SER B . n 
B 1 107 GLY 107 697 697 GLY GLY B . n 
B 1 108 PRO 108 698 698 PRO PRO B . n 
B 1 109 SER 109 699 699 SER SER B . n 
B 1 110 ARG 110 700 700 ARG ARG B . n 
B 1 111 ARG 111 701 701 ARG ARG B . n 
B 1 112 PHE 112 702 702 PHE PHE B . n 
B 1 113 LYS 113 703 703 LYS LYS B . n 
B 1 114 ARG 114 704 704 ARG ARG B . n 
B 1 115 VAL 115 705 705 VAL VAL B . n 
B 1 116 VAL 116 706 706 VAL VAL B . n 
B 1 117 GLU 117 707 707 GLU GLU B . n 
B 1 118 THR 118 708 708 THR THR B . n 
B 1 119 ILE 119 709 709 ILE ILE B . n 
B 1 120 GLN 120 710 710 GLN GLN B . n 
B 1 121 ALA 121 711 711 ALA ALA B . n 
B 1 122 GLN 122 712 712 GLN GLN B . n 
B 1 123 LEU 123 713 713 LEU LEU B . n 
B 1 124 LEU 124 714 714 LEU LEU B . n 
B 1 125 SER 125 715 715 SER SER B . n 
B 1 126 THR 126 716 716 THR THR B . n 
B 1 127 HIS 127 717 ?   ?   ?   B . n 
B 1 128 ASP 128 718 ?   ?   ?   B . n 
B 1 129 GLN 129 719 ?   ?   ?   B . n 
B 1 130 LEU 130 720 ?   ?   ?   B . n 
B 1 131 GLU 131 721 ?   ?   ?   B . n 
B 1 132 HIS 132 722 ?   ?   ?   B . n 
B 1 133 HIS 133 723 ?   ?   ?   B . n 
B 1 134 HIS 134 724 ?   ?   ?   B . n 
B 1 135 HIS 135 725 ?   ?   ?   B . n 
B 1 136 HIS 136 726 ?   ?   ?   B . n 
B 1 137 HIS 137 727 ?   ?   ?   B . n 
# 
loop_
_pdbx_nonpoly_scheme.asym_id 
_pdbx_nonpoly_scheme.entity_id 
_pdbx_nonpoly_scheme.mon_id 
_pdbx_nonpoly_scheme.ndb_seq_num 
_pdbx_nonpoly_scheme.pdb_seq_num 
_pdbx_nonpoly_scheme.auth_seq_num 
_pdbx_nonpoly_scheme.pdb_mon_id 
_pdbx_nonpoly_scheme.auth_mon_id 
_pdbx_nonpoly_scheme.pdb_strand_id 
_pdbx_nonpoly_scheme.pdb_ins_code 
C 2 HOH 1 801 5  HOH HOH A . 
C 2 HOH 2 802 18 HOH HOH A . 
D 2 HOH 1 801 1  HOH HOH B . 
D 2 HOH 2 802 20 HOH HOH B . 
D 2 HOH 3 803 9  HOH HOH B . 
D 2 HOH 4 804 16 HOH HOH B . 
D 2 HOH 5 805 8  HOH HOH B . 
# 
loop_
_pdbx_struct_assembly.id 
_pdbx_struct_assembly.details 
_pdbx_struct_assembly.method_details 
_pdbx_struct_assembly.oligomeric_details 
_pdbx_struct_assembly.oligomeric_count 
1 author_defined_assembly ? monomeric 1 
2 author_defined_assembly ? monomeric 1 
# 
loop_
_pdbx_struct_assembly_gen.assembly_id 
_pdbx_struct_assembly_gen.oper_expression 
_pdbx_struct_assembly_gen.asym_id_list 
1 1 A,C 
2 1 B,D 
# 
_pdbx_struct_oper_list.id                   1 
_pdbx_struct_oper_list.type                 'identity operation' 
_pdbx_struct_oper_list.name                 1_555 
_pdbx_struct_oper_list.symmetry_operation   x,y,z 
_pdbx_struct_oper_list.matrix[1][1]         1.0000000000 
_pdbx_struct_oper_list.matrix[1][2]         0.0000000000 
_pdbx_struct_oper_list.matrix[1][3]         0.0000000000 
_pdbx_struct_oper_list.vector[1]            0.0000000000 
_pdbx_struct_oper_list.matrix[2][1]         0.0000000000 
_pdbx_struct_oper_list.matrix[2][2]         1.0000000000 
_pdbx_struct_oper_list.matrix[2][3]         0.0000000000 
_pdbx_struct_oper_list.vector[2]            0.0000000000 
_pdbx_struct_oper_list.matrix[3][1]         0.0000000000 
_pdbx_struct_oper_list.matrix[3][2]         0.0000000000 
_pdbx_struct_oper_list.matrix[3][3]         1.0000000000 
_pdbx_struct_oper_list.vector[3]            0.0000000000 
# 
loop_
_pdbx_audit_revision_history.ordinal 
_pdbx_audit_revision_history.data_content_type 
_pdbx_audit_revision_history.major_revision 
_pdbx_audit_revision_history.minor_revision 
_pdbx_audit_revision_history.revision_date 
1 'Structure model' 1 0 2016-06-15 
2 'Structure model' 1 1 2023-11-08 
# 
_pdbx_audit_revision_details.ordinal             1 
_pdbx_audit_revision_details.revision_ordinal    1 
_pdbx_audit_revision_details.data_content_type   'Structure model' 
_pdbx_audit_revision_details.provider            repository 
_pdbx_audit_revision_details.type                'Initial release' 
_pdbx_audit_revision_details.description         ? 
_pdbx_audit_revision_details.details             ? 
# 
loop_
_pdbx_audit_revision_group.ordinal 
_pdbx_audit_revision_group.revision_ordinal 
_pdbx_audit_revision_group.data_content_type 
_pdbx_audit_revision_group.group 
1 2 'Structure model' 'Data collection'        
2 2 'Structure model' 'Database references'    
3 2 'Structure model' 'Derived calculations'   
4 2 'Structure model' 'Refinement description' 
# 
loop_
_pdbx_audit_revision_category.ordinal 
_pdbx_audit_revision_category.revision_ordinal 
_pdbx_audit_revision_category.data_content_type 
_pdbx_audit_revision_category.category 
1 2 'Structure model' chem_comp_atom                
2 2 'Structure model' chem_comp_bond                
3 2 'Structure model' citation                      
4 2 'Structure model' database_2                    
5 2 'Structure model' pdbx_initial_refinement_model 
6 2 'Structure model' pdbx_struct_oper_list         
# 
loop_
_pdbx_audit_revision_item.ordinal 
_pdbx_audit_revision_item.revision_ordinal 
_pdbx_audit_revision_item.data_content_type 
_pdbx_audit_revision_item.item 
1 2 'Structure model' '_citation.journal_id_CSD'                  
2 2 'Structure model' '_database_2.pdbx_DOI'                      
3 2 'Structure model' '_database_2.pdbx_database_accession'       
4 2 'Structure model' '_pdbx_struct_oper_list.symmetry_operation' 
# 
loop_
_software.citation_id 
_software.classification 
_software.compiler_name 
_software.compiler_version 
_software.contact_author 
_software.contact_author_email 
_software.date 
_software.description 
_software.dependencies 
_software.hardware 
_software.language 
_software.location 
_software.mods 
_software.name 
_software.os 
_software.os_version 
_software.type 
_software.version 
_software.pdbx_ordinal 
? refinement        ? ? ? ? ? ? ? ? ? ? ? PHENIX   ? ? ? '(1.10.1_2155: ???)' 1 
? 'data collection' ? ? ? ? ? ? ? ? ? ? ? HKL-2000 ? ? ? .                    2 
? 'data scaling'    ? ? ? ? ? ? ? ? ? ? ? HKL-2000 ? ? ? .                    3 
? phasing           ? ? ? ? ? ? ? ? ? ? ? PHASER   ? ? ? .                    4 
# 
loop_
_pdbx_validate_torsion.id 
_pdbx_validate_torsion.PDB_model_num 
_pdbx_validate_torsion.auth_comp_id 
_pdbx_validate_torsion.auth_asym_id 
_pdbx_validate_torsion.auth_seq_id 
_pdbx_validate_torsion.PDB_ins_code 
_pdbx_validate_torsion.label_alt_id 
_pdbx_validate_torsion.phi 
_pdbx_validate_torsion.psi 
1 1 GLU A 606 ? ? 63.61   -1.72   
2 1 SER A 640 ? ? -176.78 -179.93 
3 1 GLU B 605 ? ? 69.06   -71.52  
4 1 LYS B 613 ? ? -93.09  -61.58  
# 
loop_
_pdbx_unobs_or_zero_occ_residues.id 
_pdbx_unobs_or_zero_occ_residues.PDB_model_num 
_pdbx_unobs_or_zero_occ_residues.polymer_flag 
_pdbx_unobs_or_zero_occ_residues.occupancy_flag 
_pdbx_unobs_or_zero_occ_residues.auth_asym_id 
_pdbx_unobs_or_zero_occ_residues.auth_comp_id 
_pdbx_unobs_or_zero_occ_residues.auth_seq_id 
_pdbx_unobs_or_zero_occ_residues.PDB_ins_code 
_pdbx_unobs_or_zero_occ_residues.label_asym_id 
_pdbx_unobs_or_zero_occ_residues.label_comp_id 
_pdbx_unobs_or_zero_occ_residues.label_seq_id 
1  1 Y 1 A MET 591 ? A MET 1   
2  1 Y 1 A LYS 592 ? A LYS 2   
3  1 Y 1 A ARG 593 ? A ARG 3   
4  1 Y 1 A SER 594 ? A SER 4   
5  1 Y 1 A TRP 595 ? A TRP 5   
6  1 Y 1 A PHE 596 ? A PHE 6   
7  1 Y 1 A GLU 671 ? A GLU 81  
8  1 Y 1 A GLY 672 ? A GLY 82  
9  1 Y 1 A PRO 673 ? A PRO 83  
10 1 Y 1 A GLU 674 ? A GLU 84  
11 1 Y 1 A PRO 675 ? A PRO 85  
12 1 Y 1 A SER 676 ? A SER 86  
13 1 Y 1 A PRO 677 ? A PRO 87  
14 1 Y 1 A ARG 678 ? A ARG 88  
15 1 Y 1 A ARG 679 ? A ARG 89  
16 1 Y 1 A ASP 680 ? A ASP 90  
17 1 Y 1 A GLY 681 ? A GLY 91  
18 1 Y 1 A SER 682 ? A SER 92  
19 1 Y 1 A SER 683 ? A SER 93  
20 1 Y 1 A GLY 684 ? A GLY 94  
21 1 Y 1 A GLY 685 ? A GLY 95  
22 1 Y 1 A HIS 717 ? A HIS 127 
23 1 Y 1 A ASP 718 ? A ASP 128 
24 1 Y 1 A GLN 719 ? A GLN 129 
25 1 Y 1 A LEU 720 ? A LEU 130 
26 1 Y 1 A GLU 721 ? A GLU 131 
27 1 Y 1 A HIS 722 ? A HIS 132 
28 1 Y 1 A HIS 723 ? A HIS 133 
29 1 Y 1 A HIS 724 ? A HIS 134 
30 1 Y 1 A HIS 725 ? A HIS 135 
31 1 Y 1 A HIS 726 ? A HIS 136 
32 1 Y 1 A HIS 727 ? A HIS 137 
33 1 Y 1 B MET 591 ? B MET 1   
34 1 Y 1 B LYS 592 ? B LYS 2   
35 1 Y 1 B ARG 593 ? B ARG 3   
36 1 Y 1 B SER 594 ? B SER 4   
37 1 Y 1 B TRP 595 ? B TRP 5   
38 1 Y 1 B PHE 596 ? B PHE 6   
39 1 Y 1 B GLU 671 ? B GLU 81  
40 1 Y 1 B GLY 672 ? B GLY 82  
41 1 Y 1 B PRO 673 ? B PRO 83  
42 1 Y 1 B GLU 674 ? B GLU 84  
43 1 Y 1 B PRO 675 ? B PRO 85  
44 1 Y 1 B SER 676 ? B SER 86  
45 1 Y 1 B PRO 677 ? B PRO 87  
46 1 Y 1 B ARG 678 ? B ARG 88  
47 1 Y 1 B ARG 679 ? B ARG 89  
48 1 Y 1 B ASP 680 ? B ASP 90  
49 1 Y 1 B GLY 681 ? B GLY 91  
50 1 Y 1 B SER 682 ? B SER 92  
51 1 Y 1 B SER 683 ? B SER 93  
52 1 Y 1 B GLY 684 ? B GLY 94  
53 1 Y 1 B GLY 685 ? B GLY 95  
54 1 Y 1 B HIS 717 ? B HIS 127 
55 1 Y 1 B ASP 718 ? B ASP 128 
56 1 Y 1 B GLN 719 ? B GLN 129 
57 1 Y 1 B LEU 720 ? B LEU 130 
58 1 Y 1 B GLU 721 ? B GLU 131 
59 1 Y 1 B HIS 722 ? B HIS 132 
60 1 Y 1 B HIS 723 ? B HIS 133 
61 1 Y 1 B HIS 724 ? B HIS 134 
62 1 Y 1 B HIS 725 ? B HIS 135 
63 1 Y 1 B HIS 726 ? B HIS 136 
64 1 Y 1 B HIS 727 ? B HIS 137 
# 
loop_
_chem_comp_atom.comp_id 
_chem_comp_atom.atom_id 
_chem_comp_atom.type_symbol 
_chem_comp_atom.pdbx_aromatic_flag 
_chem_comp_atom.pdbx_stereo_config 
_chem_comp_atom.pdbx_ordinal 
ALA N    N N N 1   
ALA CA   C N S 2   
ALA C    C N N 3   
ALA O    O N N 4   
ALA CB   C N N 5   
ALA OXT  O N N 6   
ALA H    H N N 7   
ALA H2   H N N 8   
ALA HA   H N N 9   
ALA HB1  H N N 10  
ALA HB2  H N N 11  
ALA HB3  H N N 12  
ALA HXT  H N N 13  
ARG N    N N N 14  
ARG CA   C N S 15  
ARG C    C N N 16  
ARG O    O N N 17  
ARG CB   C N N 18  
ARG CG   C N N 19  
ARG CD   C N N 20  
ARG NE   N N N 21  
ARG CZ   C N N 22  
ARG NH1  N N N 23  
ARG NH2  N N N 24  
ARG OXT  O N N 25  
ARG H    H N N 26  
ARG H2   H N N 27  
ARG HA   H N N 28  
ARG HB2  H N N 29  
ARG HB3  H N N 30  
ARG HG2  H N N 31  
ARG HG3  H N N 32  
ARG HD2  H N N 33  
ARG HD3  H N N 34  
ARG HE   H N N 35  
ARG HH11 H N N 36  
ARG HH12 H N N 37  
ARG HH21 H N N 38  
ARG HH22 H N N 39  
ARG HXT  H N N 40  
ASN N    N N N 41  
ASN CA   C N S 42  
ASN C    C N N 43  
ASN O    O N N 44  
ASN CB   C N N 45  
ASN CG   C N N 46  
ASN OD1  O N N 47  
ASN ND2  N N N 48  
ASN OXT  O N N 49  
ASN H    H N N 50  
ASN H2   H N N 51  
ASN HA   H N N 52  
ASN HB2  H N N 53  
ASN HB3  H N N 54  
ASN HD21 H N N 55  
ASN HD22 H N N 56  
ASN HXT  H N N 57  
ASP N    N N N 58  
ASP CA   C N S 59  
ASP C    C N N 60  
ASP O    O N N 61  
ASP CB   C N N 62  
ASP CG   C N N 63  
ASP OD1  O N N 64  
ASP OD2  O N N 65  
ASP OXT  O N N 66  
ASP H    H N N 67  
ASP H2   H N N 68  
ASP HA   H N N 69  
ASP HB2  H N N 70  
ASP HB3  H N N 71  
ASP HD2  H N N 72  
ASP HXT  H N N 73  
GLN N    N N N 74  
GLN CA   C N S 75  
GLN C    C N N 76  
GLN O    O N N 77  
GLN CB   C N N 78  
GLN CG   C N N 79  
GLN CD   C N N 80  
GLN OE1  O N N 81  
GLN NE2  N N N 82  
GLN OXT  O N N 83  
GLN H    H N N 84  
GLN H2   H N N 85  
GLN HA   H N N 86  
GLN HB2  H N N 87  
GLN HB3  H N N 88  
GLN HG2  H N N 89  
GLN HG3  H N N 90  
GLN HE21 H N N 91  
GLN HE22 H N N 92  
GLN HXT  H N N 93  
GLU N    N N N 94  
GLU CA   C N S 95  
GLU C    C N N 96  
GLU O    O N N 97  
GLU CB   C N N 98  
GLU CG   C N N 99  
GLU CD   C N N 100 
GLU OE1  O N N 101 
GLU OE2  O N N 102 
GLU OXT  O N N 103 
GLU H    H N N 104 
GLU H2   H N N 105 
GLU HA   H N N 106 
GLU HB2  H N N 107 
GLU HB3  H N N 108 
GLU HG2  H N N 109 
GLU HG3  H N N 110 
GLU HE2  H N N 111 
GLU HXT  H N N 112 
GLY N    N N N 113 
GLY CA   C N N 114 
GLY C    C N N 115 
GLY O    O N N 116 
GLY OXT  O N N 117 
GLY H    H N N 118 
GLY H2   H N N 119 
GLY HA2  H N N 120 
GLY HA3  H N N 121 
GLY HXT  H N N 122 
HIS N    N N N 123 
HIS CA   C N S 124 
HIS C    C N N 125 
HIS O    O N N 126 
HIS CB   C N N 127 
HIS CG   C Y N 128 
HIS ND1  N Y N 129 
HIS CD2  C Y N 130 
HIS CE1  C Y N 131 
HIS NE2  N Y N 132 
HIS OXT  O N N 133 
HIS H    H N N 134 
HIS H2   H N N 135 
HIS HA   H N N 136 
HIS HB2  H N N 137 
HIS HB3  H N N 138 
HIS HD1  H N N 139 
HIS HD2  H N N 140 
HIS HE1  H N N 141 
HIS HE2  H N N 142 
HIS HXT  H N N 143 
HOH O    O N N 144 
HOH H1   H N N 145 
HOH H2   H N N 146 
ILE N    N N N 147 
ILE CA   C N S 148 
ILE C    C N N 149 
ILE O    O N N 150 
ILE CB   C N S 151 
ILE CG1  C N N 152 
ILE CG2  C N N 153 
ILE CD1  C N N 154 
ILE OXT  O N N 155 
ILE H    H N N 156 
ILE H2   H N N 157 
ILE HA   H N N 158 
ILE HB   H N N 159 
ILE HG12 H N N 160 
ILE HG13 H N N 161 
ILE HG21 H N N 162 
ILE HG22 H N N 163 
ILE HG23 H N N 164 
ILE HD11 H N N 165 
ILE HD12 H N N 166 
ILE HD13 H N N 167 
ILE HXT  H N N 168 
LEU N    N N N 169 
LEU CA   C N S 170 
LEU C    C N N 171 
LEU O    O N N 172 
LEU CB   C N N 173 
LEU CG   C N N 174 
LEU CD1  C N N 175 
LEU CD2  C N N 176 
LEU OXT  O N N 177 
LEU H    H N N 178 
LEU H2   H N N 179 
LEU HA   H N N 180 
LEU HB2  H N N 181 
LEU HB3  H N N 182 
LEU HG   H N N 183 
LEU HD11 H N N 184 
LEU HD12 H N N 185 
LEU HD13 H N N 186 
LEU HD21 H N N 187 
LEU HD22 H N N 188 
LEU HD23 H N N 189 
LEU HXT  H N N 190 
LYS N    N N N 191 
LYS CA   C N S 192 
LYS C    C N N 193 
LYS O    O N N 194 
LYS CB   C N N 195 
LYS CG   C N N 196 
LYS CD   C N N 197 
LYS CE   C N N 198 
LYS NZ   N N N 199 
LYS OXT  O N N 200 
LYS H    H N N 201 
LYS H2   H N N 202 
LYS HA   H N N 203 
LYS HB2  H N N 204 
LYS HB3  H N N 205 
LYS HG2  H N N 206 
LYS HG3  H N N 207 
LYS HD2  H N N 208 
LYS HD3  H N N 209 
LYS HE2  H N N 210 
LYS HE3  H N N 211 
LYS HZ1  H N N 212 
LYS HZ2  H N N 213 
LYS HZ3  H N N 214 
LYS HXT  H N N 215 
MET N    N N N 216 
MET CA   C N S 217 
MET C    C N N 218 
MET O    O N N 219 
MET CB   C N N 220 
MET CG   C N N 221 
MET SD   S N N 222 
MET CE   C N N 223 
MET OXT  O N N 224 
MET H    H N N 225 
MET H2   H N N 226 
MET HA   H N N 227 
MET HB2  H N N 228 
MET HB3  H N N 229 
MET HG2  H N N 230 
MET HG3  H N N 231 
MET HE1  H N N 232 
MET HE2  H N N 233 
MET HE3  H N N 234 
MET HXT  H N N 235 
PHE N    N N N 236 
PHE CA   C N S 237 
PHE C    C N N 238 
PHE O    O N N 239 
PHE CB   C N N 240 
PHE CG   C Y N 241 
PHE CD1  C Y N 242 
PHE CD2  C Y N 243 
PHE CE1  C Y N 244 
PHE CE2  C Y N 245 
PHE CZ   C Y N 246 
PHE OXT  O N N 247 
PHE H    H N N 248 
PHE H2   H N N 249 
PHE HA   H N N 250 
PHE HB2  H N N 251 
PHE HB3  H N N 252 
PHE HD1  H N N 253 
PHE HD2  H N N 254 
PHE HE1  H N N 255 
PHE HE2  H N N 256 
PHE HZ   H N N 257 
PHE HXT  H N N 258 
PRO N    N N N 259 
PRO CA   C N S 260 
PRO C    C N N 261 
PRO O    O N N 262 
PRO CB   C N N 263 
PRO CG   C N N 264 
PRO CD   C N N 265 
PRO OXT  O N N 266 
PRO H    H N N 267 
PRO HA   H N N 268 
PRO HB2  H N N 269 
PRO HB3  H N N 270 
PRO HG2  H N N 271 
PRO HG3  H N N 272 
PRO HD2  H N N 273 
PRO HD3  H N N 274 
PRO HXT  H N N 275 
SER N    N N N 276 
SER CA   C N S 277 
SER C    C N N 278 
SER O    O N N 279 
SER CB   C N N 280 
SER OG   O N N 281 
SER OXT  O N N 282 
SER H    H N N 283 
SER H2   H N N 284 
SER HA   H N N 285 
SER HB2  H N N 286 
SER HB3  H N N 287 
SER HG   H N N 288 
SER HXT  H N N 289 
THR N    N N N 290 
THR CA   C N S 291 
THR C    C N N 292 
THR O    O N N 293 
THR CB   C N R 294 
THR OG1  O N N 295 
THR CG2  C N N 296 
THR OXT  O N N 297 
THR H    H N N 298 
THR H2   H N N 299 
THR HA   H N N 300 
THR HB   H N N 301 
THR HG1  H N N 302 
THR HG21 H N N 303 
THR HG22 H N N 304 
THR HG23 H N N 305 
THR HXT  H N N 306 
TRP N    N N N 307 
TRP CA   C N S 308 
TRP C    C N N 309 
TRP O    O N N 310 
TRP CB   C N N 311 
TRP CG   C Y N 312 
TRP CD1  C Y N 313 
TRP CD2  C Y N 314 
TRP NE1  N Y N 315 
TRP CE2  C Y N 316 
TRP CE3  C Y N 317 
TRP CZ2  C Y N 318 
TRP CZ3  C Y N 319 
TRP CH2  C Y N 320 
TRP OXT  O N N 321 
TRP H    H N N 322 
TRP H2   H N N 323 
TRP HA   H N N 324 
TRP HB2  H N N 325 
TRP HB3  H N N 326 
TRP HD1  H N N 327 
TRP HE1  H N N 328 
TRP HE3  H N N 329 
TRP HZ2  H N N 330 
TRP HZ3  H N N 331 
TRP HH2  H N N 332 
TRP HXT  H N N 333 
TYR N    N N N 334 
TYR CA   C N S 335 
TYR C    C N N 336 
TYR O    O N N 337 
TYR CB   C N N 338 
TYR CG   C Y N 339 
TYR CD1  C Y N 340 
TYR CD2  C Y N 341 
TYR CE1  C Y N 342 
TYR CE2  C Y N 343 
TYR CZ   C Y N 344 
TYR OH   O N N 345 
TYR OXT  O N N 346 
TYR H    H N N 347 
TYR H2   H N N 348 
TYR HA   H N N 349 
TYR HB2  H N N 350 
TYR HB3  H N N 351 
TYR HD1  H N N 352 
TYR HD2  H N N 353 
TYR HE1  H N N 354 
TYR HE2  H N N 355 
TYR HH   H N N 356 
TYR HXT  H N N 357 
VAL N    N N N 358 
VAL CA   C N S 359 
VAL C    C N N 360 
VAL O    O N N 361 
VAL CB   C N N 362 
VAL CG1  C N N 363 
VAL CG2  C N N 364 
VAL OXT  O N N 365 
VAL H    H N N 366 
VAL H2   H N N 367 
VAL HA   H N N 368 
VAL HB   H N N 369 
VAL HG11 H N N 370 
VAL HG12 H N N 371 
VAL HG13 H N N 372 
VAL HG21 H N N 373 
VAL HG22 H N N 374 
VAL HG23 H N N 375 
VAL HXT  H N N 376 
# 
loop_
_chem_comp_bond.comp_id 
_chem_comp_bond.atom_id_1 
_chem_comp_bond.atom_id_2 
_chem_comp_bond.value_order 
_chem_comp_bond.pdbx_aromatic_flag 
_chem_comp_bond.pdbx_stereo_config 
_chem_comp_bond.pdbx_ordinal 
ALA N   CA   sing N N 1   
ALA N   H    sing N N 2   
ALA N   H2   sing N N 3   
ALA CA  C    sing N N 4   
ALA CA  CB   sing N N 5   
ALA CA  HA   sing N N 6   
ALA C   O    doub N N 7   
ALA C   OXT  sing N N 8   
ALA CB  HB1  sing N N 9   
ALA CB  HB2  sing N N 10  
ALA CB  HB3  sing N N 11  
ALA OXT HXT  sing N N 12  
ARG N   CA   sing N N 13  
ARG N   H    sing N N 14  
ARG N   H2   sing N N 15  
ARG CA  C    sing N N 16  
ARG CA  CB   sing N N 17  
ARG CA  HA   sing N N 18  
ARG C   O    doub N N 19  
ARG C   OXT  sing N N 20  
ARG CB  CG   sing N N 21  
ARG CB  HB2  sing N N 22  
ARG CB  HB3  sing N N 23  
ARG CG  CD   sing N N 24  
ARG CG  HG2  sing N N 25  
ARG CG  HG3  sing N N 26  
ARG CD  NE   sing N N 27  
ARG CD  HD2  sing N N 28  
ARG CD  HD3  sing N N 29  
ARG NE  CZ   sing N N 30  
ARG NE  HE   sing N N 31  
ARG CZ  NH1  sing N N 32  
ARG CZ  NH2  doub N N 33  
ARG NH1 HH11 sing N N 34  
ARG NH1 HH12 sing N N 35  
ARG NH2 HH21 sing N N 36  
ARG NH2 HH22 sing N N 37  
ARG OXT HXT  sing N N 38  
ASN N   CA   sing N N 39  
ASN N   H    sing N N 40  
ASN N   H2   sing N N 41  
ASN CA  C    sing N N 42  
ASN CA  CB   sing N N 43  
ASN CA  HA   sing N N 44  
ASN C   O    doub N N 45  
ASN C   OXT  sing N N 46  
ASN CB  CG   sing N N 47  
ASN CB  HB2  sing N N 48  
ASN CB  HB3  sing N N 49  
ASN CG  OD1  doub N N 50  
ASN CG  ND2  sing N N 51  
ASN ND2 HD21 sing N N 52  
ASN ND2 HD22 sing N N 53  
ASN OXT HXT  sing N N 54  
ASP N   CA   sing N N 55  
ASP N   H    sing N N 56  
ASP N   H2   sing N N 57  
ASP CA  C    sing N N 58  
ASP CA  CB   sing N N 59  
ASP CA  HA   sing N N 60  
ASP C   O    doub N N 61  
ASP C   OXT  sing N N 62  
ASP CB  CG   sing N N 63  
ASP CB  HB2  sing N N 64  
ASP CB  HB3  sing N N 65  
ASP CG  OD1  doub N N 66  
ASP CG  OD2  sing N N 67  
ASP OD2 HD2  sing N N 68  
ASP OXT HXT  sing N N 69  
GLN N   CA   sing N N 70  
GLN N   H    sing N N 71  
GLN N   H2   sing N N 72  
GLN CA  C    sing N N 73  
GLN CA  CB   sing N N 74  
GLN CA  HA   sing N N 75  
GLN C   O    doub N N 76  
GLN C   OXT  sing N N 77  
GLN CB  CG   sing N N 78  
GLN CB  HB2  sing N N 79  
GLN CB  HB3  sing N N 80  
GLN CG  CD   sing N N 81  
GLN CG  HG2  sing N N 82  
GLN CG  HG3  sing N N 83  
GLN CD  OE1  doub N N 84  
GLN CD  NE2  sing N N 85  
GLN NE2 HE21 sing N N 86  
GLN NE2 HE22 sing N N 87  
GLN OXT HXT  sing N N 88  
GLU N   CA   sing N N 89  
GLU N   H    sing N N 90  
GLU N   H2   sing N N 91  
GLU CA  C    sing N N 92  
GLU CA  CB   sing N N 93  
GLU CA  HA   sing N N 94  
GLU C   O    doub N N 95  
GLU C   OXT  sing N N 96  
GLU CB  CG   sing N N 97  
GLU CB  HB2  sing N N 98  
GLU CB  HB3  sing N N 99  
GLU CG  CD   sing N N 100 
GLU CG  HG2  sing N N 101 
GLU CG  HG3  sing N N 102 
GLU CD  OE1  doub N N 103 
GLU CD  OE2  sing N N 104 
GLU OE2 HE2  sing N N 105 
GLU OXT HXT  sing N N 106 
GLY N   CA   sing N N 107 
GLY N   H    sing N N 108 
GLY N   H2   sing N N 109 
GLY CA  C    sing N N 110 
GLY CA  HA2  sing N N 111 
GLY CA  HA3  sing N N 112 
GLY C   O    doub N N 113 
GLY C   OXT  sing N N 114 
GLY OXT HXT  sing N N 115 
HIS N   CA   sing N N 116 
HIS N   H    sing N N 117 
HIS N   H2   sing N N 118 
HIS CA  C    sing N N 119 
HIS CA  CB   sing N N 120 
HIS CA  HA   sing N N 121 
HIS C   O    doub N N 122 
HIS C   OXT  sing N N 123 
HIS CB  CG   sing N N 124 
HIS CB  HB2  sing N N 125 
HIS CB  HB3  sing N N 126 
HIS CG  ND1  sing Y N 127 
HIS CG  CD2  doub Y N 128 
HIS ND1 CE1  doub Y N 129 
HIS ND1 HD1  sing N N 130 
HIS CD2 NE2  sing Y N 131 
HIS CD2 HD2  sing N N 132 
HIS CE1 NE2  sing Y N 133 
HIS CE1 HE1  sing N N 134 
HIS NE2 HE2  sing N N 135 
HIS OXT HXT  sing N N 136 
HOH O   H1   sing N N 137 
HOH O   H2   sing N N 138 
ILE N   CA   sing N N 139 
ILE N   H    sing N N 140 
ILE N   H2   sing N N 141 
ILE CA  C    sing N N 142 
ILE CA  CB   sing N N 143 
ILE CA  HA   sing N N 144 
ILE C   O    doub N N 145 
ILE C   OXT  sing N N 146 
ILE CB  CG1  sing N N 147 
ILE CB  CG2  sing N N 148 
ILE CB  HB   sing N N 149 
ILE CG1 CD1  sing N N 150 
ILE CG1 HG12 sing N N 151 
ILE CG1 HG13 sing N N 152 
ILE CG2 HG21 sing N N 153 
ILE CG2 HG22 sing N N 154 
ILE CG2 HG23 sing N N 155 
ILE CD1 HD11 sing N N 156 
ILE CD1 HD12 sing N N 157 
ILE CD1 HD13 sing N N 158 
ILE OXT HXT  sing N N 159 
LEU N   CA   sing N N 160 
LEU N   H    sing N N 161 
LEU N   H2   sing N N 162 
LEU CA  C    sing N N 163 
LEU CA  CB   sing N N 164 
LEU CA  HA   sing N N 165 
LEU C   O    doub N N 166 
LEU C   OXT  sing N N 167 
LEU CB  CG   sing N N 168 
LEU CB  HB2  sing N N 169 
LEU CB  HB3  sing N N 170 
LEU CG  CD1  sing N N 171 
LEU CG  CD2  sing N N 172 
LEU CG  HG   sing N N 173 
LEU CD1 HD11 sing N N 174 
LEU CD1 HD12 sing N N 175 
LEU CD1 HD13 sing N N 176 
LEU CD2 HD21 sing N N 177 
LEU CD2 HD22 sing N N 178 
LEU CD2 HD23 sing N N 179 
LEU OXT HXT  sing N N 180 
LYS N   CA   sing N N 181 
LYS N   H    sing N N 182 
LYS N   H2   sing N N 183 
LYS CA  C    sing N N 184 
LYS CA  CB   sing N N 185 
LYS CA  HA   sing N N 186 
LYS C   O    doub N N 187 
LYS C   OXT  sing N N 188 
LYS CB  CG   sing N N 189 
LYS CB  HB2  sing N N 190 
LYS CB  HB3  sing N N 191 
LYS CG  CD   sing N N 192 
LYS CG  HG2  sing N N 193 
LYS CG  HG3  sing N N 194 
LYS CD  CE   sing N N 195 
LYS CD  HD2  sing N N 196 
LYS CD  HD3  sing N N 197 
LYS CE  NZ   sing N N 198 
LYS CE  HE2  sing N N 199 
LYS CE  HE3  sing N N 200 
LYS NZ  HZ1  sing N N 201 
LYS NZ  HZ2  sing N N 202 
LYS NZ  HZ3  sing N N 203 
LYS OXT HXT  sing N N 204 
MET N   CA   sing N N 205 
MET N   H    sing N N 206 
MET N   H2   sing N N 207 
MET CA  C    sing N N 208 
MET CA  CB   sing N N 209 
MET CA  HA   sing N N 210 
MET C   O    doub N N 211 
MET C   OXT  sing N N 212 
MET CB  CG   sing N N 213 
MET CB  HB2  sing N N 214 
MET CB  HB3  sing N N 215 
MET CG  SD   sing N N 216 
MET CG  HG2  sing N N 217 
MET CG  HG3  sing N N 218 
MET SD  CE   sing N N 219 
MET CE  HE1  sing N N 220 
MET CE  HE2  sing N N 221 
MET CE  HE3  sing N N 222 
MET OXT HXT  sing N N 223 
PHE N   CA   sing N N 224 
PHE N   H    sing N N 225 
PHE N   H2   sing N N 226 
PHE CA  C    sing N N 227 
PHE CA  CB   sing N N 228 
PHE CA  HA   sing N N 229 
PHE C   O    doub N N 230 
PHE C   OXT  sing N N 231 
PHE CB  CG   sing N N 232 
PHE CB  HB2  sing N N 233 
PHE CB  HB3  sing N N 234 
PHE CG  CD1  doub Y N 235 
PHE CG  CD2  sing Y N 236 
PHE CD1 CE1  sing Y N 237 
PHE CD1 HD1  sing N N 238 
PHE CD2 CE2  doub Y N 239 
PHE CD2 HD2  sing N N 240 
PHE CE1 CZ   doub Y N 241 
PHE CE1 HE1  sing N N 242 
PHE CE2 CZ   sing Y N 243 
PHE CE2 HE2  sing N N 244 
PHE CZ  HZ   sing N N 245 
PHE OXT HXT  sing N N 246 
PRO N   CA   sing N N 247 
PRO N   CD   sing N N 248 
PRO N   H    sing N N 249 
PRO CA  C    sing N N 250 
PRO CA  CB   sing N N 251 
PRO CA  HA   sing N N 252 
PRO C   O    doub N N 253 
PRO C   OXT  sing N N 254 
PRO CB  CG   sing N N 255 
PRO CB  HB2  sing N N 256 
PRO CB  HB3  sing N N 257 
PRO CG  CD   sing N N 258 
PRO CG  HG2  sing N N 259 
PRO CG  HG3  sing N N 260 
PRO CD  HD2  sing N N 261 
PRO CD  HD3  sing N N 262 
PRO OXT HXT  sing N N 263 
SER N   CA   sing N N 264 
SER N   H    sing N N 265 
SER N   H2   sing N N 266 
SER CA  C    sing N N 267 
SER CA  CB   sing N N 268 
SER CA  HA   sing N N 269 
SER C   O    doub N N 270 
SER C   OXT  sing N N 271 
SER CB  OG   sing N N 272 
SER CB  HB2  sing N N 273 
SER CB  HB3  sing N N 274 
SER OG  HG   sing N N 275 
SER OXT HXT  sing N N 276 
THR N   CA   sing N N 277 
THR N   H    sing N N 278 
THR N   H2   sing N N 279 
THR CA  C    sing N N 280 
THR CA  CB   sing N N 281 
THR CA  HA   sing N N 282 
THR C   O    doub N N 283 
THR C   OXT  sing N N 284 
THR CB  OG1  sing N N 285 
THR CB  CG2  sing N N 286 
THR CB  HB   sing N N 287 
THR OG1 HG1  sing N N 288 
THR CG2 HG21 sing N N 289 
THR CG2 HG22 sing N N 290 
THR CG2 HG23 sing N N 291 
THR OXT HXT  sing N N 292 
TRP N   CA   sing N N 293 
TRP N   H    sing N N 294 
TRP N   H2   sing N N 295 
TRP CA  C    sing N N 296 
TRP CA  CB   sing N N 297 
TRP CA  HA   sing N N 298 
TRP C   O    doub N N 299 
TRP C   OXT  sing N N 300 
TRP CB  CG   sing N N 301 
TRP CB  HB2  sing N N 302 
TRP CB  HB3  sing N N 303 
TRP CG  CD1  doub Y N 304 
TRP CG  CD2  sing Y N 305 
TRP CD1 NE1  sing Y N 306 
TRP CD1 HD1  sing N N 307 
TRP CD2 CE2  doub Y N 308 
TRP CD2 CE3  sing Y N 309 
TRP NE1 CE2  sing Y N 310 
TRP NE1 HE1  sing N N 311 
TRP CE2 CZ2  sing Y N 312 
TRP CE3 CZ3  doub Y N 313 
TRP CE3 HE3  sing N N 314 
TRP CZ2 CH2  doub Y N 315 
TRP CZ2 HZ2  sing N N 316 
TRP CZ3 CH2  sing Y N 317 
TRP CZ3 HZ3  sing N N 318 
TRP CH2 HH2  sing N N 319 
TRP OXT HXT  sing N N 320 
TYR N   CA   sing N N 321 
TYR N   H    sing N N 322 
TYR N   H2   sing N N 323 
TYR CA  C    sing N N 324 
TYR CA  CB   sing N N 325 
TYR CA  HA   sing N N 326 
TYR C   O    doub N N 327 
TYR C   OXT  sing N N 328 
TYR CB  CG   sing N N 329 
TYR CB  HB2  sing N N 330 
TYR CB  HB3  sing N N 331 
TYR CG  CD1  doub Y N 332 
TYR CG  CD2  sing Y N 333 
TYR CD1 CE1  sing Y N 334 
TYR CD1 HD1  sing N N 335 
TYR CD2 CE2  doub Y N 336 
TYR CD2 HD2  sing N N 337 
TYR CE1 CZ   doub Y N 338 
TYR CE1 HE1  sing N N 339 
TYR CE2 CZ   sing Y N 340 
TYR CE2 HE2  sing N N 341 
TYR CZ  OH   sing N N 342 
TYR OH  HH   sing N N 343 
TYR OXT HXT  sing N N 344 
VAL N   CA   sing N N 345 
VAL N   H    sing N N 346 
VAL N   H2   sing N N 347 
VAL CA  C    sing N N 348 
VAL CA  CB   sing N N 349 
VAL CA  HA   sing N N 350 
VAL C   O    doub N N 351 
VAL C   OXT  sing N N 352 
VAL CB  CG1  sing N N 353 
VAL CB  CG2  sing N N 354 
VAL CB  HB   sing N N 355 
VAL CG1 HG11 sing N N 356 
VAL CG1 HG12 sing N N 357 
VAL CG1 HG13 sing N N 358 
VAL CG2 HG21 sing N N 359 
VAL CG2 HG22 sing N N 360 
VAL CG2 HG23 sing N N 361 
VAL OXT HXT  sing N N 362 
# 
_pdbx_entity_nonpoly.entity_id   2 
_pdbx_entity_nonpoly.name        water 
_pdbx_entity_nonpoly.comp_id     HOH 
# 
_pdbx_initial_refinement_model.id               1 
_pdbx_initial_refinement_model.entity_id_list   ? 
_pdbx_initial_refinement_model.type             'experimental model' 
_pdbx_initial_refinement_model.source_name      PDB 
_pdbx_initial_refinement_model.accession_code   4YOM 
_pdbx_initial_refinement_model.details          ? 
# 
